data_2F47
# 
_entry.id   2F47 
# 
_audit_conform.dict_name       mmcif_pdbx.dic 
_audit_conform.dict_version    5.376 
_audit_conform.dict_location   http://mmcif.pdb.org/dictionaries/ascii/mmcif_pdbx.dic 
# 
loop_
_database_2.database_id 
_database_2.database_code 
_database_2.pdbx_database_accession 
_database_2.pdbx_DOI 
PDB   2F47         pdb_00002f47 10.2210/pdb2f47/pdb 
RCSB  RCSB035431   ?            ?                   
WWPDB D_1000035431 ?            ?                   
# 
_pdbx_database_status.status_code                     REL 
_pdbx_database_status.entry_id                        2F47 
_pdbx_database_status.recvd_initial_deposition_date   2005-11-22 
_pdbx_database_status.deposit_site                    RCSB 
_pdbx_database_status.process_site                    RCSB 
_pdbx_database_status.status_code_sf                  REL 
_pdbx_database_status.status_code_mr                  ? 
_pdbx_database_status.SG_entry                        ? 
_pdbx_database_status.pdb_format_compatible           Y 
_pdbx_database_status.status_code_cs                  ? 
_pdbx_database_status.methods_development_category    ? 
_pdbx_database_status.status_code_nmr_data            ? 
# 
loop_
_audit_author.name 
_audit_author.pdbx_ordinal 
'Yousef, M.S.'   1 
'Bischoff, N.'   2 
'Dyer, C.M.'     3 
'Baase, W.A.'    4 
'Matthews, B.W.' 5 
# 
loop_
_citation.id 
_citation.title 
_citation.journal_abbrev 
_citation.journal_volume 
_citation.page_first 
_citation.page_last 
_citation.year 
_citation.journal_id_ASTM 
_citation.country 
_citation.journal_id_ISSN 
_citation.journal_id_CSD 
_citation.book_publisher 
_citation.pdbx_database_id_PubMed 
_citation.pdbx_database_id_DOI 
primary 
'Guanidinium derivatives bind preferentially and trigger long-distance conformational changes in an engineered T4 lysozyme.'      
'Protein Sci.'         15  853   861   2006 PRCIEI US 0961-8368 0795 ? 16600969 10.1110/ps.052020606    
1       'Use of Sequence Duplication to Engineer a Ligand-Triggered, Long-Distance Molecular Switch in T4 Lysozyme.' 
Proc.Natl.Acad.Sci.USA 101 11583 11586 2004 PNASA6 US 0027-8424 0040 ? 15286283 10.1073/pnas.0404482101 
2       
'Structural Characterization of an Engineered Tandem Repeat Contrasts the Importance of Context and Sequence in Protein Folding.' 
Proc.Natl.Acad.Sci.USA 96  6078  6083  1999 PNASA6 US 0027-8424 0040 ? 10339544 10.1073/pnas.96.11.6078 
3       'Long-Distance Conformational Changes in a Protein Engineered by Modulated Sequence Duplication' Proc.Natl.Acad.Sci.USA 
100 9191  9195  2003 PNASA6 US 0027-8424 0040 ? 12869697 10.1073/pnas.1633549100 
# 
loop_
_citation_author.citation_id 
_citation_author.name 
_citation_author.ordinal 
_citation_author.identifier_ORCID 
primary 'Yousef, M.S.'   1  ? 
primary 'Bischoff, N.'   2  ? 
primary 'Dyer, C.M.'     3  ? 
primary 'Baase, W.A.'    4  ? 
primary 'Matthews, B.W.' 5  ? 
1       'Yousef, M.S.'   6  ? 
1       'Baase, W.A.'    7  ? 
1       'Matthews, B.W.' 8  ? 
2       'Sagermann, M.'  9  ? 
2       'Baase, W.A.'    10 ? 
2       'Matthews, B.W.' 11 ? 
3       'Sagermann, M.'  12 ? 
3       'Gay, L.'        13 ? 
3       'Matthews, B.W.' 14 ? 
# 
_cell.entry_id           2F47 
_cell.length_a           60.685 
_cell.length_b           60.685 
_cell.length_c           95.482 
_cell.angle_alpha        90.00 
_cell.angle_beta         90.00 
_cell.angle_gamma        120.00 
_cell.Z_PDB              6 
_cell.pdbx_unique_axis   ? 
_cell.length_a_esd       ? 
_cell.length_b_esd       ? 
_cell.length_c_esd       ? 
_cell.angle_alpha_esd    ? 
_cell.angle_beta_esd     ? 
_cell.angle_gamma_esd    ? 
# 
_symmetry.entry_id                         2F47 
_symmetry.space_group_name_H-M             'P 32 2 1' 
_symmetry.pdbx_full_space_group_name_H-M   ? 
_symmetry.cell_setting                     ? 
_symmetry.Int_Tables_number                154 
_symmetry.space_group_name_Hall            ? 
# 
loop_
_entity.id 
_entity.type 
_entity.src_method 
_entity.pdbx_description 
_entity.formula_weight 
_entity.pdbx_number_of_molecules 
_entity.pdbx_ec 
_entity.pdbx_mutation 
_entity.pdbx_fragment 
_entity.details 
1 polymer     man Lysozyme             19685.541 1   3.2.1.17 'L39I, INS (NAAKSELDKAI -N62), R63A, C65T, C108A' ? ? 
2 non-polymer syn 'CHLORIDE ION'       35.453    1   ?        ?                                                 ? ? 
3 non-polymer syn 1-METHYLGUANIDINE    73.097    1   ?        ?                                                 ? ? 
4 non-polymer syn BETA-MERCAPTOETHANOL 78.133    1   ?        ?                                                 ? ? 
5 water       nat water                18.015    183 ?        ?                                                 ? ? 
# 
_entity_name_com.entity_id   1 
_entity_name_com.name        'Lysis protein, Muramidase, Endolysin' 
# 
_entity_poly.entity_id                      1 
_entity_poly.type                           'polypeptide(L)' 
_entity_poly.nstd_linkage                   no 
_entity_poly.nstd_monomer                   no 
_entity_poly.pdbx_seq_one_letter_code       
;MNIFEMLRIDEGLRLKIYKDTEGYYTIGIGHLLTKSPSINAAKSELDKAINAAKSELDKAIGANTNGVITKDEAEKLFNQ
DVDAAVRGILRNAKLKPVYDSLDAVRRAALINMVFQMGETGVAGFTNSLRMLQQKRWDEAAVNLAKSRWYNQTPNRAKRV
ITTFRTGTWDAYKNL
;
_entity_poly.pdbx_seq_one_letter_code_can   
;MNIFEMLRIDEGLRLKIYKDTEGYYTIGIGHLLTKSPSINAAKSELDKAINAAKSELDKAIGANTNGVITKDEAEKLFNQ
DVDAAVRGILRNAKLKPVYDSLDAVRRAALINMVFQMGETGVAGFTNSLRMLQQKRWDEAAVNLAKSRWYNQTPNRAKRV
ITTFRTGTWDAYKNL
;
_entity_poly.pdbx_strand_id                 A 
_entity_poly.pdbx_target_identifier         ? 
# 
loop_
_entity_poly_seq.entity_id 
_entity_poly_seq.num 
_entity_poly_seq.mon_id 
_entity_poly_seq.hetero 
1 1   MET n 
1 2   ASN n 
1 3   ILE n 
1 4   PHE n 
1 5   GLU n 
1 6   MET n 
1 7   LEU n 
1 8   ARG n 
1 9   ILE n 
1 10  ASP n 
1 11  GLU n 
1 12  GLY n 
1 13  LEU n 
1 14  ARG n 
1 15  LEU n 
1 16  LYS n 
1 17  ILE n 
1 18  TYR n 
1 19  LYS n 
1 20  ASP n 
1 21  THR n 
1 22  GLU n 
1 23  GLY n 
1 24  TYR n 
1 25  TYR n 
1 26  THR n 
1 27  ILE n 
1 28  GLY n 
1 29  ILE n 
1 30  GLY n 
1 31  HIS n 
1 32  LEU n 
1 33  LEU n 
1 34  THR n 
1 35  LYS n 
1 36  SER n 
1 37  PRO n 
1 38  SER n 
1 39  ILE n 
1 40  ASN n 
1 41  ALA n 
1 42  ALA n 
1 43  LYS n 
1 44  SER n 
1 45  GLU n 
1 46  LEU n 
1 47  ASP n 
1 48  LYS n 
1 49  ALA n 
1 50  ILE n 
1 51  ASN n 
1 52  ALA n 
1 53  ALA n 
1 54  LYS n 
1 55  SER n 
1 56  GLU n 
1 57  LEU n 
1 58  ASP n 
1 59  LYS n 
1 60  ALA n 
1 61  ILE n 
1 62  GLY n 
1 63  ALA n 
1 64  ASN n 
1 65  THR n 
1 66  ASN n 
1 67  GLY n 
1 68  VAL n 
1 69  ILE n 
1 70  THR n 
1 71  LYS n 
1 72  ASP n 
1 73  GLU n 
1 74  ALA n 
1 75  GLU n 
1 76  LYS n 
1 77  LEU n 
1 78  PHE n 
1 79  ASN n 
1 80  GLN n 
1 81  ASP n 
1 82  VAL n 
1 83  ASP n 
1 84  ALA n 
1 85  ALA n 
1 86  VAL n 
1 87  ARG n 
1 88  GLY n 
1 89  ILE n 
1 90  LEU n 
1 91  ARG n 
1 92  ASN n 
1 93  ALA n 
1 94  LYS n 
1 95  LEU n 
1 96  LYS n 
1 97  PRO n 
1 98  VAL n 
1 99  TYR n 
1 100 ASP n 
1 101 SER n 
1 102 LEU n 
1 103 ASP n 
1 104 ALA n 
1 105 VAL n 
1 106 ARG n 
1 107 ARG n 
1 108 ALA n 
1 109 ALA n 
1 110 LEU n 
1 111 ILE n 
1 112 ASN n 
1 113 MET n 
1 114 VAL n 
1 115 PHE n 
1 116 GLN n 
1 117 MET n 
1 118 GLY n 
1 119 GLU n 
1 120 THR n 
1 121 GLY n 
1 122 VAL n 
1 123 ALA n 
1 124 GLY n 
1 125 PHE n 
1 126 THR n 
1 127 ASN n 
1 128 SER n 
1 129 LEU n 
1 130 ARG n 
1 131 MET n 
1 132 LEU n 
1 133 GLN n 
1 134 GLN n 
1 135 LYS n 
1 136 ARG n 
1 137 TRP n 
1 138 ASP n 
1 139 GLU n 
1 140 ALA n 
1 141 ALA n 
1 142 VAL n 
1 143 ASN n 
1 144 LEU n 
1 145 ALA n 
1 146 LYS n 
1 147 SER n 
1 148 ARG n 
1 149 TRP n 
1 150 TYR n 
1 151 ASN n 
1 152 GLN n 
1 153 THR n 
1 154 PRO n 
1 155 ASN n 
1 156 ARG n 
1 157 ALA n 
1 158 LYS n 
1 159 ARG n 
1 160 VAL n 
1 161 ILE n 
1 162 THR n 
1 163 THR n 
1 164 PHE n 
1 165 ARG n 
1 166 THR n 
1 167 GLY n 
1 168 THR n 
1 169 TRP n 
1 170 ASP n 
1 171 ALA n 
1 172 TYR n 
1 173 LYS n 
1 174 ASN n 
1 175 LEU n 
# 
_entity_src_gen.entity_id                          1 
_entity_src_gen.pdbx_src_id                        1 
_entity_src_gen.pdbx_alt_source_flag               sample 
_entity_src_gen.pdbx_seq_type                      ? 
_entity_src_gen.pdbx_beg_seq_num                   ? 
_entity_src_gen.pdbx_end_seq_num                   ? 
_entity_src_gen.gene_src_common_name               ? 
_entity_src_gen.gene_src_genus                     'T4-like viruses' 
_entity_src_gen.pdbx_gene_src_gene                 E 
_entity_src_gen.gene_src_species                   'Enterobacteria phage T4 sensu lato' 
_entity_src_gen.gene_src_strain                    ? 
_entity_src_gen.gene_src_tissue                    ? 
_entity_src_gen.gene_src_tissue_fraction           ? 
_entity_src_gen.gene_src_details                   ? 
_entity_src_gen.pdbx_gene_src_fragment             ? 
_entity_src_gen.pdbx_gene_src_scientific_name      'Enterobacteria phage T4' 
_entity_src_gen.pdbx_gene_src_ncbi_taxonomy_id     10665 
_entity_src_gen.pdbx_gene_src_variant              ? 
_entity_src_gen.pdbx_gene_src_cell_line            ? 
_entity_src_gen.pdbx_gene_src_atcc                 ? 
_entity_src_gen.pdbx_gene_src_organ                ? 
_entity_src_gen.pdbx_gene_src_organelle            ? 
_entity_src_gen.pdbx_gene_src_cell                 ? 
_entity_src_gen.pdbx_gene_src_cellular_location    ? 
_entity_src_gen.host_org_common_name               ? 
_entity_src_gen.pdbx_host_org_scientific_name      'Escherichia coli' 
_entity_src_gen.pdbx_host_org_ncbi_taxonomy_id     562 
_entity_src_gen.host_org_genus                     Escherichia 
_entity_src_gen.pdbx_host_org_gene                 ? 
_entity_src_gen.pdbx_host_org_organ                ? 
_entity_src_gen.host_org_species                   ? 
_entity_src_gen.pdbx_host_org_tissue               ? 
_entity_src_gen.pdbx_host_org_tissue_fraction      ? 
_entity_src_gen.pdbx_host_org_strain               ? 
_entity_src_gen.pdbx_host_org_variant              ? 
_entity_src_gen.pdbx_host_org_cell_line            ? 
_entity_src_gen.pdbx_host_org_atcc                 ? 
_entity_src_gen.pdbx_host_org_culture_collection   ? 
_entity_src_gen.pdbx_host_org_cell                 ? 
_entity_src_gen.pdbx_host_org_organelle            ? 
_entity_src_gen.pdbx_host_org_cellular_location    ? 
_entity_src_gen.pdbx_host_org_vector_type          ? 
_entity_src_gen.pdbx_host_org_vector               ? 
_entity_src_gen.host_org_details                   ? 
_entity_src_gen.expression_system_id               ? 
_entity_src_gen.plasmid_name                       ? 
_entity_src_gen.plasmid_details                    ? 
_entity_src_gen.pdbx_description                   ? 
# 
_struct_ref.id                         1 
_struct_ref.db_name                    UNP 
_struct_ref.db_code                    LYS_BPT4 
_struct_ref.pdbx_db_accession          P00720 
_struct_ref.entity_id                  1 
_struct_ref.pdbx_align_begin           1 
_struct_ref.pdbx_db_isoform            ? 
_struct_ref.pdbx_seq_one_letter_code   ? 
# 
_struct_ref_seq.align_id                      1 
_struct_ref_seq.ref_id                        1 
_struct_ref_seq.pdbx_PDB_id_code              2F47 
_struct_ref_seq.pdbx_strand_id                A 
_struct_ref_seq.seq_align_beg                 1 
_struct_ref_seq.pdbx_seq_align_beg_ins_code   ? 
_struct_ref_seq.seq_align_end                 175 
_struct_ref_seq.pdbx_seq_align_end_ins_code   ? 
_struct_ref_seq.pdbx_db_accession             P00720 
_struct_ref_seq.db_align_beg                  1 
_struct_ref_seq.pdbx_db_align_beg_ins_code    ? 
_struct_ref_seq.db_align_end                  164 
_struct_ref_seq.pdbx_db_align_end_ins_code    ? 
_struct_ref_seq.pdbx_auth_seq_align_beg       1 
_struct_ref_seq.pdbx_auth_seq_align_end       175 
# 
loop_
_struct_ref_seq_dif.align_id 
_struct_ref_seq_dif.pdbx_pdb_id_code 
_struct_ref_seq_dif.mon_id 
_struct_ref_seq_dif.pdbx_pdb_strand_id 
_struct_ref_seq_dif.seq_num 
_struct_ref_seq_dif.pdbx_pdb_ins_code 
_struct_ref_seq_dif.pdbx_seq_db_name 
_struct_ref_seq_dif.pdbx_seq_db_accession_code 
_struct_ref_seq_dif.db_mon_id 
_struct_ref_seq_dif.pdbx_seq_db_seq_num 
_struct_ref_seq_dif.details 
_struct_ref_seq_dif.pdbx_auth_seq_num 
_struct_ref_seq_dif.pdbx_ordinal 
1 2F47 ILE A 39  ? UNP P00720 LEU 39 'engineered mutation' 39  1  
1 2F47 ASN A 40  ? UNP P00720 ?   ?  insertion             40  2  
1 2F47 ALA A 41  ? UNP P00720 ?   ?  insertion             41  3  
1 2F47 ALA A 42  ? UNP P00720 ?   ?  insertion             42  4  
1 2F47 LYS A 43  ? UNP P00720 ?   ?  insertion             43  5  
1 2F47 SER A 44  ? UNP P00720 ?   ?  insertion             44  6  
1 2F47 GLU A 45  ? UNP P00720 ?   ?  insertion             45  7  
1 2F47 ASP A 47  ? UNP P00720 ?   ?  insertion             47  8  
1 2F47 LYS A 48  ? UNP P00720 ?   ?  insertion             48  9  
1 2F47 ALA A 49  ? UNP P00720 ?   ?  insertion             49  10 
1 2F47 ILE A 50  ? UNP P00720 ?   ?  insertion             50  11 
1 2F47 ALA A 63  ? UNP P00720 ARG 52 'engineered mutation' 63  12 
1 2F47 THR A 65  ? UNP P00720 CYS 54 'engineered mutation' 65  13 
1 2F47 ALA A 108 ? UNP P00720 CYS 97 'engineered mutation' 108 14 
# 
loop_
_chem_comp.id 
_chem_comp.type 
_chem_comp.mon_nstd_flag 
_chem_comp.name 
_chem_comp.pdbx_synonyms 
_chem_comp.formula 
_chem_comp.formula_weight 
ALA 'L-peptide linking' y ALANINE              ? 'C3 H7 N O2'     89.093  
ARG 'L-peptide linking' y ARGININE             ? 'C6 H15 N4 O2 1' 175.209 
ASN 'L-peptide linking' y ASPARAGINE           ? 'C4 H8 N2 O3'    132.118 
ASP 'L-peptide linking' y 'ASPARTIC ACID'      ? 'C4 H7 N O4'     133.103 
BME non-polymer         . BETA-MERCAPTOETHANOL ? 'C2 H6 O S'      78.133  
CL  non-polymer         . 'CHLORIDE ION'       ? 'Cl -1'          35.453  
CYS 'L-peptide linking' y CYSTEINE             ? 'C3 H7 N O2 S'   121.158 
GLN 'L-peptide linking' y GLUTAMINE            ? 'C5 H10 N2 O3'   146.144 
GLU 'L-peptide linking' y 'GLUTAMIC ACID'      ? 'C5 H9 N O4'     147.129 
GLY 'peptide linking'   y GLYCINE              ? 'C2 H5 N O2'     75.067  
HIS 'L-peptide linking' y HISTIDINE            ? 'C6 H10 N3 O2 1' 156.162 
HOH non-polymer         . WATER                ? 'H2 O'           18.015  
ILE 'L-peptide linking' y ISOLEUCINE           ? 'C6 H13 N O2'    131.173 
LEU 'L-peptide linking' y LEUCINE              ? 'C6 H13 N O2'    131.173 
LYS 'L-peptide linking' y LYSINE               ? 'C6 H15 N2 O2 1' 147.195 
MET 'L-peptide linking' y METHIONINE           ? 'C5 H11 N O2 S'  149.211 
MGX non-polymer         . 1-METHYLGUANIDINE    ? 'C2 H7 N3'       73.097  
PHE 'L-peptide linking' y PHENYLALANINE        ? 'C9 H11 N O2'    165.189 
PRO 'L-peptide linking' y PROLINE              ? 'C5 H9 N O2'     115.130 
SER 'L-peptide linking' y SERINE               ? 'C3 H7 N O3'     105.093 
THR 'L-peptide linking' y THREONINE            ? 'C4 H9 N O3'     119.119 
TRP 'L-peptide linking' y TRYPTOPHAN           ? 'C11 H12 N2 O2'  204.225 
TYR 'L-peptide linking' y TYROSINE             ? 'C9 H11 N O3'    181.189 
VAL 'L-peptide linking' y VALINE               ? 'C5 H11 N O2'    117.146 
# 
_exptl.entry_id          2F47 
_exptl.method            'X-RAY DIFFRACTION' 
_exptl.crystals_number   ? 
# 
_exptl_crystal.id                    1 
_exptl_crystal.density_meas          ? 
_exptl_crystal.density_Matthews      2.64 
_exptl_crystal.density_percent_sol   53.00 
_exptl_crystal.description           ? 
_exptl_crystal.F_000                 ? 
_exptl_crystal.preparation           ? 
# 
_exptl_crystal_grow.crystal_id      1 
_exptl_crystal_grow.method          'VAPOR DIFFUSION, HANGING DROP' 
_exptl_crystal_grow.temp            277 
_exptl_crystal_grow.temp_details    ? 
_exptl_crystal_grow.pH              6.50 
_exptl_crystal_grow.pdbx_details    
'1.8 M MIXED POTASSIUM AND SODIUM PHOSPHATE. 0.2 M GUANIDINIUM CHLORIDE, pH 6.50, VAPOR DIFFUSION, HANGING DROP, temperature 277K' 
_exptl_crystal_grow.pdbx_pH_range   . 
# 
_diffrn.id                     1 
_diffrn.ambient_temp           100.0 
_diffrn.ambient_temp_details   ? 
_diffrn.crystal_id             1 
# 
_diffrn_detector.diffrn_id              1 
_diffrn_detector.detector               CCD 
_diffrn_detector.type                   ? 
_diffrn_detector.pdbx_collection_date   ? 
_diffrn_detector.details                ? 
# 
_diffrn_radiation.diffrn_id                        1 
_diffrn_radiation.wavelength_id                    1 
_diffrn_radiation.pdbx_monochromatic_or_laue_m_l   M 
_diffrn_radiation.monochromator                    ? 
_diffrn_radiation.pdbx_diffrn_protocol             'SINGLE WAVELENGTH' 
_diffrn_radiation.pdbx_scattering_type             x-ray 
# 
_diffrn_radiation_wavelength.id           1 
_diffrn_radiation_wavelength.wavelength   1 
_diffrn_radiation_wavelength.wt           1.0 
# 
_diffrn_source.diffrn_id                   1 
_diffrn_source.source                      SYNCHROTRON 
_diffrn_source.type                        'ALS BEAMLINE 8.2.2' 
_diffrn_source.pdbx_synchrotron_site       ALS 
_diffrn_source.pdbx_synchrotron_beamline   8.2.2 
_diffrn_source.pdbx_wavelength             1 
_diffrn_source.pdbx_wavelength_list        ? 
# 
_reflns.entry_id                     2F47 
_reflns.observed_criterion_sigma_I   ? 
_reflns.observed_criterion_sigma_F   ? 
_reflns.d_resolution_low             30.000 
_reflns.d_resolution_high            1.70 
_reflns.number_obs                   22811 
_reflns.number_all                   ? 
_reflns.percent_possible_obs         99.0 
_reflns.pdbx_Rmerge_I_obs            ? 
_reflns.pdbx_Rsym_value              0.087 
_reflns.pdbx_netI_over_sigmaI        36.0000 
_reflns.B_iso_Wilson_estimate        22.8 
_reflns.pdbx_redundancy              ? 
_reflns.R_free_details               ? 
_reflns.limit_h_max                  ? 
_reflns.limit_h_min                  ? 
_reflns.limit_k_max                  ? 
_reflns.limit_k_min                  ? 
_reflns.limit_l_max                  ? 
_reflns.limit_l_min                  ? 
_reflns.observed_criterion_F_max     ? 
_reflns.observed_criterion_F_min     ? 
_reflns.pdbx_chi_squared             ? 
_reflns.pdbx_scaling_rejects         ? 
_reflns.pdbx_diffrn_id               1 
_reflns.pdbx_ordinal                 1 
# 
_reflns_shell.d_res_high             1.7 
_reflns_shell.d_res_low              1.76 
_reflns_shell.percent_possible_all   100.0 
_reflns_shell.Rmerge_I_obs           ? 
_reflns_shell.pdbx_Rsym_value        0.222 
_reflns_shell.meanI_over_sigI_obs    8.000 
_reflns_shell.pdbx_redundancy        ? 
_reflns_shell.percent_possible_obs   ? 
_reflns_shell.number_unique_all      ? 
_reflns_shell.number_measured_all    ? 
_reflns_shell.number_measured_obs    ? 
_reflns_shell.number_unique_obs      ? 
_reflns_shell.pdbx_chi_squared       ? 
_reflns_shell.pdbx_diffrn_id         ? 
_reflns_shell.pdbx_ordinal           1 
# 
_refine.entry_id                                 2F47 
_refine.ls_number_reflns_obs                     22555 
_refine.ls_number_reflns_all                     ? 
_refine.pdbx_ls_sigma_I                          ? 
_refine.pdbx_ls_sigma_F                          0.0 
_refine.pdbx_data_cutoff_high_absF               750281.6817 
_refine.pdbx_data_cutoff_low_absF                0.000000 
_refine.pdbx_data_cutoff_high_rms_absF           750281.6817 
_refine.ls_d_res_low                             30 
_refine.ls_d_res_high                            1.7 
_refine.ls_percent_reflns_obs                    99.0 
_refine.ls_R_factor_obs                          0.206 
_refine.ls_R_factor_all                          0.21 
_refine.ls_R_factor_R_work                       0.206 
_refine.ls_R_factor_R_free                       0.217 
_refine.ls_R_factor_R_free_error                 0.007 
_refine.ls_R_factor_R_free_error_details         ? 
_refine.ls_percent_reflns_R_free                 5.0 
_refine.ls_number_reflns_R_free                  1097 
_refine.ls_number_parameters                     ? 
_refine.ls_number_restraints                     ? 
_refine.occupancy_min                            ? 
_refine.occupancy_max                            ? 
_refine.correlation_coeff_Fo_to_Fc               ? 
_refine.correlation_coeff_Fo_to_Fc_free          ? 
_refine.B_iso_mean                               25.0 
_refine.aniso_B[1][1]                            -0.08 
_refine.aniso_B[2][2]                            -0.08 
_refine.aniso_B[3][3]                            0.17 
_refine.aniso_B[1][2]                            0.62 
_refine.aniso_B[1][3]                            0.00 
_refine.aniso_B[2][3]                            0.00 
_refine.solvent_model_details                    'FLAT MODEL' 
_refine.solvent_model_param_ksol                 0.397234 
_refine.solvent_model_param_bsol                 44.7917 
_refine.pdbx_solvent_vdw_probe_radii             ? 
_refine.pdbx_solvent_ion_probe_radii             ? 
_refine.pdbx_solvent_shrinkage_radii             ? 
_refine.pdbx_ls_cross_valid_method               THROUGHOUT 
_refine.details                                  ? 
_refine.pdbx_starting_model                      1T8A 
_refine.pdbx_method_to_determine_struct          'MOLECULAR REPLACEMENT' 
_refine.pdbx_isotropic_thermal_model             RESTRAINED 
_refine.pdbx_stereochemistry_target_values       ? 
_refine.pdbx_stereochem_target_val_spec_case     ? 
_refine.pdbx_R_Free_selection_details            RANDOM 
_refine.pdbx_overall_ESU_R                       ? 
_refine.pdbx_overall_ESU_R_Free                  ? 
_refine.overall_SU_ML                            ? 
_refine.overall_SU_B                             ? 
_refine.ls_redundancy_reflns_obs                 ? 
_refine.B_iso_min                                ? 
_refine.B_iso_max                                ? 
_refine.overall_SU_R_Cruickshank_DPI             ? 
_refine.overall_SU_R_free                        ? 
_refine.ls_wR_factor_R_free                      ? 
_refine.ls_wR_factor_R_work                      ? 
_refine.overall_FOM_free_R_set                   ? 
_refine.overall_FOM_work_R_set                   ? 
_refine.pdbx_refine_id                           'X-RAY DIFFRACTION' 
_refine.pdbx_diffrn_id                           1 
_refine.pdbx_TLS_residual_ADP_flag               ? 
_refine.pdbx_overall_phase_error                 ? 
_refine.pdbx_overall_SU_R_free_Cruickshank_DPI   ? 
_refine.pdbx_overall_SU_R_Blow_DPI               ? 
_refine.pdbx_overall_SU_R_free_Blow_DPI          ? 
# 
_refine_analyze.entry_id                        2F47 
_refine_analyze.Luzzati_coordinate_error_obs    0.19 
_refine_analyze.Luzzati_sigma_a_obs             0.06 
_refine_analyze.Luzzati_d_res_low_obs           5.00 
_refine_analyze.Luzzati_coordinate_error_free   0.22 
_refine_analyze.Luzzati_sigma_a_free            0.14 
_refine_analyze.Luzzati_d_res_low_free          ? 
_refine_analyze.number_disordered_residues      ? 
_refine_analyze.occupancy_sum_hydrogen          ? 
_refine_analyze.occupancy_sum_non_hydrogen      ? 
_refine_analyze.pdbx_Luzzati_d_res_high_obs     ? 
_refine_analyze.pdbx_refine_id                  'X-RAY DIFFRACTION' 
# 
_refine_hist.pdbx_refine_id                   'X-RAY DIFFRACTION' 
_refine_hist.cycle_id                         LAST 
_refine_hist.pdbx_number_atoms_protein        1382 
_refine_hist.pdbx_number_atoms_nucleic_acid   0 
_refine_hist.pdbx_number_atoms_ligand         15 
_refine_hist.number_atoms_solvent             183 
_refine_hist.number_atoms_total               1580 
_refine_hist.d_res_high                       1.7 
_refine_hist.d_res_low                        30 
# 
loop_
_refine_ls_restr.type 
_refine_ls_restr.dev_ideal 
_refine_ls_restr.dev_ideal_target 
_refine_ls_restr.weight 
_refine_ls_restr.number 
_refine_ls_restr.pdbx_refine_id 
_refine_ls_restr.pdbx_restraint_function 
c_bond_d                0.011 ?    ? ? 'X-RAY DIFFRACTION' ? 
c_bond_d_na             ?     ?    ? ? 'X-RAY DIFFRACTION' ? 
c_bond_d_prot           ?     ?    ? ? 'X-RAY DIFFRACTION' ? 
c_angle_d               ?     ?    ? ? 'X-RAY DIFFRACTION' ? 
c_angle_d_na            ?     ?    ? ? 'X-RAY DIFFRACTION' ? 
c_angle_d_prot          ?     ?    ? ? 'X-RAY DIFFRACTION' ? 
c_angle_deg             1.4   ?    ? ? 'X-RAY DIFFRACTION' ? 
c_angle_deg_na          ?     ?    ? ? 'X-RAY DIFFRACTION' ? 
c_angle_deg_prot        ?     ?    ? ? 'X-RAY DIFFRACTION' ? 
c_dihedral_angle_d      19.3  ?    ? ? 'X-RAY DIFFRACTION' ? 
c_dihedral_angle_d_na   ?     ?    ? ? 'X-RAY DIFFRACTION' ? 
c_dihedral_angle_d_prot ?     ?    ? ? 'X-RAY DIFFRACTION' ? 
c_improper_angle_d      0.87  ?    ? ? 'X-RAY DIFFRACTION' ? 
c_improper_angle_d_na   ?     ?    ? ? 'X-RAY DIFFRACTION' ? 
c_improper_angle_d_prot ?     ?    ? ? 'X-RAY DIFFRACTION' ? 
c_mcbond_it             1.37  1.50 ? ? 'X-RAY DIFFRACTION' ? 
c_mcangle_it            2.17  2.00 ? ? 'X-RAY DIFFRACTION' ? 
c_scbond_it             2.27  2.00 ? ? 'X-RAY DIFFRACTION' ? 
c_scangle_it            3.44  2.50 ? ? 'X-RAY DIFFRACTION' ? 
# 
_refine_ls_shell.pdbx_total_number_of_bins_used   6 
_refine_ls_shell.d_res_high                       1.7 
_refine_ls_shell.d_res_low                        1.81 
_refine_ls_shell.number_reflns_R_work             3335 
_refine_ls_shell.R_factor_R_work                  0.226 
_refine_ls_shell.percent_reflns_obs               94 
_refine_ls_shell.R_factor_R_free                  0.266 
_refine_ls_shell.R_factor_R_free_error            0.020 
_refine_ls_shell.percent_reflns_R_free            4.9 
_refine_ls_shell.number_reflns_R_free             173 
_refine_ls_shell.number_reflns_all                ? 
_refine_ls_shell.R_factor_all                     ? 
_refine_ls_shell.number_reflns_obs                ? 
_refine_ls_shell.redundancy_reflns_obs            ? 
_refine_ls_shell.pdbx_refine_id                   'X-RAY DIFFRACTION' 
# 
loop_
_pdbx_xplor_file.serial_no 
_pdbx_xplor_file.param_file 
_pdbx_xplor_file.topol_file 
_pdbx_xplor_file.pdbx_refine_id 
1 protein_rep.param protein.top 'X-RAY DIFFRACTION' 
2 water_rep.param   water.top   'X-RAY DIFFRACTION' 
3 mgn.param         mgn.top     'X-RAY DIFFRACTION' 
4 ion.param         ion.top     'X-RAY DIFFRACTION' 
5 BME.param         BME.top     'X-RAY DIFFRACTION' 
# 
_struct.entry_id                  2F47 
_struct.title                     'Xray crystal structure of T4 lysozyme mutant L20/R63A liganded to methylguanidinium' 
_struct.pdbx_model_details        ? 
_struct.pdbx_CASP_flag            ? 
_struct.pdbx_model_type_details   ? 
# 
_struct_keywords.entry_id        2F47 
_struct_keywords.pdbx_keywords   HYDROLASE 
_struct_keywords.text            'MOLECULAR SWITCH, T4 LYSOZYME, NANO-BITECHNOLOGY, PROTEIN ENGINEERING, PROTEIN DESIGN, HYDROLASE' 
# 
loop_
_struct_asym.id 
_struct_asym.pdbx_blank_PDB_chainid_flag 
_struct_asym.pdbx_modified 
_struct_asym.entity_id 
_struct_asym.details 
A N N 1 ? 
B N N 2 ? 
C N N 3 ? 
D N N 4 ? 
E N N 5 ? 
# 
loop_
_struct_conf.conf_type_id 
_struct_conf.id 
_struct_conf.pdbx_PDB_helix_id 
_struct_conf.beg_label_comp_id 
_struct_conf.beg_label_asym_id 
_struct_conf.beg_label_seq_id 
_struct_conf.pdbx_beg_PDB_ins_code 
_struct_conf.end_label_comp_id 
_struct_conf.end_label_asym_id 
_struct_conf.end_label_seq_id 
_struct_conf.pdbx_end_PDB_ins_code 
_struct_conf.beg_auth_comp_id 
_struct_conf.beg_auth_asym_id 
_struct_conf.beg_auth_seq_id 
_struct_conf.end_auth_comp_id 
_struct_conf.end_auth_asym_id 
_struct_conf.end_auth_seq_id 
_struct_conf.pdbx_PDB_helix_class 
_struct_conf.details 
_struct_conf.pdbx_PDB_helix_length 
HELX_P HELX_P1  1  ASN A 2   ? GLY A 12  ? ASN A 2   GLY A 12  1 ? 11 
HELX_P HELX_P2  2  ALA A 42  ? GLY A 62  ? ALA A 42  GLY A 62  1 ? 21 
HELX_P HELX_P3  3  THR A 70  ? ASN A 92  ? THR A 70  ASN A 92  1 ? 23 
HELX_P HELX_P4  4  LYS A 94  ? LEU A 102 ? LYS A 94  LEU A 102 1 ? 9  
HELX_P HELX_P5  5  ASP A 103 ? GLY A 118 ? ASP A 103 GLY A 118 1 ? 16 
HELX_P HELX_P6  6  GLY A 118 ? GLY A 124 ? GLY A 118 GLY A 124 1 ? 7  
HELX_P HELX_P7  7  PHE A 125 ? GLN A 134 ? PHE A 125 GLN A 134 1 ? 10 
HELX_P HELX_P8  8  ARG A 136 ? ALA A 145 ? ARG A 136 ALA A 145 1 ? 10 
HELX_P HELX_P9  9  SER A 147 ? THR A 153 ? SER A 147 THR A 153 1 ? 7  
HELX_P HELX_P10 10 THR A 153 ? GLY A 167 ? THR A 153 GLY A 167 1 ? 15 
HELX_P HELX_P11 11 TRP A 169 ? LYS A 173 ? TRP A 169 LYS A 173 5 ? 5  
# 
_struct_conf_type.id          HELX_P 
_struct_conf_type.criteria    ? 
_struct_conf_type.reference   ? 
# 
_struct_sheet.id               A 
_struct_sheet.type             ? 
_struct_sheet.number_strands   3 
_struct_sheet.details          ? 
# 
loop_
_struct_sheet_order.sheet_id 
_struct_sheet_order.range_id_1 
_struct_sheet_order.range_id_2 
_struct_sheet_order.offset 
_struct_sheet_order.sense 
A 1 2 ? anti-parallel 
A 2 3 ? anti-parallel 
# 
loop_
_struct_sheet_range.sheet_id 
_struct_sheet_range.id 
_struct_sheet_range.beg_label_comp_id 
_struct_sheet_range.beg_label_asym_id 
_struct_sheet_range.beg_label_seq_id 
_struct_sheet_range.pdbx_beg_PDB_ins_code 
_struct_sheet_range.end_label_comp_id 
_struct_sheet_range.end_label_asym_id 
_struct_sheet_range.end_label_seq_id 
_struct_sheet_range.pdbx_end_PDB_ins_code 
_struct_sheet_range.beg_auth_comp_id 
_struct_sheet_range.beg_auth_asym_id 
_struct_sheet_range.beg_auth_seq_id 
_struct_sheet_range.end_auth_comp_id 
_struct_sheet_range.end_auth_asym_id 
_struct_sheet_range.end_auth_seq_id 
A 1 ARG A 14 ? LYS A 19 ? ARG A 14 LYS A 19 
A 2 TYR A 24 ? GLY A 28 ? TYR A 24 GLY A 28 
A 3 HIS A 31 ? LYS A 35 ? HIS A 31 LYS A 35 
# 
loop_
_pdbx_struct_sheet_hbond.sheet_id 
_pdbx_struct_sheet_hbond.range_id_1 
_pdbx_struct_sheet_hbond.range_id_2 
_pdbx_struct_sheet_hbond.range_1_label_atom_id 
_pdbx_struct_sheet_hbond.range_1_label_comp_id 
_pdbx_struct_sheet_hbond.range_1_label_asym_id 
_pdbx_struct_sheet_hbond.range_1_label_seq_id 
_pdbx_struct_sheet_hbond.range_1_PDB_ins_code 
_pdbx_struct_sheet_hbond.range_1_auth_atom_id 
_pdbx_struct_sheet_hbond.range_1_auth_comp_id 
_pdbx_struct_sheet_hbond.range_1_auth_asym_id 
_pdbx_struct_sheet_hbond.range_1_auth_seq_id 
_pdbx_struct_sheet_hbond.range_2_label_atom_id 
_pdbx_struct_sheet_hbond.range_2_label_comp_id 
_pdbx_struct_sheet_hbond.range_2_label_asym_id 
_pdbx_struct_sheet_hbond.range_2_label_seq_id 
_pdbx_struct_sheet_hbond.range_2_PDB_ins_code 
_pdbx_struct_sheet_hbond.range_2_auth_atom_id 
_pdbx_struct_sheet_hbond.range_2_auth_comp_id 
_pdbx_struct_sheet_hbond.range_2_auth_asym_id 
_pdbx_struct_sheet_hbond.range_2_auth_seq_id 
A 1 2 N TYR A 18 ? N TYR A 18 O THR A 26 ? O THR A 26 
A 2 3 N TYR A 25 ? N TYR A 25 O THR A 34 ? O THR A 34 
# 
loop_
_struct_site.id 
_struct_site.pdbx_evidence_code 
_struct_site.pdbx_auth_asym_id 
_struct_site.pdbx_auth_comp_id 
_struct_site.pdbx_auth_seq_id 
_struct_site.pdbx_auth_ins_code 
_struct_site.pdbx_num_residues 
_struct_site.details 
AC1 Software A CL  600 ? 3 'BINDING SITE FOR RESIDUE CL A 600'  
AC2 Software A MGX 300 ? 6 'BINDING SITE FOR RESIDUE MGX A 300' 
AC3 Software A BME 901 ? 2 'BINDING SITE FOR RESIDUE BME A 901' 
# 
loop_
_struct_site_gen.id 
_struct_site_gen.site_id 
_struct_site_gen.pdbx_num_res 
_struct_site_gen.label_comp_id 
_struct_site_gen.label_asym_id 
_struct_site_gen.label_seq_id 
_struct_site_gen.pdbx_auth_ins_code 
_struct_site_gen.auth_comp_id 
_struct_site_gen.auth_asym_id 
_struct_site_gen.auth_seq_id 
_struct_site_gen.label_atom_id 
_struct_site_gen.label_alt_id 
_struct_site_gen.symmetry 
_struct_site_gen.details 
1  AC1 3 HIS A 31  ? HIS A 31   . ? 1_555 ? 
2  AC1 3 LYS A 146 ? LYS A 146  . ? 2_544 ? 
3  AC1 3 HOH E .   ? HOH A 918  . ? 1_555 ? 
4  AC2 6 ALA A 63  ? ALA A 63   . ? 1_555 ? 
5  AC2 6 ASN A 64  ? ASN A 64   . ? 1_555 ? 
6  AC2 6 VAL A 68  ? VAL A 68   . ? 1_555 ? 
7  AC2 6 GLU A 73  ? GLU A 73   . ? 1_555 ? 
8  AC2 6 HOH E .   ? HOH A 971  . ? 1_555 ? 
9  AC2 6 HOH E .   ? HOH A 1083 . ? 1_555 ? 
10 AC3 2 ALA A 104 ? ALA A 104  . ? 4_644 ? 
11 AC3 2 ILE A 111 ? ILE A 111  . ? 4_644 ? 
# 
_atom_sites.entry_id                    2F47 
_atom_sites.fract_transf_matrix[1][1]   -0.00027022 
_atom_sites.fract_transf_matrix[1][2]   0.00595929 
_atom_sites.fract_transf_matrix[1][3]   0.01805956 
_atom_sites.fract_transf_matrix[2][1]   -0.01585965 
_atom_sites.fract_transf_matrix[2][2]   0.00755942 
_atom_sites.fract_transf_matrix[2][3]   0.00728347 
_atom_sites.fract_transf_matrix[3][1]   -0.00311720 
_atom_sites.fract_transf_matrix[3][2]   -0.00952248 
_atom_sites.fract_transf_matrix[3][3]   0.00309558 
_atom_sites.fract_transf_vector[1]      0.290509 
_atom_sites.fract_transf_vector[2]      -0.454928 
_atom_sites.fract_transf_vector[3]      -0.440903 
# 
loop_
_atom_type.symbol 
C  
CL 
N  
O  
S  
# 
loop_
_atom_site.group_PDB 
_atom_site.id 
_atom_site.type_symbol 
_atom_site.label_atom_id 
_atom_site.label_alt_id 
_atom_site.label_comp_id 
_atom_site.label_asym_id 
_atom_site.label_entity_id 
_atom_site.label_seq_id 
_atom_site.pdbx_PDB_ins_code 
_atom_site.Cartn_x 
_atom_site.Cartn_y 
_atom_site.Cartn_z 
_atom_site.occupancy 
_atom_site.B_iso_or_equiv 
_atom_site.pdbx_formal_charge 
_atom_site.auth_seq_id 
_atom_site.auth_comp_id 
_atom_site.auth_asym_id 
_atom_site.auth_atom_id 
_atom_site.pdbx_PDB_model_num 
ATOM   1    N  N   . MET A 1 1   ? 17.313  -6.303  2.717   1.00 13.75 ? 1    MET A N   1 
ATOM   2    C  CA  . MET A 1 1   ? 15.872  -5.950  2.554   1.00 13.33 ? 1    MET A CA  1 
ATOM   3    C  C   . MET A 1 1   ? 15.473  -4.899  3.585   1.00 12.84 ? 1    MET A C   1 
ATOM   4    O  O   . MET A 1 1   ? 16.008  -4.845  4.690   1.00 11.60 ? 1    MET A O   1 
ATOM   5    C  CB  . MET A 1 1   ? 15.019  -7.210  2.730   1.00 15.49 ? 1    MET A CB  1 
ATOM   6    C  CG  . MET A 1 1   ? 13.535  -7.058  2.408   1.00 17.13 ? 1    MET A CG  1 
ATOM   7    S  SD  . MET A 1 1   ? 13.108  -6.515  0.732   1.00 19.14 ? 1    MET A SD  1 
ATOM   8    C  CE  . MET A 1 1   ? 14.202  -7.486  -0.129  1.00 14.89 ? 1    MET A CE  1 
ATOM   9    N  N   . ASN A 1 2   ? 14.529  -4.040  3.221   1.00 14.06 ? 2    ASN A N   1 
ATOM   10   C  CA  . ASN A 1 2   ? 14.029  -2.989  4.110   1.00 13.86 ? 2    ASN A CA  1 
ATOM   11   C  C   . ASN A 1 2   ? 12.693  -2.580  3.537   1.00 14.82 ? 2    ASN A C   1 
ATOM   12   O  O   . ASN A 1 2   ? 12.305  -3.086  2.468   1.00 14.25 ? 2    ASN A O   1 
ATOM   13   C  CB  . ASN A 1 2   ? 15.000  -1.805  4.200   1.00 14.48 ? 2    ASN A CB  1 
ATOM   14   C  CG  . ASN A 1 2   ? 15.297  -1.195  2.873   1.00 15.43 ? 2    ASN A CG  1 
ATOM   15   O  OD1 . ASN A 1 2   ? 14.388  -0.755  2.172   1.00 15.33 ? 2    ASN A OD1 1 
ATOM   16   N  ND2 . ASN A 1 2   ? 16.579  -1.158  2.511   1.00 15.03 ? 2    ASN A ND2 1 
ATOM   17   N  N   . ILE A 1 3   ? 11.979  -1.707  4.241   1.00 14.34 ? 3    ILE A N   1 
ATOM   18   C  CA  . ILE A 1 3   ? 10.632  -1.323  3.810   1.00 13.23 ? 3    ILE A CA  1 
ATOM   19   C  C   . ILE A 1 3   ? 10.577  -0.757  2.392   1.00 12.91 ? 3    ILE A C   1 
ATOM   20   O  O   . ILE A 1 3   ? 9.630   -1.026  1.656   1.00 12.51 ? 3    ILE A O   1 
ATOM   21   C  CB  . ILE A 1 3   ? 9.963   -0.341  4.843   1.00 13.55 ? 3    ILE A CB  1 
ATOM   22   C  CG1 . ILE A 1 3   ? 8.541   0.019   4.409   1.00 13.59 ? 3    ILE A CG1 1 
ATOM   23   C  CG2 . ILE A 1 3   ? 10.776  0.936   4.942   1.00 15.09 ? 3    ILE A CG2 1 
ATOM   24   C  CD1 . ILE A 1 3   ? 7.626   -1.210  4.219   1.00 15.59 ? 3    ILE A CD1 1 
ATOM   25   N  N   . PHE A 1 4   ? 11.584  0.005   1.991   1.00 12.72 ? 4    PHE A N   1 
ATOM   26   C  CA  . PHE A 1 4   ? 11.568  0.541   0.622   1.00 12.51 ? 4    PHE A CA  1 
ATOM   27   C  C   . PHE A 1 4   ? 11.719  -0.570  -0.398  1.00 12.40 ? 4    PHE A C   1 
ATOM   28   O  O   . PHE A 1 4   ? 10.958  -0.634  -1.365  1.00 14.02 ? 4    PHE A O   1 
ATOM   29   C  CB  . PHE A 1 4   ? 12.672  1.578   0.419   1.00 14.00 ? 4    PHE A CB  1 
ATOM   30   C  CG  . PHE A 1 4   ? 12.377  2.872   1.110   1.00 13.10 ? 4    PHE A CG  1 
ATOM   31   C  CD1 . PHE A 1 4   ? 11.675  3.884   0.462   1.00 14.77 ? 4    PHE A CD1 1 
ATOM   32   C  CD2 . PHE A 1 4   ? 12.759  3.058   2.438   1.00 15.94 ? 4    PHE A CD2 1 
ATOM   33   C  CE1 . PHE A 1 4   ? 11.362  5.070   1.142   1.00 15.94 ? 4    PHE A CE1 1 
ATOM   34   C  CE2 . PHE A 1 4   ? 12.443  4.243   3.114   1.00 14.91 ? 4    PHE A CE2 1 
ATOM   35   C  CZ  . PHE A 1 4   ? 11.763  5.221   2.482   1.00 14.73 ? 4    PHE A CZ  1 
ATOM   36   N  N   . GLU A 1 5   ? 12.689  -1.463  -0.199  1.00 13.68 ? 5    GLU A N   1 
ATOM   37   C  CA  . GLU A 1 5   ? 12.880  -2.535  -1.174  1.00 13.47 ? 5    GLU A CA  1 
ATOM   38   C  C   . GLU A 1 5   ? 11.650  -3.456  -1.195  1.00 13.56 ? 5    GLU A C   1 
ATOM   39   O  O   . GLU A 1 5   ? 11.258  -3.983  -2.234  1.00 13.88 ? 5    GLU A O   1 
ATOM   40   C  CB  . GLU A 1 5   ? 14.126  -3.348  -0.809  1.00 14.55 ? 5    GLU A CB  1 
ATOM   41   C  CG  . GLU A 1 5   ? 15.406  -2.590  -1.031  1.00 17.44 ? 5    GLU A CG  1 
ATOM   42   C  CD  . GLU A 1 5   ? 16.630  -3.423  -0.747  1.00 21.05 ? 5    GLU A CD  1 
ATOM   43   O  OE1 . GLU A 1 5   ? 16.498  -4.679  -0.715  1.00 23.97 ? 5    GLU A OE1 1 
ATOM   44   O  OE2 . GLU A 1 5   ? 17.719  -2.825  -0.580  1.00 24.11 ? 5    GLU A OE2 1 
ATOM   45   N  N   . MET A 1 6   ? 11.039  -3.642  -0.032  1.00 12.39 ? 6    MET A N   1 
ATOM   46   C  CA  . MET A 1 6   ? 9.889   -4.532  0.075   1.00 13.18 ? 6    MET A CA  1 
ATOM   47   C  C   . MET A 1 6   ? 8.708   -3.955  -0.715  1.00 12.40 ? 6    MET A C   1 
ATOM   48   O  O   . MET A 1 6   ? 8.058   -4.647  -1.516  1.00 12.45 ? 6    MET A O   1 
ATOM   49   C  CB  . MET A 1 6   ? 9.506   -4.684  1.547   1.00 13.02 ? 6    MET A CB  1 
ATOM   50   C  CG  . MET A 1 6   ? 8.315   -5.616  1.805   1.00 12.59 ? 6    MET A CG  1 
ATOM   51   S  SD  . MET A 1 6   ? 7.651   -5.235  3.436   1.00 13.39 ? 6    MET A SD  1 
ATOM   52   C  CE  . MET A 1 6   ? 6.952   -6.843  3.877   1.00 12.00 ? 6    MET A CE  1 
ATOM   53   N  N   . LEU A 1 7   ? 8.418   -2.674  -0.493  1.00 12.66 ? 7    LEU A N   1 
ATOM   54   C  CA  . LEU A 1 7   ? 7.302   -2.055  -1.209  1.00 13.20 ? 7    LEU A CA  1 
ATOM   55   C  C   . LEU A 1 7   ? 7.590   -1.876  -2.694  1.00 13.67 ? 7    LEU A C   1 
ATOM   56   O  O   . LEU A 1 7   ? 6.666   -1.906  -3.518  1.00 14.45 ? 7    LEU A O   1 
ATOM   57   C  CB  . LEU A 1 7   ? 6.948   -0.694  -0.572  1.00 13.97 ? 7    LEU A CB  1 
ATOM   58   C  CG  . LEU A 1 7   ? 5.984   -0.874  0.621   1.00 12.50 ? 7    LEU A CG  1 
ATOM   59   C  CD1 . LEU A 1 7   ? 5.917   0.421   1.449   1.00 15.34 ? 7    LEU A CD1 1 
ATOM   60   C  CD2 . LEU A 1 7   ? 4.574   -1.279  0.158   1.00 12.54 ? 7    LEU A CD2 1 
ATOM   61   N  N   . ARG A 1 8   ? 8.857   -1.700  -3.050  1.00 14.64 ? 8    ARG A N   1 
ATOM   62   C  CA  . ARG A 1 8   ? 9.180   -1.581  -4.479  1.00 14.09 ? 8    ARG A CA  1 
ATOM   63   C  C   . ARG A 1 8   ? 8.838   -2.912  -5.142  1.00 15.51 ? 8    ARG A C   1 
ATOM   64   O  O   . ARG A 1 8   ? 8.350   -2.952  -6.267  1.00 15.42 ? 8    ARG A O   1 
ATOM   65   C  CB  . ARG A 1 8   ? 10.672  -1.256  -4.663  1.00 15.98 ? 8    ARG A CB  1 
ATOM   66   C  CG  . ARG A 1 8   ? 11.153  -1.397  -6.096  1.00 16.10 ? 8    ARG A CG  1 
ATOM   67   C  CD  . ARG A 1 8   ? 10.529  -0.333  -7.034  1.00 17.18 ? 8    ARG A CD  1 
ATOM   68   N  NE  . ARG A 1 8   ? 11.065  -0.521  -8.381  1.00 20.61 ? 8    ARG A NE  1 
ATOM   69   C  CZ  . ARG A 1 8   ? 10.699  -1.499  -9.196  1.00 20.99 ? 8    ARG A CZ  1 
ATOM   70   N  NH1 . ARG A 1 8   ? 9.773   -2.376  -8.823  1.00 21.62 ? 8    ARG A NH1 1 
ATOM   71   N  NH2 . ARG A 1 8   ? 11.297  -1.631  -10.381 1.00 22.07 ? 8    ARG A NH2 1 
ATOM   72   N  N   . ILE A 1 9   ? 9.086   -4.019  -4.445  1.00 14.13 ? 9    ILE A N   1 
ATOM   73   C  CA  . ILE A 1 9   ? 8.739   -5.309  -5.036  1.00 15.28 ? 9    ILE A CA  1 
ATOM   74   C  C   . ILE A 1 9   ? 7.218   -5.464  -5.166  1.00 14.92 ? 9    ILE A C   1 
ATOM   75   O  O   . ILE A 1 9   ? 6.695   -5.885  -6.226  1.00 16.65 ? 9    ILE A O   1 
ATOM   76   C  CB  . ILE A 1 9   ? 9.292   -6.478  -4.161  1.00 15.29 ? 9    ILE A CB  1 
ATOM   77   C  CG1 . ILE A 1 9   ? 10.792  -6.638  -4.423  1.00 16.45 ? 9    ILE A CG1 1 
ATOM   78   C  CG2 . ILE A 1 9   ? 8.541   -7.794  -4.458  1.00 15.71 ? 9    ILE A CG2 1 
ATOM   79   C  CD1 . ILE A 1 9   ? 11.523  -7.396  -3.315  1.00 16.05 ? 9    ILE A CD1 1 
ATOM   80   N  N   . ASP A 1 10  ? 6.493   -5.117  -4.105  1.00 14.00 ? 10   ASP A N   1 
ATOM   81   C  CA  . ASP A 1 10  ? 5.049   -5.297  -4.108  1.00 13.25 ? 10   ASP A CA  1 
ATOM   82   C  C   . ASP A 1 10  ? 4.277   -4.326  -4.990  1.00 15.08 ? 10   ASP A C   1 
ATOM   83   O  O   . ASP A 1 10  ? 3.206   -4.688  -5.535  1.00 16.67 ? 10   ASP A O   1 
ATOM   84   C  CB  . ASP A 1 10  ? 4.463   -5.216  -2.678  1.00 14.23 ? 10   ASP A CB  1 
ATOM   85   C  CG  . ASP A 1 10  ? 4.837   -6.425  -1.832  1.00 14.06 ? 10   ASP A CG  1 
ATOM   86   O  OD1 . ASP A 1 10  ? 5.036   -7.522  -2.429  1.00 14.79 ? 10   ASP A OD1 1 
ATOM   87   O  OD2 . ASP A 1 10  ? 4.911   -6.286  -0.581  1.00 14.46 ? 10   ASP A OD2 1 
ATOM   88   N  N   . GLU A 1 11  ? 4.801   -3.110  -5.147  1.00 14.36 ? 11   GLU A N   1 
ATOM   89   C  CA  . GLU A 1 11  ? 4.087   -2.101  -5.936  1.00 15.03 ? 11   GLU A CA  1 
ATOM   90   C  C   . GLU A 1 11  ? 4.559   -1.961  -7.374  1.00 16.23 ? 11   GLU A C   1 
ATOM   91   O  O   . GLU A 1 11  ? 3.786   -1.482  -8.225  1.00 18.60 ? 11   GLU A O   1 
ATOM   92   C  CB  . GLU A 1 11  ? 4.189   -0.726  -5.240  1.00 14.46 ? 11   GLU A CB  1 
ATOM   93   C  CG  . GLU A 1 11  ? 3.598   -0.721  -3.839  1.00 16.26 ? 11   GLU A CG  1 
ATOM   94   C  CD  . GLU A 1 11  ? 2.093   -0.761  -3.795  1.00 20.29 ? 11   GLU A CD  1 
ATOM   95   O  OE1 . GLU A 1 11  ? 1.431   -0.777  -4.867  1.00 19.88 ? 11   GLU A OE1 1 
ATOM   96   O  OE2 . GLU A 1 11  ? 1.551   -0.768  -2.671  1.00 21.13 ? 11   GLU A OE2 1 
ATOM   97   N  N   . GLY A 1 12  ? 5.781   -2.386  -7.652  1.00 16.18 ? 12   GLY A N   1 
ATOM   98   C  CA  . GLY A 1 12  ? 6.323   -2.252  -8.997  1.00 17.50 ? 12   GLY A CA  1 
ATOM   99   C  C   . GLY A 1 12  ? 6.647   -0.798  -9.279  1.00 18.11 ? 12   GLY A C   1 
ATOM   100  O  O   . GLY A 1 12  ? 6.600   0.054   -8.375  1.00 16.87 ? 12   GLY A O   1 
ATOM   101  N  N   . LEU A 1 13  ? 6.971   -0.492  -10.530 1.00 18.69 ? 13   LEU A N   1 
ATOM   102  C  CA  . LEU A 1 13  ? 7.310   0.872   -10.879 1.00 16.93 ? 13   LEU A CA  1 
ATOM   103  C  C   . LEU A 1 13  ? 6.745   1.122   -12.271 1.00 17.92 ? 13   LEU A C   1 
ATOM   104  O  O   . LEU A 1 13  ? 7.153   0.473   -13.233 1.00 19.03 ? 13   LEU A O   1 
ATOM   105  C  CB  . LEU A 1 13  ? 8.830   1.045   -10.893 1.00 19.86 ? 13   LEU A CB  1 
ATOM   106  C  CG  . LEU A 1 13  ? 9.323   2.343   -11.555 1.00 19.96 ? 13   LEU A CG  1 
ATOM   107  C  CD1 . LEU A 1 13  ? 8.919   3.551   -10.691 1.00 19.83 ? 13   LEU A CD1 1 
ATOM   108  C  CD2 . LEU A 1 13  ? 10.838  2.295   -11.680 1.00 22.89 ? 13   LEU A CD2 1 
ATOM   109  N  N   . ARG A 1 14  ? 5.791   2.040   -12.374 1.00 18.86 ? 14   ARG A N   1 
ATOM   110  C  CA  . ARG A 1 14  ? 5.183   2.328   -13.674 1.00 20.55 ? 14   ARG A CA  1 
ATOM   111  C  C   . ARG A 1 14  ? 5.209   3.836   -13.841 1.00 20.44 ? 14   ARG A C   1 
ATOM   112  O  O   . ARG A 1 14  ? 4.811   4.579   -12.945 1.00 19.75 ? 14   ARG A O   1 
ATOM   113  C  CB  . ARG A 1 14  ? 3.778   1.743   -13.722 1.00 24.02 ? 14   ARG A CB  1 
ATOM   114  C  CG  . ARG A 1 14  ? 3.835   0.197   -13.547 1.00 27.51 ? 14   ARG A CG  1 
ATOM   115  C  CD  . ARG A 1 14  ? 2.554   -0.515  -13.945 1.00 32.60 ? 14   ARG A CD  1 
ATOM   116  N  NE  . ARG A 1 14  ? 2.210   -0.255  -15.336 1.00 33.52 ? 14   ARG A NE  1 
ATOM   117  C  CZ  . ARG A 1 14  ? 1.058   -0.607  -15.907 1.00 36.21 ? 14   ARG A CZ  1 
ATOM   118  N  NH1 . ARG A 1 14  ? 0.120   -1.237  -15.206 1.00 35.27 ? 14   ARG A NH1 1 
ATOM   119  N  NH2 . ARG A 1 14  ? 0.842   -0.317  -17.188 1.00 37.13 ? 14   ARG A NH2 1 
ATOM   120  N  N   . LEU A 1 15  ? 5.722   4.279   -14.988 1.00 20.79 ? 15   LEU A N   1 
ATOM   121  C  CA  . LEU A 1 15  ? 5.892   5.698   -15.230 1.00 21.05 ? 15   LEU A CA  1 
ATOM   122  C  C   . LEU A 1 15  ? 4.728   6.422   -15.864 1.00 21.96 ? 15   LEU A C   1 
ATOM   123  O  O   . LEU A 1 15  ? 4.793   7.642   -16.040 1.00 23.06 ? 15   LEU A O   1 
ATOM   124  C  CB  . LEU A 1 15  ? 7.190   5.934   -16.027 1.00 21.56 ? 15   LEU A CB  1 
ATOM   125  C  CG  . LEU A 1 15  ? 8.426   5.317   -15.357 1.00 22.79 ? 15   LEU A CG  1 
ATOM   126  C  CD1 . LEU A 1 15  ? 9.655   5.642   -16.203 1.00 24.86 ? 15   LEU A CD1 1 
ATOM   127  C  CD2 . LEU A 1 15  ? 8.610   5.845   -13.932 1.00 20.95 ? 15   LEU A CD2 1 
ATOM   128  N  N   . LYS A 1 16  ? 3.654   5.690   -16.157 1.00 22.40 ? 16   LYS A N   1 
ATOM   129  C  CA  . LYS A 1 16  ? 2.441   6.284   -16.717 1.00 23.41 ? 16   LYS A CA  1 
ATOM   130  C  C   . LYS A 1 16  ? 1.239   5.872   -15.871 1.00 22.68 ? 16   LYS A C   1 
ATOM   131  O  O   . LYS A 1 16  ? 1.232   4.818   -15.263 1.00 22.24 ? 16   LYS A O   1 
ATOM   132  C  CB  . LYS A 1 16  ? 2.229   5.828   -18.167 1.00 26.66 ? 16   LYS A CB  1 
ATOM   133  C  CG  . LYS A 1 16  ? 0.941   6.377   -18.766 1.00 32.34 ? 16   LYS A CG  1 
ATOM   134  C  CD  . LYS A 1 16  ? 1.045   7.875   -19.082 1.00 36.41 ? 16   LYS A CD  1 
ATOM   135  C  CE  . LYS A 1 16  ? -0.334  8.526   -19.245 1.00 38.59 ? 16   LYS A CE  1 
ATOM   136  N  NZ  . LYS A 1 16  ? -0.250  9.828   -20.009 1.00 42.65 ? 16   LYS A NZ  1 
ATOM   137  N  N   . ILE A 1 17  ? 0.221   6.716   -15.808 1.00 21.33 ? 17   ILE A N   1 
ATOM   138  C  CA  . ILE A 1 17  ? -0.958  6.402   -15.036 1.00 21.22 ? 17   ILE A CA  1 
ATOM   139  C  C   . ILE A 1 17  ? -1.577  5.079   -15.465 1.00 22.80 ? 17   ILE A C   1 
ATOM   140  O  O   . ILE A 1 17  ? -1.686  4.814   -16.666 1.00 23.04 ? 17   ILE A O   1 
ATOM   141  C  CB  . ILE A 1 17  ? -2.032  7.510   -15.189 1.00 19.99 ? 17   ILE A CB  1 
ATOM   142  C  CG1 . ILE A 1 17  ? -1.482  8.817   -14.647 1.00 19.43 ? 17   ILE A CG1 1 
ATOM   143  C  CG2 . ILE A 1 17  ? -3.299  7.144   -14.421 1.00 21.07 ? 17   ILE A CG2 1 
ATOM   144  C  CD1 . ILE A 1 17  ? -2.507  9.973   -14.749 1.00 20.93 ? 17   ILE A CD1 1 
ATOM   145  N  N   . TYR A 1 18  ? -1.949  4.252   -14.486 1.00 23.78 ? 18   TYR A N   1 
ATOM   146  C  CA  . TYR A 1 18  ? -2.621  2.977   -14.740 1.00 23.55 ? 18   TYR A CA  1 
ATOM   147  C  C   . TYR A 1 18  ? -3.738  2.770   -13.702 1.00 24.51 ? 18   TYR A C   1 
ATOM   148  O  O   . TYR A 1 18  ? -3.858  3.541   -12.737 1.00 22.24 ? 18   TYR A O   1 
ATOM   149  C  CB  . TYR A 1 18  ? -1.609  1.824   -14.715 1.00 23.24 ? 18   TYR A CB  1 
ATOM   150  C  CG  . TYR A 1 18  ? -1.022  1.512   -13.353 1.00 22.20 ? 18   TYR A CG  1 
ATOM   151  C  CD1 . TYR A 1 18  ? 0.084   2.208   -12.864 1.00 23.29 ? 18   TYR A CD1 1 
ATOM   152  C  CD2 . TYR A 1 18  ? -1.579  0.495   -12.572 1.00 23.61 ? 18   TYR A CD2 1 
ATOM   153  C  CE1 . TYR A 1 18  ? 0.634   1.887   -11.610 1.00 22.07 ? 18   TYR A CE1 1 
ATOM   154  C  CE2 . TYR A 1 18  ? -1.051  0.162   -11.323 1.00 24.20 ? 18   TYR A CE2 1 
ATOM   155  C  CZ  . TYR A 1 18  ? 0.048   0.857   -10.854 1.00 23.57 ? 18   TYR A CZ  1 
ATOM   156  O  OH  . TYR A 1 18  ? 0.540   0.484   -9.634  1.00 23.98 ? 18   TYR A OH  1 
ATOM   157  N  N   . LYS A 1 19  ? -4.598  1.767   -13.901 1.00 24.25 ? 19   LYS A N   1 
ATOM   158  C  CA  . LYS A 1 19  ? -5.684  1.532   -12.951 1.00 27.96 ? 19   LYS A CA  1 
ATOM   159  C  C   . LYS A 1 19  ? -5.346  0.282   -12.176 1.00 29.01 ? 19   LYS A C   1 
ATOM   160  O  O   . LYS A 1 19  ? -4.927  -0.709  -12.762 1.00 29.05 ? 19   LYS A O   1 
ATOM   161  C  CB  . LYS A 1 19  ? -7.028  1.336   -13.664 1.00 30.77 ? 19   LYS A CB  1 
ATOM   162  C  CG  . LYS A 1 19  ? -7.327  2.386   -14.691 1.00 35.22 ? 19   LYS A CG  1 
ATOM   163  C  CD  . LYS A 1 19  ? -8.808  2.408   -15.073 1.00 38.35 ? 19   LYS A CD  1 
ATOM   164  C  CE  . LYS A 1 19  ? -9.310  1.039   -15.474 1.00 39.67 ? 19   LYS A CE  1 
ATOM   165  N  NZ  . LYS A 1 19  ? -10.680 1.151   -16.048 1.00 41.86 ? 19   LYS A NZ  1 
ATOM   166  N  N   . ASP A 1 20  ? -5.498  0.331   -10.859 1.00 28.64 ? 20   ASP A N   1 
ATOM   167  C  CA  . ASP A 1 20  ? -5.198  -0.847  -10.054 1.00 28.51 ? 20   ASP A CA  1 
ATOM   168  C  C   . ASP A 1 20  ? -6.462  -1.711  -9.864  1.00 28.88 ? 20   ASP A C   1 
ATOM   169  O  O   . ASP A 1 20  ? -7.554  -1.356  -10.354 1.00 27.98 ? 20   ASP A O   1 
ATOM   170  C  CB  . ASP A 1 20  ? -4.551  -0.412  -8.721  1.00 27.48 ? 20   ASP A CB  1 
ATOM   171  C  CG  . ASP A 1 20  ? -5.542  0.162   -7.730  1.00 26.48 ? 20   ASP A CG  1 
ATOM   172  O  OD1 . ASP A 1 20  ? -6.757  0.207   -8.003  1.00 24.43 ? 20   ASP A OD1 1 
ATOM   173  O  OD2 . ASP A 1 20  ? -5.090  0.575   -6.634  1.00 25.16 ? 20   ASP A OD2 1 
ATOM   174  N  N   . THR A 1 21  ? -6.350  -2.843  -9.162  1.00 27.98 ? 21   THR A N   1 
ATOM   175  C  CA  . THR A 1 21  ? -7.508  -3.729  -9.040  1.00 28.19 ? 21   THR A CA  1 
ATOM   176  C  C   . THR A 1 21  ? -8.694  -3.139  -8.280  1.00 28.36 ? 21   THR A C   1 
ATOM   177  O  O   . THR A 1 21  ? -9.827  -3.594  -8.424  1.00 27.36 ? 21   THR A O   1 
ATOM   178  C  CB  . THR A 1 21  ? -7.099  -5.083  -8.424  1.00 28.60 ? 21   THR A CB  1 
ATOM   179  O  OG1 . THR A 1 21  ? -6.659  -4.891  -7.070  1.00 29.29 ? 21   THR A OG1 1 
ATOM   180  C  CG2 . THR A 1 21  ? -5.937  -5.660  -9.198  1.00 29.53 ? 21   THR A CG2 1 
ATOM   181  N  N   . GLU A 1 22  ? -8.449  -2.111  -7.485  1.00 28.64 ? 22   GLU A N   1 
ATOM   182  C  CA  . GLU A 1 22  ? -9.534  -1.514  -6.742  1.00 29.71 ? 22   GLU A CA  1 
ATOM   183  C  C   . GLU A 1 22  ? -10.182 -0.398  -7.535  1.00 30.11 ? 22   GLU A C   1 
ATOM   184  O  O   . GLU A 1 22  ? -11.093 0.268   -7.047  1.00 29.94 ? 22   GLU A O   1 
ATOM   185  C  CB  . GLU A 1 22  ? -9.042  -0.984  -5.400  1.00 32.11 ? 22   GLU A CB  1 
ATOM   186  C  CG  . GLU A 1 22  ? -8.679  -2.080  -4.429  1.00 34.88 ? 22   GLU A CG  1 
ATOM   187  C  CD  . GLU A 1 22  ? -9.761  -3.142  -4.315  1.00 36.71 ? 22   GLU A CD  1 
ATOM   188  O  OE1 . GLU A 1 22  ? -10.961 -2.791  -4.402  1.00 37.90 ? 22   GLU A OE1 1 
ATOM   189  O  OE2 . GLU A 1 22  ? -9.403  -4.328  -4.122  1.00 37.14 ? 22   GLU A OE2 1 
ATOM   190  N  N   . GLY A 1 23  ? -9.715  -0.204  -8.762  1.00 28.90 ? 23   GLY A N   1 
ATOM   191  C  CA  . GLY A 1 23  ? -10.294 0.843   -9.591  1.00 28.99 ? 23   GLY A CA  1 
ATOM   192  C  C   . GLY A 1 23  ? -9.689  2.221   -9.393  1.00 29.20 ? 23   GLY A C   1 
ATOM   193  O  O   . GLY A 1 23  ? -10.278 3.230   -9.822  1.00 30.24 ? 23   GLY A O   1 
ATOM   194  N  N   . TYR A 1 24  ? -8.525  2.287   -8.755  1.00 27.54 ? 24   TYR A N   1 
ATOM   195  C  CA  . TYR A 1 24  ? -7.882  3.584   -8.561  1.00 26.67 ? 24   TYR A CA  1 
ATOM   196  C  C   . TYR A 1 24  ? -6.810  3.874   -9.594  1.00 25.97 ? 24   TYR A C   1 
ATOM   197  O  O   . TYR A 1 24  ? -5.983  3.016   -9.916  1.00 24.48 ? 24   TYR A O   1 
ATOM   198  C  CB  . TYR A 1 24  ? -7.246  3.678   -7.172  1.00 27.74 ? 24   TYR A CB  1 
ATOM   199  C  CG  . TYR A 1 24  ? -8.246  3.870   -6.057  1.00 32.99 ? 24   TYR A CG  1 
ATOM   200  C  CD1 . TYR A 1 24  ? -8.960  2.790   -5.532  1.00 34.72 ? 24   TYR A CD1 1 
ATOM   201  C  CD2 . TYR A 1 24  ? -8.510  5.148   -5.552  1.00 34.46 ? 24   TYR A CD2 1 
ATOM   202  C  CE1 . TYR A 1 24  ? -9.920  2.983   -4.534  1.00 36.66 ? 24   TYR A CE1 1 
ATOM   203  C  CE2 . TYR A 1 24  ? -9.460  5.348   -4.556  1.00 37.12 ? 24   TYR A CE2 1 
ATOM   204  C  CZ  . TYR A 1 24  ? -10.162 4.267   -4.054  1.00 38.32 ? 24   TYR A CZ  1 
ATOM   205  O  OH  . TYR A 1 24  ? -11.127 4.485   -3.089  1.00 40.66 ? 24   TYR A OH  1 
ATOM   206  N  N   . TYR A 1 25  ? -6.833  5.092   -10.136 1.00 23.22 ? 25   TYR A N   1 
ATOM   207  C  CA  . TYR A 1 25  ? -5.796  5.514   -11.064 1.00 22.66 ? 25   TYR A CA  1 
ATOM   208  C  C   . TYR A 1 25  ? -4.567  5.630   -10.155 1.00 20.80 ? 25   TYR A C   1 
ATOM   209  O  O   . TYR A 1 25  ? -4.649  6.202   -9.074  1.00 21.20 ? 25   TYR A O   1 
ATOM   210  C  CB  . TYR A 1 25  ? -6.143  6.878   -11.666 1.00 23.62 ? 25   TYR A CB  1 
ATOM   211  C  CG  . TYR A 1 25  ? -7.192  6.785   -12.752 1.00 26.28 ? 25   TYR A CG  1 
ATOM   212  C  CD1 . TYR A 1 25  ? -6.967  6.015   -13.889 1.00 27.65 ? 25   TYR A CD1 1 
ATOM   213  C  CD2 . TYR A 1 25  ? -8.409  7.466   -12.639 1.00 27.94 ? 25   TYR A CD2 1 
ATOM   214  C  CE1 . TYR A 1 25  ? -7.940  5.918   -14.904 1.00 30.25 ? 25   TYR A CE1 1 
ATOM   215  C  CE2 . TYR A 1 25  ? -9.381  7.376   -13.643 1.00 29.97 ? 25   TYR A CE2 1 
ATOM   216  C  CZ  . TYR A 1 25  ? -9.134  6.599   -14.767 1.00 30.64 ? 25   TYR A CZ  1 
ATOM   217  O  OH  . TYR A 1 25  ? -10.091 6.485   -15.767 1.00 33.01 ? 25   TYR A OH  1 
ATOM   218  N  N   . THR A 1 26  ? -3.432  5.131   -10.626 1.00 19.10 ? 26   THR A N   1 
ATOM   219  C  CA  . THR A 1 26  ? -2.200  5.054   -9.837  1.00 18.59 ? 26   THR A CA  1 
ATOM   220  C  C   . THR A 1 26  ? -1.001  5.319   -10.728 1.00 17.36 ? 26   THR A C   1 
ATOM   221  O  O   . THR A 1 26  ? -1.100  5.209   -11.941 1.00 18.17 ? 26   THR A O   1 
ATOM   222  C  CB  . THR A 1 26  ? -2.081  3.586   -9.278  1.00 19.30 ? 26   THR A CB  1 
ATOM   223  O  OG1 . THR A 1 26  ? -3.303  3.239   -8.622  1.00 19.60 ? 26   THR A OG1 1 
ATOM   224  C  CG2 . THR A 1 26  ? -0.898  3.424   -8.283  1.00 20.39 ? 26   THR A CG2 1 
ATOM   225  N  N   . ILE A 1 27  ? 0.145   5.656   -10.133 1.00 15.78 ? 27   ILE A N   1 
ATOM   226  C  CA  . ILE A 1 27  ? 1.343   5.860   -10.905 1.00 16.54 ? 27   ILE A CA  1 
ATOM   227  C  C   . ILE A 1 27  ? 2.561   5.661   -9.998  1.00 15.99 ? 27   ILE A C   1 
ATOM   228  O  O   . ILE A 1 27  ? 2.418   5.602   -8.758  1.00 16.72 ? 27   ILE A O   1 
ATOM   229  C  CB  . ILE A 1 27  ? 1.366   7.268   -11.508 1.00 15.92 ? 27   ILE A CB  1 
ATOM   230  C  CG1 . ILE A 1 27  ? 2.472   7.376   -12.557 1.00 16.74 ? 27   ILE A CG1 1 
ATOM   231  C  CG2 . ILE A 1 27  ? 1.593   8.288   -10.397 1.00 16.93 ? 27   ILE A CG2 1 
ATOM   232  C  CD1 . ILE A 1 27  ? 2.256   8.581   -13.493 1.00 18.50 ? 27   ILE A CD1 1 
ATOM   233  N  N   . GLY A 1 28  ? 3.728   5.503   -10.605 1.00 16.04 ? 28   GLY A N   1 
ATOM   234  C  CA  . GLY A 1 28  ? 4.959   5.350   -9.849  1.00 14.89 ? 28   GLY A CA  1 
ATOM   235  C  C   . GLY A 1 28  ? 5.058   4.047   -9.085  1.00 15.11 ? 28   GLY A C   1 
ATOM   236  O  O   . GLY A 1 28  ? 4.869   2.982   -9.666  1.00 15.42 ? 28   GLY A O   1 
ATOM   237  N  N   . ILE A 1 29  ? 5.351   4.146   -7.789  1.00 13.49 ? 29   ILE A N   1 
ATOM   238  C  CA  . ILE A 1 29  ? 5.463   2.966   -6.934  1.00 14.35 ? 29   ILE A CA  1 
ATOM   239  C  C   . ILE A 1 29  ? 4.253   2.988   -6.025  1.00 14.55 ? 29   ILE A C   1 
ATOM   240  O  O   . ILE A 1 29  ? 4.333   3.389   -4.864  1.00 15.94 ? 29   ILE A O   1 
ATOM   241  C  CB  . ILE A 1 29  ? 6.808   3.022   -6.123  1.00 11.83 ? 29   ILE A CB  1 
ATOM   242  C  CG1 . ILE A 1 29  ? 7.979   3.193   -7.124  1.00 14.40 ? 29   ILE A CG1 1 
ATOM   243  C  CG2 . ILE A 1 29  ? 6.981   1.718   -5.283  1.00 14.07 ? 29   ILE A CG2 1 
ATOM   244  C  CD1 . ILE A 1 29  ? 9.394   3.434   -6.514  1.00 15.78 ? 29   ILE A CD1 1 
ATOM   245  N  N   . GLY A 1 30  ? 3.099   2.580   -6.571  1.00 14.45 ? 30   GLY A N   1 
ATOM   246  C  CA  . GLY A 1 30  ? 1.889   2.553   -5.774  1.00 15.30 ? 30   GLY A CA  1 
ATOM   247  C  C   . GLY A 1 30  ? 1.350   3.904   -5.319  1.00 15.44 ? 30   GLY A C   1 
ATOM   248  O  O   . GLY A 1 30  ? 0.716   3.991   -4.255  1.00 16.25 ? 30   GLY A O   1 
ATOM   249  N  N   . HIS A 1 31  ? 1.578   4.965   -6.100  1.00 14.97 ? 31   HIS A N   1 
ATOM   250  C  CA  . HIS A 1 31  ? 1.026   6.258   -5.676  1.00 15.34 ? 31   HIS A CA  1 
ATOM   251  C  C   . HIS A 1 31  ? -0.395  6.413   -6.175  1.00 15.54 ? 31   HIS A C   1 
ATOM   252  O  O   . HIS A 1 31  ? -0.611  6.584   -7.369  1.00 15.41 ? 31   HIS A O   1 
ATOM   253  C  CB  . HIS A 1 31  ? 1.848   7.432   -6.189  1.00 15.20 ? 31   HIS A CB  1 
ATOM   254  C  CG  . HIS A 1 31  ? 1.390   8.725   -5.598  1.00 15.89 ? 31   HIS A CG  1 
ATOM   255  N  ND1 . HIS A 1 31  ? 0.526   9.589   -6.239  1.00 18.17 ? 31   HIS A ND1 1 
ATOM   256  C  CD2 . HIS A 1 31  ? 1.571   9.230   -4.354  1.00 13.71 ? 31   HIS A CD2 1 
ATOM   257  C  CE1 . HIS A 1 31  ? 0.197   10.576  -5.412  1.00 13.59 ? 31   HIS A CE1 1 
ATOM   258  N  NE2 . HIS A 1 31  ? 0.818   10.378  -4.263  1.00 18.02 ? 31   HIS A NE2 1 
ATOM   259  N  N   . LEU A 1 32  ? -1.353  6.368   -5.249  1.00 16.48 ? 32   LEU A N   1 
ATOM   260  C  CA  . LEU A 1 32  ? -2.764  6.461   -5.600  1.00 17.63 ? 32   LEU A CA  1 
ATOM   261  C  C   . LEU A 1 32  ? -3.135  7.889   -5.990  1.00 16.82 ? 32   LEU A C   1 
ATOM   262  O  O   . LEU A 1 32  ? -2.716  8.846   -5.314  1.00 16.06 ? 32   LEU A O   1 
ATOM   263  C  CB  . LEU A 1 32  ? -3.602  6.016   -4.398  1.00 19.57 ? 32   LEU A CB  1 
ATOM   264  C  CG  . LEU A 1 32  ? -5.120  5.986   -4.523  1.00 22.38 ? 32   LEU A CG  1 
ATOM   265  C  CD1 . LEU A 1 32  ? -5.676  4.946   -3.563  1.00 24.32 ? 32   LEU A CD1 1 
ATOM   266  C  CD2 . LEU A 1 32  ? -5.699  7.354   -4.205  1.00 24.91 ? 32   LEU A CD2 1 
ATOM   267  N  N   . LEU A 1 33  ? -3.899  8.023   -7.066  1.00 16.96 ? 33   LEU A N   1 
ATOM   268  C  CA  . LEU A 1 33  ? -4.335  9.354   -7.524  1.00 19.64 ? 33   LEU A CA  1 
ATOM   269  C  C   . LEU A 1 33  ? -5.821  9.635   -7.255  1.00 21.83 ? 33   LEU A C   1 
ATOM   270  O  O   . LEU A 1 33  ? -6.163  10.475  -6.405  1.00 24.21 ? 33   LEU A O   1 
ATOM   271  C  CB  . LEU A 1 33  ? -4.032  9.524   -9.016  1.00 18.40 ? 33   LEU A CB  1 
ATOM   272  C  CG  . LEU A 1 33  ? -2.530  9.506   -9.347  1.00 17.83 ? 33   LEU A CG  1 
ATOM   273  C  CD1 . LEU A 1 33  ? -2.320  9.419   -10.870 1.00 17.80 ? 33   LEU A CD1 1 
ATOM   274  C  CD2 . LEU A 1 33  ? -1.852  10.783  -8.758  1.00 17.35 ? 33   LEU A CD2 1 
ATOM   275  N  N   . THR A 1 34  ? -6.707  8.947   -7.973  1.00 24.12 ? 34   THR A N   1 
ATOM   276  C  CA  . THR A 1 34  ? -8.154  9.128   -7.818  1.00 25.76 ? 34   THR A CA  1 
ATOM   277  C  C   . THR A 1 34  ? -8.906  7.880   -8.275  1.00 28.58 ? 34   THR A C   1 
ATOM   278  O  O   . THR A 1 34  ? -8.316  6.989   -8.884  1.00 27.09 ? 34   THR A O   1 
ATOM   279  C  CB  . THR A 1 34  ? -8.700  10.297  -8.683  1.00 25.83 ? 34   THR A CB  1 
ATOM   280  O  OG1 . THR A 1 34  ? -8.380  10.077  -10.062 1.00 28.40 ? 34   THR A OG1 1 
ATOM   281  C  CG2 . THR A 1 34  ? -8.089  11.599  -8.254  1.00 26.09 ? 34   THR A CG2 1 
ATOM   282  N  N   . LYS A 1 35  ? -10.208 7.820   -7.980  1.00 33.19 ? 35   LYS A N   1 
ATOM   283  C  CA  . LYS A 1 35  ? -11.032 6.684   -8.413  1.00 38.61 ? 35   LYS A CA  1 
ATOM   284  C  C   . LYS A 1 35  ? -11.419 6.826   -9.880  1.00 40.98 ? 35   LYS A C   1 
ATOM   285  O  O   . LYS A 1 35  ? -11.559 7.939   -10.403 1.00 41.22 ? 35   LYS A O   1 
ATOM   286  C  CB  . LYS A 1 35  ? -12.328 6.589   -7.613  1.00 41.95 ? 35   LYS A CB  1 
ATOM   287  C  CG  . LYS A 1 35  ? -12.181 6.218   -6.160  1.00 45.75 ? 35   LYS A CG  1 
ATOM   288  C  CD  . LYS A 1 35  ? -13.565 6.112   -5.517  1.00 49.89 ? 35   LYS A CD  1 
ATOM   289  C  CE  . LYS A 1 35  ? -13.502 6.116   -3.991  1.00 52.31 ? 35   LYS A CE  1 
ATOM   290  N  NZ  . LYS A 1 35  ? -14.861 6.290   -3.366  1.00 54.03 ? 35   LYS A NZ  1 
ATOM   291  N  N   . SER A 1 36  ? -11.597 5.690   -10.545 1.00 43.49 ? 36   SER A N   1 
ATOM   292  C  CA  . SER A 1 36  ? -12.005 5.670   -11.947 1.00 46.68 ? 36   SER A CA  1 
ATOM   293  C  C   . SER A 1 36  ? -13.500 5.338   -11.972 1.00 48.99 ? 36   SER A C   1 
ATOM   294  O  O   . SER A 1 36  ? -14.025 4.760   -11.021 1.00 49.21 ? 36   SER A O   1 
ATOM   295  C  CB  . SER A 1 36  ? -11.257 4.582   -12.694 1.00 45.92 ? 36   SER A CB  1 
ATOM   296  O  OG  . SER A 1 36  ? -11.652 3.311   -12.203 1.00 45.61 ? 36   SER A OG  1 
ATOM   297  N  N   . PRO A 1 37  ? -14.202 5.698   -13.058 1.00 51.95 ? 37   PRO A N   1 
ATOM   298  C  CA  . PRO A 1 37  ? -15.642 5.419   -13.170 1.00 54.40 ? 37   PRO A CA  1 
ATOM   299  C  C   . PRO A 1 37  ? -15.872 3.977   -13.635 1.00 56.32 ? 37   PRO A C   1 
ATOM   300  O  O   . PRO A 1 37  ? -14.925 3.195   -13.716 1.00 56.91 ? 37   PRO A O   1 
ATOM   301  C  CB  . PRO A 1 37  ? -16.119 6.426   -14.222 1.00 54.03 ? 37   PRO A CB  1 
ATOM   302  C  CG  . PRO A 1 37  ? -14.996 7.438   -14.326 1.00 53.54 ? 37   PRO A CG  1 
ATOM   303  C  CD  . PRO A 1 37  ? -13.767 6.591   -14.141 1.00 52.81 ? 37   PRO A CD  1 
ATOM   304  N  N   . SER A 1 38  ? -17.123 3.637   -13.953 1.00 58.66 ? 38   SER A N   1 
ATOM   305  C  CA  . SER A 1 38  ? -17.458 2.292   -14.430 1.00 61.11 ? 38   SER A CA  1 
ATOM   306  C  C   . SER A 1 38  ? -16.830 2.067   -15.807 1.00 62.50 ? 38   SER A C   1 
ATOM   307  O  O   . SER A 1 38  ? -16.616 3.026   -16.552 1.00 62.26 ? 38   SER A O   1 
ATOM   308  C  CB  . SER A 1 38  ? -18.975 2.133   -14.543 1.00 61.70 ? 38   SER A CB  1 
ATOM   309  O  OG  . SER A 1 38  ? -19.610 2.503   -13.334 1.00 62.81 ? 38   SER A OG  1 
ATOM   310  N  N   . ILE A 1 39  ? -16.537 0.814   -16.156 1.00 64.20 ? 39   ILE A N   1 
ATOM   311  C  CA  . ILE A 1 39  ? -15.942 0.541   -17.464 1.00 65.78 ? 39   ILE A CA  1 
ATOM   312  C  C   . ILE A 1 39  ? -16.902 1.026   -18.540 1.00 67.03 ? 39   ILE A C   1 
ATOM   313  O  O   . ILE A 1 39  ? -16.556 1.074   -19.720 1.00 67.07 ? 39   ILE A O   1 
ATOM   314  C  CB  . ILE A 1 39  ? -15.642 -0.976  -17.708 1.00 65.67 ? 39   ILE A CB  1 
ATOM   315  C  CG1 . ILE A 1 39  ? -16.927 -1.810  -17.616 1.00 66.04 ? 39   ILE A CG1 1 
ATOM   316  C  CG2 . ILE A 1 39  ? -14.559 -1.448  -16.759 1.00 65.63 ? 39   ILE A CG2 1 
ATOM   317  C  CD1 . ILE A 1 39  ? -17.619 -1.793  -16.269 1.00 65.56 ? 39   ILE A CD1 1 
ATOM   318  N  N   . ASN A 1 40  ? -18.110 1.383   -18.112 1.00 68.28 ? 40   ASN A N   1 
ATOM   319  C  CA  . ASN A 1 40  ? -19.142 1.881   -19.010 1.00 69.62 ? 40   ASN A CA  1 
ATOM   320  C  C   . ASN A 1 40  ? -19.256 3.401   -18.900 1.00 70.45 ? 40   ASN A C   1 
ATOM   321  O  O   . ASN A 1 40  ? -19.230 4.104   -19.915 1.00 70.80 ? 40   ASN A O   1 
ATOM   322  C  CB  . ASN A 1 40  ? -20.489 1.235   -18.674 1.00 69.58 ? 40   ASN A CB  1 
ATOM   323  C  CG  . ASN A 1 40  ? -20.452 -0.282  -18.774 1.00 69.70 ? 40   ASN A CG  1 
ATOM   324  O  OD1 . ASN A 1 40  ? -20.104 -0.841  -19.816 1.00 69.69 ? 40   ASN A OD1 1 
ATOM   325  N  ND2 . ASN A 1 40  ? -20.816 -0.954  -17.692 1.00 69.45 ? 40   ASN A ND2 1 
ATOM   326  N  N   . ALA A 1 41  ? -19.364 3.897   -17.668 1.00 75.38 ? 41   ALA A N   1 
ATOM   327  C  CA  . ALA A 1 41  ? -19.488 5.334   -17.399 1.00 75.15 ? 41   ALA A CA  1 
ATOM   328  C  C   . ALA A 1 41  ? -19.093 6.198   -18.595 1.00 75.05 ? 41   ALA A C   1 
ATOM   329  O  O   . ALA A 1 41  ? -17.918 6.320   -18.940 1.00 77.00 ? 41   ALA A O   1 
ATOM   330  C  CB  . ALA A 1 41  ? -18.647 5.713   -16.185 1.00 76.41 ? 41   ALA A CB  1 
ATOM   331  N  N   . ALA A 1 42  ? -20.116 6.778   -19.213 1.00 72.18 ? 42   ALA A N   1 
ATOM   332  C  CA  . ALA A 1 42  ? -20.036 7.652   -20.383 1.00 71.97 ? 42   ALA A CA  1 
ATOM   333  C  C   . ALA A 1 42  ? -18.681 8.146   -20.890 1.00 71.93 ? 42   ALA A C   1 
ATOM   334  O  O   . ALA A 1 42  ? -17.738 8.361   -20.131 1.00 71.68 ? 42   ALA A O   1 
ATOM   335  C  CB  . ALA A 1 42  ? -20.944 8.852   -20.158 1.00 72.06 ? 42   ALA A CB  1 
ATOM   336  N  N   . LYS A 1 43  ? -18.620 8.349   -22.202 1.00 72.07 ? 43   LYS A N   1 
ATOM   337  C  CA  . LYS A 1 43  ? -17.425 8.843   -22.881 1.00 72.25 ? 43   LYS A CA  1 
ATOM   338  C  C   . LYS A 1 43  ? -16.903 10.095  -22.177 1.00 72.31 ? 43   LYS A C   1 
ATOM   339  O  O   . LYS A 1 43  ? -15.693 10.274  -22.009 1.00 72.18 ? 43   LYS A O   1 
ATOM   340  C  CB  . LYS A 1 43  ? -17.770 9.175   -24.340 1.00 72.42 ? 43   LYS A CB  1 
ATOM   341  C  CG  . LYS A 1 43  ? -16.687 9.929   -25.106 1.00 72.11 ? 43   LYS A CG  1 
ATOM   342  C  CD  . LYS A 1 43  ? -17.214 10.417  -26.458 1.00 71.97 ? 43   LYS A CD  1 
ATOM   343  C  CE  . LYS A 1 43  ? -18.344 11.430  -26.282 1.00 71.70 ? 43   LYS A CE  1 
ATOM   344  N  NZ  . LYS A 1 43  ? -18.907 11.906  -27.577 1.00 72.01 ? 43   LYS A NZ  1 
ATOM   345  N  N   . SER A 1 44  ? -17.829 10.961  -21.773 1.00 72.27 ? 44   SER A N   1 
ATOM   346  C  CA  . SER A 1 44  ? -17.486 12.201  -21.085 1.00 72.10 ? 44   SER A CA  1 
ATOM   347  C  C   . SER A 1 44  ? -16.911 11.873  -19.716 1.00 71.42 ? 44   SER A C   1 
ATOM   348  O  O   . SER A 1 44  ? -15.853 12.376  -19.337 1.00 71.40 ? 44   SER A O   1 
ATOM   349  C  CB  . SER A 1 44  ? -18.731 13.074  -20.923 1.00 72.62 ? 44   SER A CB  1 
ATOM   350  O  OG  . SER A 1 44  ? -18.428 14.262  -20.211 1.00 73.71 ? 44   SER A OG  1 
ATOM   351  N  N   . GLU A 1 45  ? -17.634 11.029  -18.986 1.00 70.57 ? 45   GLU A N   1 
ATOM   352  C  CA  . GLU A 1 45  ? -17.241 10.582  -17.655 1.00 69.74 ? 45   GLU A CA  1 
ATOM   353  C  C   . GLU A 1 45  ? -15.792 10.101  -17.606 1.00 68.26 ? 45   GLU A C   1 
ATOM   354  O  O   . GLU A 1 45  ? -15.033 10.482  -16.718 1.00 68.33 ? 45   GLU A O   1 
ATOM   355  C  CB  . GLU A 1 45  ? -18.171 9.456   -17.211 1.00 71.14 ? 45   GLU A CB  1 
ATOM   356  C  CG  . GLU A 1 45  ? -19.352 9.922   -16.401 1.00 73.00 ? 45   GLU A CG  1 
ATOM   357  C  CD  . GLU A 1 45  ? -19.025 9.995   -14.925 1.00 74.11 ? 45   GLU A CD  1 
ATOM   358  O  OE1 . GLU A 1 45  ? -18.885 8.918   -14.302 1.00 74.73 ? 45   GLU A OE1 1 
ATOM   359  O  OE2 . GLU A 1 45  ? -18.897 11.118  -14.390 1.00 74.76 ? 45   GLU A OE2 1 
ATOM   360  N  N   . LEU A 1 46  ? -15.421 9.261   -18.565 1.00 66.47 ? 46   LEU A N   1 
ATOM   361  C  CA  . LEU A 1 46  ? -14.069 8.723   -18.643 1.00 64.44 ? 46   LEU A CA  1 
ATOM   362  C  C   . LEU A 1 46  ? -13.014 9.829   -18.731 1.00 62.52 ? 46   LEU A C   1 
ATOM   363  O  O   . LEU A 1 46  ? -12.099 9.885   -17.910 1.00 61.94 ? 46   LEU A O   1 
ATOM   364  C  CB  . LEU A 1 46  ? -13.944 7.806   -19.859 1.00 65.33 ? 46   LEU A CB  1 
ATOM   365  C  CG  . LEU A 1 46  ? -12.596 7.115   -20.062 1.00 66.03 ? 46   LEU A CG  1 
ATOM   366  C  CD1 . LEU A 1 46  ? -12.419 6.044   -18.997 1.00 66.29 ? 46   LEU A CD1 1 
ATOM   367  C  CD2 . LEU A 1 46  ? -12.532 6.495   -21.454 1.00 66.15 ? 46   LEU A CD2 1 
ATOM   368  N  N   . ASP A 1 47  ? -13.142 10.699  -19.728 1.00 60.30 ? 47   ASP A N   1 
ATOM   369  C  CA  . ASP A 1 47  ? -12.190 11.789  -19.919 1.00 58.13 ? 47   ASP A CA  1 
ATOM   370  C  C   . ASP A 1 47  ? -12.092 12.674  -18.687 1.00 55.73 ? 47   ASP A C   1 
ATOM   371  O  O   . ASP A 1 47  ? -11.013 13.165  -18.348 1.00 55.16 ? 47   ASP A O   1 
ATOM   372  C  CB  . ASP A 1 47  ? -12.584 12.648  -21.118 1.00 59.88 ? 47   ASP A CB  1 
ATOM   373  C  CG  . ASP A 1 47  ? -12.651 11.857  -22.398 1.00 61.23 ? 47   ASP A CG  1 
ATOM   374  O  OD1 . ASP A 1 47  ? -11.703 11.091  -22.667 1.00 61.97 ? 47   ASP A OD1 1 
ATOM   375  O  OD2 . ASP A 1 47  ? -13.650 12.006  -23.135 1.00 62.15 ? 47   ASP A OD2 1 
ATOM   376  N  N   . LYS A 1 48  ? -13.231 12.877  -18.033 1.00 52.43 ? 48   LYS A N   1 
ATOM   377  C  CA  . LYS A 1 48  ? -13.294 13.693  -16.833 1.00 49.34 ? 48   LYS A CA  1 
ATOM   378  C  C   . LYS A 1 48  ? -12.416 13.042  -15.766 1.00 46.17 ? 48   LYS A C   1 
ATOM   379  O  O   . LYS A 1 48  ? -11.512 13.673  -15.209 1.00 45.33 ? 48   LYS A O   1 
ATOM   380  C  CB  . LYS A 1 48  ? -14.736 13.769  -16.326 1.00 50.74 ? 48   LYS A CB  1 
ATOM   381  C  CG  . LYS A 1 48  ? -14.909 14.597  -15.054 1.00 52.60 ? 48   LYS A CG  1 
ATOM   382  C  CD  . LYS A 1 48  ? -16.189 14.237  -14.279 1.00 53.55 ? 48   LYS A CD  1 
ATOM   383  C  CE  . LYS A 1 48  ? -16.037 12.940  -13.465 1.00 53.95 ? 48   LYS A CE  1 
ATOM   384  N  NZ  . LYS A 1 48  ? -15.805 11.713  -14.288 1.00 53.24 ? 48   LYS A NZ  1 
ATOM   385  N  N   . ALA A 1 49  ? -12.709 11.775  -15.492 1.00 41.76 ? 49   ALA A N   1 
ATOM   386  C  CA  . ALA A 1 49  ? -11.988 10.992  -14.498 1.00 38.22 ? 49   ALA A CA  1 
ATOM   387  C  C   . ALA A 1 49  ? -10.484 10.970  -14.754 1.00 35.50 ? 49   ALA A C   1 
ATOM   388  O  O   . ALA A 1 49  ? -9.687  11.106  -13.816 1.00 33.54 ? 49   ALA A O   1 
ATOM   389  C  CB  . ALA A 1 49  ? -12.532 9.568   -14.473 1.00 37.43 ? 49   ALA A CB  1 
ATOM   390  N  N   . ILE A 1 50  ? -10.094 10.775  -16.012 1.00 32.98 ? 50   ILE A N   1 
ATOM   391  C  CA  . ILE A 1 50  ? -8.677  10.750  -16.352 1.00 31.99 ? 50   ILE A CA  1 
ATOM   392  C  C   . ILE A 1 50  ? -8.059  12.114  -16.111 1.00 31.08 ? 50   ILE A C   1 
ATOM   393  O  O   . ILE A 1 50  ? -6.958  12.221  -15.578 1.00 30.34 ? 50   ILE A O   1 
ATOM   394  C  CB  . ILE A 1 50  ? -8.423  10.352  -17.834 1.00 32.79 ? 50   ILE A CB  1 
ATOM   395  C  CG1 . ILE A 1 50  ? -8.777  8.877   -18.049 1.00 34.51 ? 50   ILE A CG1 1 
ATOM   396  C  CG2 . ILE A 1 50  ? -6.941  10.551  -18.175 1.00 33.43 ? 50   ILE A CG2 1 
ATOM   397  C  CD1 . ILE A 1 50  ? -8.630  8.407   -19.501 1.00 35.03 ? 50   ILE A CD1 1 
ATOM   398  N  N   . ASN A 1 51  ? -8.742  13.175  -16.528 1.00 30.17 ? 51   ASN A N   1 
ATOM   399  C  CA  . ASN A 1 51  ? -8.178  14.495  -16.294 1.00 29.26 ? 51   ASN A CA  1 
ATOM   400  C  C   . ASN A 1 51  ? -8.115  14.798  -14.796 1.00 26.07 ? 51   ASN A C   1 
ATOM   401  O  O   . ASN A 1 51  ? -7.219  15.506  -14.342 1.00 27.37 ? 51   ASN A O   1 
ATOM   402  C  CB  . ASN A 1 51  ? -8.983  15.571  -17.022 1.00 32.32 ? 51   ASN A CB  1 
ATOM   403  C  CG  . ASN A 1 51  ? -8.668  15.610  -18.494 1.00 34.40 ? 51   ASN A CG  1 
ATOM   404  O  OD1 . ASN A 1 51  ? -7.502  15.588  -18.885 1.00 37.26 ? 51   ASN A OD1 1 
ATOM   405  N  ND2 . ASN A 1 51  ? -9.704  15.677  -19.325 1.00 36.66 ? 51   ASN A ND2 1 
ATOM   406  N  N   . ALA A 1 52  ? -9.042  14.242  -14.024 1.00 24.57 ? 52   ALA A N   1 
ATOM   407  C  CA  . ALA A 1 52  ? -9.019  14.484  -12.579 1.00 22.07 ? 52   ALA A CA  1 
ATOM   408  C  C   . ALA A 1 52  ? -7.758  13.809  -12.014 1.00 21.29 ? 52   ALA A C   1 
ATOM   409  O  O   . ALA A 1 52  ? -7.118  14.328  -11.114 1.00 20.11 ? 52   ALA A O   1 
ATOM   410  C  CB  . ALA A 1 52  ? -10.256 13.897  -11.916 1.00 23.32 ? 52   ALA A CB  1 
ATOM   411  N  N   . ALA A 1 53  ? -7.411  12.642  -12.545 1.00 19.98 ? 53   ALA A N   1 
ATOM   412  C  CA  . ALA A 1 53  ? -6.211  11.936  -12.076 1.00 19.25 ? 53   ALA A CA  1 
ATOM   413  C  C   . ALA A 1 53  ? -4.963  12.698  -12.510 1.00 19.49 ? 53   ALA A C   1 
ATOM   414  O  O   . ALA A 1 53  ? -3.960  12.758  -11.794 1.00 19.91 ? 53   ALA A O   1 
ATOM   415  C  CB  . ALA A 1 53  ? -6.165  10.515  -12.666 1.00 18.32 ? 53   ALA A CB  1 
ATOM   416  N  N   . LYS A 1 54  ? -4.998  13.269  -13.711 1.00 19.16 ? 54   LYS A N   1 
ATOM   417  C  CA  . LYS A 1 54  ? -3.841  14.002  -14.191 1.00 18.93 ? 54   LYS A CA  1 
ATOM   418  C  C   . LYS A 1 54  ? -3.650  15.271  -13.375 1.00 17.98 ? 54   LYS A C   1 
ATOM   419  O  O   . LYS A 1 54  ? -2.515  15.689  -13.142 1.00 17.05 ? 54   LYS A O   1 
ATOM   420  C  CB  . LYS A 1 54  ? -4.003  14.358  -15.662 1.00 20.37 ? 54   LYS A CB  1 
ATOM   421  C  CG  . LYS A 1 54  ? -3.824  13.170  -16.590 1.00 22.95 ? 54   LYS A CG  1 
ATOM   422  C  CD  . LYS A 1 54  ? -3.985  13.601  -18.066 1.00 25.68 ? 54   LYS A CD  1 
ATOM   423  C  CE  . LYS A 1 54  ? -3.623  12.468  -19.026 1.00 28.31 ? 54   LYS A CE  1 
ATOM   424  N  NZ  . LYS A 1 54  ? -3.696  12.885  -20.464 1.00 29.66 ? 54   LYS A NZ  1 
ATOM   425  N  N   . SER A 1 55  ? -4.762  15.856  -12.933 1.00 17.60 ? 55   SER A N   1 
ATOM   426  C  CA  . SER A 1 55  ? -4.708  17.066  -12.120 1.00 18.55 ? 55   SER A CA  1 
ATOM   427  C  C   . SER A 1 55  ? -4.068  16.745  -10.779 1.00 17.63 ? 55   SER A C   1 
ATOM   428  O  O   . SER A 1 55  ? -3.232  17.506  -10.284 1.00 16.69 ? 55   SER A O   1 
ATOM   429  C  CB  . SER A 1 55  ? -6.098  17.632  -11.878 1.00 19.74 ? 55   SER A CB  1 
ATOM   430  O  OG  . SER A 1 55  ? -5.979  18.879  -11.209 1.00 24.01 ? 55   SER A OG  1 
ATOM   431  N  N   . GLU A 1 56  ? -4.489  15.635  -10.182 1.00 17.20 ? 56   GLU A N   1 
ATOM   432  C  CA  . GLU A 1 56  ? -3.886  15.202  -8.915  1.00 16.92 ? 56   GLU A CA  1 
ATOM   433  C  C   . GLU A 1 56  ? -2.399  14.974  -9.053  1.00 16.99 ? 56   GLU A C   1 
ATOM   434  O  O   . GLU A 1 56  ? -1.604  15.329  -8.168  1.00 16.59 ? 56   GLU A O   1 
ATOM   435  C  CB  . GLU A 1 56  ? -4.510  13.892  -8.440  1.00 18.89 ? 56   GLU A CB  1 
ATOM   436  C  CG  . GLU A 1 56  ? -5.908  14.047  -7.928  1.00 23.19 ? 56   GLU A CG  1 
ATOM   437  C  CD  . GLU A 1 56  ? -5.987  14.997  -6.733  1.00 22.46 ? 56   GLU A CD  1 
ATOM   438  O  OE1 . GLU A 1 56  ? -5.447  14.663  -5.660  1.00 25.99 ? 56   GLU A OE1 1 
ATOM   439  O  OE2 . GLU A 1 56  ? -6.583  16.073  -6.895  1.00 27.37 ? 56   GLU A OE2 1 
ATOM   440  N  N   . LEU A 1 57  ? -1.996  14.361  -10.148 1.00 15.81 ? 57   LEU A N   1 
ATOM   441  C  CA  . LEU A 1 57  ? -0.576  14.113  -10.336 1.00 16.59 ? 57   LEU A CA  1 
ATOM   442  C  C   . LEU A 1 57  ? 0.216   15.398  -10.501 1.00 16.54 ? 57   LEU A C   1 
ATOM   443  O  O   . LEU A 1 57  ? 1.286   15.557  -9.932  1.00 16.72 ? 57   LEU A O   1 
ATOM   444  C  CB  . LEU A 1 57  ? -0.367  13.224  -11.546 1.00 16.70 ? 57   LEU A CB  1 
ATOM   445  C  CG  . LEU A 1 57  ? 1.069   12.912  -11.909 1.00 15.98 ? 57   LEU A CG  1 
ATOM   446  C  CD1 . LEU A 1 57  ? 1.770   12.143  -10.781 1.00 18.69 ? 57   LEU A CD1 1 
ATOM   447  C  CD2 . LEU A 1 57  ? 1.022   12.040  -13.170 1.00 16.57 ? 57   LEU A CD2 1 
ATOM   448  N  N   . ASP A 1 58  ? -0.324  16.325  -11.272 1.00 16.95 ? 58   ASP A N   1 
ATOM   449  C  CA  . ASP A 1 58  ? 0.365   17.573  -11.485 1.00 17.64 ? 58   ASP A CA  1 
ATOM   450  C  C   . ASP A 1 58  ? 0.552   18.300  -10.163 1.00 16.65 ? 58   ASP A C   1 
ATOM   451  O  O   . ASP A 1 58  ? 1.588   18.907  -9.938  1.00 18.01 ? 58   ASP A O   1 
ATOM   452  C  CB  . ASP A 1 58  ? -0.439  18.443  -12.450 1.00 19.52 ? 58   ASP A CB  1 
ATOM   453  C  CG  . ASP A 1 58  ? -0.353  17.944  -13.882 1.00 22.45 ? 58   ASP A CG  1 
ATOM   454  O  OD1 . ASP A 1 58  ? 0.420   16.984  -14.135 1.00 22.11 ? 58   ASP A OD1 1 
ATOM   455  O  OD2 . ASP A 1 58  ? -1.050  18.520  -14.751 1.00 23.80 ? 58   ASP A OD2 1 
ATOM   456  N  N   . LYS A 1 59  ? -0.470  18.232  -9.315  1.00 16.81 ? 59   LYS A N   1 
ATOM   457  C  CA  . LYS A 1 59  ? -0.471  18.877  -7.997  1.00 17.73 ? 59   LYS A CA  1 
ATOM   458  C  C   . LYS A 1 59  ? 0.609   18.226  -7.126  1.00 16.61 ? 59   LYS A C   1 
ATOM   459  O  O   . LYS A 1 59  ? 1.372   18.897  -6.439  1.00 14.74 ? 59   LYS A O   1 
ATOM   460  C  CB  . LYS A 1 59  ? -1.879  18.706  -7.370  1.00 20.73 ? 59   LYS A CB  1 
ATOM   461  C  CG  . LYS A 1 59  ? -2.023  19.021  -5.898  1.00 23.06 ? 59   LYS A CG  1 
ATOM   462  C  CD  . LYS A 1 59  ? -3.491  19.291  -5.499  1.00 24.29 ? 59   LYS A CD  1 
ATOM   463  C  CE  . LYS A 1 59  ? -4.384  18.063  -5.556  1.00 25.71 ? 59   LYS A CE  1 
ATOM   464  N  NZ  . LYS A 1 59  ? -4.146  17.110  -4.440  1.00 26.81 ? 59   LYS A NZ  1 
ATOM   465  N  N   . ALA A 1 60  ? 0.710   16.903  -7.226  1.00 16.44 ? 60   ALA A N   1 
ATOM   466  C  CA  . ALA A 1 60  ? 1.702   16.201  -6.419  1.00 16.90 ? 60   ALA A CA  1 
ATOM   467  C  C   . ALA A 1 60  ? 3.135   16.466  -6.855  1.00 16.88 ? 60   ALA A C   1 
ATOM   468  O  O   . ALA A 1 60  ? 4.037   16.561  -6.017  1.00 17.25 ? 60   ALA A O   1 
ATOM   469  C  CB  . ALA A 1 60  ? 1.423   14.692  -6.455  1.00 15.74 ? 60   ALA A CB  1 
ATOM   470  N  N   . ILE A 1 61  ? 3.347   16.562  -8.165  1.00 17.25 ? 61   ILE A N   1 
ATOM   471  C  CA  . ILE A 1 61  ? 4.681   16.779  -8.719  1.00 19.48 ? 61   ILE A CA  1 
ATOM   472  C  C   . ILE A 1 61  ? 5.065   18.243  -8.749  1.00 18.84 ? 61   ILE A C   1 
ATOM   473  O  O   . ILE A 1 61  ? 6.234   18.598  -8.625  1.00 18.96 ? 61   ILE A O   1 
ATOM   474  C  CB  . ILE A 1 61  ? 4.758   16.217  -10.177 1.00 18.60 ? 61   ILE A CB  1 
ATOM   475  C  CG1 . ILE A 1 61  ? 4.621   14.697  -10.137 1.00 21.44 ? 61   ILE A CG1 1 
ATOM   476  C  CG2 . ILE A 1 61  ? 6.072   16.624  -10.857 1.00 18.93 ? 61   ILE A CG2 1 
ATOM   477  C  CD1 . ILE A 1 61  ? 5.811   14.004  -9.418  1.00 23.14 ? 61   ILE A CD1 1 
ATOM   478  N  N   . GLY A 1 62  ? 4.067   19.096  -8.926  1.00 19.24 ? 62   GLY A N   1 
ATOM   479  C  CA  . GLY A 1 62  ? 4.365   20.518  -8.994  1.00 21.11 ? 62   GLY A CA  1 
ATOM   480  C  C   . GLY A 1 62  ? 4.718   20.941  -10.415 1.00 22.68 ? 62   GLY A C   1 
ATOM   481  O  O   . GLY A 1 62  ? 5.404   21.960  -10.623 1.00 23.38 ? 62   GLY A O   1 
ATOM   482  N  N   . ALA A 1 63  ? 4.251   20.165  -11.391 1.00 22.33 ? 63   ALA A N   1 
ATOM   483  C  CA  . ALA A 1 63  ? 4.513   20.436  -12.819 1.00 23.48 ? 63   ALA A CA  1 
ATOM   484  C  C   . ALA A 1 63  ? 3.391   19.859  -13.686 1.00 24.16 ? 63   ALA A C   1 
ATOM   485  O  O   . ALA A 1 63  ? 2.549   19.099  -13.200 1.00 21.71 ? 63   ALA A O   1 
ATOM   486  C  CB  . ALA A 1 63  ? 5.835   19.825  -13.240 1.00 24.21 ? 63   ALA A CB  1 
ATOM   487  N  N   . ASN A 1 64  ? 3.373   20.251  -14.964 1.00 25.01 ? 64   ASN A N   1 
ATOM   488  C  CA  . ASN A 1 64  ? 2.362   19.777  -15.924 1.00 26.70 ? 64   ASN A CA  1 
ATOM   489  C  C   . ASN A 1 64  ? 2.964   18.485  -16.484 1.00 25.36 ? 64   ASN A C   1 
ATOM   490  O  O   . ASN A 1 64  ? 3.809   18.510  -17.392 1.00 25.15 ? 64   ASN A O   1 
ATOM   491  C  CB  . ASN A 1 64  ? 2.200   20.826  -17.036 1.00 28.84 ? 64   ASN A CB  1 
ATOM   492  C  CG  . ASN A 1 64  ? 1.042   20.534  -17.949 1.00 32.17 ? 64   ASN A CG  1 
ATOM   493  O  OD1 . ASN A 1 64  ? 0.713   19.375  -18.199 1.00 35.20 ? 64   ASN A OD1 1 
ATOM   494  N  ND2 . ASN A 1 64  ? 0.418   21.598  -18.479 1.00 36.81 ? 64   ASN A ND2 1 
ATOM   495  N  N   . THR A 1 65  ? 2.529   17.353  -15.938 1.00 25.00 ? 65   THR A N   1 
ATOM   496  C  CA  . THR A 1 65  ? 3.081   16.058  -16.316 1.00 25.48 ? 65   THR A CA  1 
ATOM   497  C  C   . THR A 1 65  ? 2.407   15.318  -17.449 1.00 26.00 ? 65   THR A C   1 
ATOM   498  O  O   . THR A 1 65  ? 3.018   14.440  -18.063 1.00 27.48 ? 65   THR A O   1 
ATOM   499  C  CB  . THR A 1 65  ? 3.054   15.109  -15.125 1.00 24.39 ? 65   THR A CB  1 
ATOM   500  O  OG1 . THR A 1 65  ? 1.695   14.761  -14.844 1.00 26.36 ? 65   THR A OG1 1 
ATOM   501  C  CG2 . THR A 1 65  ? 3.623   15.814  -13.886 1.00 25.22 ? 65   THR A CG2 1 
ATOM   502  N  N   . ASN A 1 66  ? 1.146   15.629  -17.686 1.00 27.13 ? 66   ASN A N   1 
ATOM   503  C  CA  . ASN A 1 66  ? 0.372   14.951  -18.712 1.00 28.50 ? 66   ASN A CA  1 
ATOM   504  C  C   . ASN A 1 66  ? 0.261   13.442  -18.453 1.00 27.22 ? 66   ASN A C   1 
ATOM   505  O  O   . ASN A 1 66  ? 0.139   12.635  -19.390 1.00 26.89 ? 66   ASN A O   1 
ATOM   506  C  CB  . ASN A 1 66  ? 0.992   15.191  -20.090 1.00 32.26 ? 66   ASN A CB  1 
ATOM   507  C  CG  . ASN A 1 66  ? 0.033   14.857  -21.203 1.00 34.27 ? 66   ASN A CG  1 
ATOM   508  O  OD1 . ASN A 1 66  ? -1.183  15.050  -21.060 1.00 35.55 ? 66   ASN A OD1 1 
ATOM   509  N  ND2 . ASN A 1 66  ? 0.562   14.361  -22.317 1.00 36.82 ? 66   ASN A ND2 1 
ATOM   510  N  N   . GLY A 1 67  ? 0.338   13.059  -17.181 1.00 25.71 ? 67   GLY A N   1 
ATOM   511  C  CA  . GLY A 1 67  ? 0.189   11.653  -16.833 1.00 23.18 ? 67   GLY A CA  1 
ATOM   512  C  C   . GLY A 1 67  ? 1.435   10.785  -16.919 1.00 23.36 ? 67   GLY A C   1 
ATOM   513  O  O   . GLY A 1 67  ? 1.315   9.569   -16.871 1.00 23.08 ? 67   GLY A O   1 
ATOM   514  N  N   . VAL A 1 68  ? 2.607   11.392  -17.040 1.00 21.97 ? 68   VAL A N   1 
ATOM   515  C  CA  . VAL A 1 68  ? 3.874   10.664  -17.149 1.00 23.02 ? 68   VAL A CA  1 
ATOM   516  C  C   . VAL A 1 68  ? 4.915   11.300  -16.245 1.00 22.28 ? 68   VAL A C   1 
ATOM   517  O  O   . VAL A 1 68  ? 5.052   12.534  -16.210 1.00 23.33 ? 68   VAL A O   1 
ATOM   518  C  CB  . VAL A 1 68  ? 4.437   10.706  -18.594 1.00 24.19 ? 68   VAL A CB  1 
ATOM   519  C  CG1 . VAL A 1 68  ? 5.749   9.923   -18.685 1.00 24.97 ? 68   VAL A CG1 1 
ATOM   520  C  CG2 . VAL A 1 68  ? 3.393   10.143  -19.554 1.00 24.03 ? 68   VAL A CG2 1 
ATOM   521  N  N   . ILE A 1 69  ? 5.642   10.461  -15.510 1.00 21.14 ? 69   ILE A N   1 
ATOM   522  C  CA  . ILE A 1 69  ? 6.692   10.957  -14.629 1.00 20.15 ? 69   ILE A CA  1 
ATOM   523  C  C   . ILE A 1 69  ? 7.979   10.196  -14.854 1.00 19.89 ? 69   ILE A C   1 
ATOM   524  O  O   . ILE A 1 69  ? 7.997   9.155   -15.506 1.00 20.12 ? 69   ILE A O   1 
ATOM   525  C  CB  . ILE A 1 69  ? 6.315   10.835  -13.119 1.00 19.50 ? 69   ILE A CB  1 
ATOM   526  C  CG1 . ILE A 1 69  ? 5.918   9.403   -12.788 1.00 19.29 ? 69   ILE A CG1 1 
ATOM   527  C  CG2 . ILE A 1 69  ? 5.181   11.821  -12.746 1.00 20.21 ? 69   ILE A CG2 1 
ATOM   528  C  CD1 . ILE A 1 69  ? 5.726   9.189   -11.243 1.00 22.25 ? 69   ILE A CD1 1 
ATOM   529  N  N   . THR A 1 70  ? 9.068   10.727  -14.306 1.00 19.33 ? 70   THR A N   1 
ATOM   530  C  CA  . THR A 1 70  ? 10.369  10.099  -14.407 1.00 19.69 ? 70   THR A CA  1 
ATOM   531  C  C   . THR A 1 70  ? 10.571  9.160   -13.213 1.00 20.08 ? 70   THR A C   1 
ATOM   532  O  O   . THR A 1 70  ? 9.811   9.209   -12.235 1.00 18.57 ? 70   THR A O   1 
ATOM   533  C  CB  . THR A 1 70  ? 11.489  11.152  -14.373 1.00 20.61 ? 70   THR A CB  1 
ATOM   534  O  OG1 . THR A 1 70  ? 11.516  11.798  -13.084 1.00 21.30 ? 70   THR A OG1 1 
ATOM   535  C  CG2 . THR A 1 70  ? 11.230  12.226  -15.428 1.00 21.50 ? 70   THR A CG2 1 
ATOM   536  N  N   . LYS A 1 71  ? 11.609  8.331   -13.282 1.00 19.66 ? 71   LYS A N   1 
ATOM   537  C  CA  . LYS A 1 71  ? 11.889  7.429   -12.179 1.00 19.36 ? 71   LYS A CA  1 
ATOM   538  C  C   . LYS A 1 71  ? 12.191  8.230   -10.906 1.00 19.63 ? 71   LYS A C   1 
ATOM   539  O  O   . LYS A 1 71  ? 11.727  7.868   -9.807  1.00 16.92 ? 71   LYS A O   1 
ATOM   540  C  CB  . LYS A 1 71  ? 13.062  6.493   -12.536 1.00 21.25 ? 71   LYS A CB  1 
ATOM   541  C  CG  . LYS A 1 71  ? 13.474  5.561   -11.403 1.00 22.97 ? 71   LYS A CG  1 
ATOM   542  C  CD  . LYS A 1 71  ? 14.586  4.615   -11.847 1.00 27.50 ? 71   LYS A CD  1 
ATOM   543  C  CE  . LYS A 1 71  ? 14.985  3.669   -10.710 1.00 30.20 ? 71   LYS A CE  1 
ATOM   544  N  NZ  . LYS A 1 71  ? 16.029  2.675   -11.129 1.00 34.56 ? 71   LYS A NZ  1 
ATOM   545  N  N   . ASP A 1 72  ? 12.954  9.313   -11.045 1.00 17.96 ? 72   ASP A N   1 
ATOM   546  C  CA  . ASP A 1 72  ? 13.306  10.160  -9.902  1.00 19.38 ? 72   ASP A CA  1 
ATOM   547  C  C   . ASP A 1 72  ? 12.036  10.701  -9.250  1.00 18.08 ? 72   ASP A C   1 
ATOM   548  O  O   . ASP A 1 72  ? 11.914  10.724  -8.010  1.00 17.97 ? 72   ASP A O   1 
ATOM   549  C  CB  . ASP A 1 72  ? 14.175  11.333  -10.357 1.00 23.16 ? 72   ASP A CB  1 
ATOM   550  C  CG  . ASP A 1 72  ? 15.653  10.972  -10.496 1.00 26.73 ? 72   ASP A CG  1 
ATOM   551  O  OD1 . ASP A 1 72  ? 16.036  9.794   -10.339 1.00 28.86 ? 72   ASP A OD1 1 
ATOM   552  O  OD2 . ASP A 1 72  ? 16.451  11.905  -10.762 1.00 32.04 ? 72   ASP A OD2 1 
ATOM   553  N  N   . GLU A 1 73  ? 11.093  11.163  -10.068 1.00 18.46 ? 73   GLU A N   1 
ATOM   554  C  CA  . GLU A 1 73  ? 9.833   11.674  -9.516  1.00 16.94 ? 73   GLU A CA  1 
ATOM   555  C  C   . GLU A 1 73  ? 9.053   10.553  -8.810  1.00 15.07 ? 73   GLU A C   1 
ATOM   556  O  O   . GLU A 1 73  ? 8.470   10.762  -7.758  1.00 15.74 ? 73   GLU A O   1 
ATOM   557  C  CB  . GLU A 1 73  ? 8.968   12.290  -10.623 1.00 18.17 ? 73   GLU A CB  1 
ATOM   558  C  CG  . GLU A 1 73  ? 9.621   13.569  -11.117 1.00 20.41 ? 73   GLU A CG  1 
ATOM   559  C  CD  . GLU A 1 73  ? 9.017   14.154  -12.383 1.00 20.06 ? 73   GLU A CD  1 
ATOM   560  O  OE1 . GLU A 1 73  ? 8.337   13.425  -13.145 1.00 20.25 ? 73   GLU A OE1 1 
ATOM   561  O  OE2 . GLU A 1 73  ? 9.270   15.372  -12.608 1.00 21.57 ? 73   GLU A OE2 1 
ATOM   562  N  N   . ALA A 1 74  ? 9.035   9.362   -9.399  1.00 14.51 ? 74   ALA A N   1 
ATOM   563  C  CA  . ALA A 1 74  ? 8.300   8.278   -8.769  1.00 13.38 ? 74   ALA A CA  1 
ATOM   564  C  C   . ALA A 1 74  ? 8.913   7.967   -7.414  1.00 14.32 ? 74   ALA A C   1 
ATOM   565  O  O   . ALA A 1 74  ? 8.181   7.678   -6.443  1.00 14.04 ? 74   ALA A O   1 
ATOM   566  C  CB  . ALA A 1 74  ? 8.316   7.003   -9.670  1.00 15.57 ? 74   ALA A CB  1 
ATOM   567  N  N   . GLU A 1 75  ? 10.248  8.049   -7.331  1.00 14.94 ? 75   GLU A N   1 
ATOM   568  C  CA  . GLU A 1 75  ? 10.933  7.759   -6.060  1.00 14.67 ? 75   GLU A CA  1 
ATOM   569  C  C   . GLU A 1 75  ? 10.664  8.859   -5.030  1.00 14.13 ? 75   GLU A C   1 
ATOM   570  O  O   . GLU A 1 75  ? 10.601  8.592   -3.833  1.00 14.68 ? 75   GLU A O   1 
ATOM   571  C  CB  . GLU A 1 75  ? 12.441  7.552   -6.316  1.00 16.02 ? 75   GLU A CB  1 
ATOM   572  C  CG  . GLU A 1 75  ? 12.683  6.254   -7.076  1.00 20.10 ? 75   GLU A CG  1 
ATOM   573  C  CD  . GLU A 1 75  ? 14.136  5.995   -7.427  1.00 22.17 ? 75   GLU A CD  1 
ATOM   574  O  OE1 . GLU A 1 75  ? 14.948  6.952   -7.399  1.00 25.44 ? 75   GLU A OE1 1 
ATOM   575  O  OE2 . GLU A 1 75  ? 14.443  4.820   -7.759  1.00 25.76 ? 75   GLU A OE2 1 
ATOM   576  N  N   . LYS A 1 76  ? 10.481  10.097  -5.485  1.00 15.04 ? 76   LYS A N   1 
ATOM   577  C  CA  . LYS A 1 76  ? 10.163  11.178  -4.552  1.00 15.17 ? 76   LYS A CA  1 
ATOM   578  C  C   . LYS A 1 76  ? 8.761   10.968  -3.970  1.00 14.97 ? 76   LYS A C   1 
ATOM   579  O  O   . LYS A 1 76  ? 8.548   11.093  -2.758  1.00 14.34 ? 76   LYS A O   1 
ATOM   580  C  CB  . LYS A 1 76  ? 10.249  12.534  -5.274  1.00 17.31 ? 76   LYS A CB  1 
ATOM   581  C  CG  . LYS A 1 76  ? 9.962   13.720  -4.368  1.00 21.96 ? 76   LYS A CG  1 
ATOM   582  C  CD  . LYS A 1 76  ? 10.430  15.021  -5.026  1.00 25.75 ? 76   LYS A CD  1 
ATOM   583  C  CE  . LYS A 1 76  ? 10.124  16.245  -4.173  1.00 30.21 ? 76   LYS A CE  1 
ATOM   584  N  NZ  . LYS A 1 76  ? 10.936  16.320  -2.916  1.00 33.08 ? 76   LYS A NZ  1 
ATOM   585  N  N   . LEU A 1 77  ? 7.778   10.646  -4.806  1.00 13.67 ? 77   LEU A N   1 
ATOM   586  C  CA  . LEU A 1 77  ? 6.433   10.415  -4.272  1.00 13.52 ? 77   LEU A CA  1 
ATOM   587  C  C   . LEU A 1 77  ? 6.487   9.206   -3.337  1.00 13.41 ? 77   LEU A C   1 
ATOM   588  O  O   . LEU A 1 77  ? 5.778   9.169   -2.330  1.00 12.08 ? 77   LEU A O   1 
ATOM   589  C  CB  . LEU A 1 77  ? 5.434   10.120  -5.389  1.00 14.20 ? 77   LEU A CB  1 
ATOM   590  C  CG  . LEU A 1 77  ? 5.283   11.234  -6.416  1.00 15.08 ? 77   LEU A CG  1 
ATOM   591  C  CD1 . LEU A 1 77  ? 4.347   10.740  -7.542  1.00 16.66 ? 77   LEU A CD1 1 
ATOM   592  C  CD2 . LEU A 1 77  ? 4.677   12.494  -5.717  1.00 18.72 ? 77   LEU A CD2 1 
ATOM   593  N  N   . PHE A 1 78  ? 7.318   8.211   -3.678  1.00 12.48 ? 78   PHE A N   1 
ATOM   594  C  CA  . PHE A 1 78  ? 7.437   7.007   -2.847  1.00 12.82 ? 78   PHE A CA  1 
ATOM   595  C  C   . PHE A 1 78  ? 8.017   7.351   -1.474  1.00 15.12 ? 78   PHE A C   1 
ATOM   596  O  O   . PHE A 1 78  ? 7.511   6.884   -0.454  1.00 13.44 ? 78   PHE A O   1 
ATOM   597  C  CB  . PHE A 1 78  ? 8.318   5.987   -3.610  1.00 13.52 ? 78   PHE A CB  1 
ATOM   598  C  CG  . PHE A 1 78  ? 8.497   4.631   -2.933  1.00 14.25 ? 78   PHE A CG  1 
ATOM   599  C  CD1 . PHE A 1 78  ? 7.440   3.981   -2.281  1.00 13.86 ? 78   PHE A CD1 1 
ATOM   600  C  CD2 . PHE A 1 78  ? 9.724   3.973   -3.053  1.00 15.75 ? 78   PHE A CD2 1 
ATOM   601  C  CE1 . PHE A 1 78  ? 7.620   2.677   -1.761  1.00 15.61 ? 78   PHE A CE1 1 
ATOM   602  C  CE2 . PHE A 1 78  ? 9.914   2.661   -2.534  1.00 16.40 ? 78   PHE A CE2 1 
ATOM   603  C  CZ  . PHE A 1 78  ? 8.861   2.020   -1.891  1.00 13.17 ? 78   PHE A CZ  1 
ATOM   604  N  N   . ASN A 1 79  ? 9.055   8.190   -1.438  1.00 13.96 ? 79   ASN A N   1 
ATOM   605  C  CA  . ASN A 1 79  ? 9.633   8.581   -0.128  1.00 14.98 ? 79   ASN A CA  1 
ATOM   606  C  C   . ASN A 1 79  ? 8.573   9.288   0.703   1.00 14.32 ? 79   ASN A C   1 
ATOM   607  O  O   . ASN A 1 79  ? 8.425   9.034   1.898   1.00 14.20 ? 79   ASN A O   1 
ATOM   608  C  CB  . ASN A 1 79  ? 10.849  9.515   -0.297  1.00 16.67 ? 79   ASN A CB  1 
ATOM   609  C  CG  . ASN A 1 79  ? 12.110  8.775   -0.713  1.00 21.00 ? 79   ASN A CG  1 
ATOM   610  O  OD1 . ASN A 1 79  ? 12.349  7.644   -0.279  1.00 23.60 ? 79   ASN A OD1 1 
ATOM   611  N  ND2 . ASN A 1 79  ? 12.941  9.422   -1.538  1.00 23.41 ? 79   ASN A ND2 1 
ATOM   612  N  N   . GLN A 1 80  ? 7.807   10.186  0.071   1.00 12.70 ? 80   GLN A N   1 
ATOM   613  C  CA  . GLN A 1 80  ? 6.751   10.872  0.781   1.00 13.31 ? 80   GLN A CA  1 
ATOM   614  C  C   . GLN A 1 80  ? 5.671   9.905   1.281   1.00 13.40 ? 80   GLN A C   1 
ATOM   615  O  O   . GLN A 1 80  ? 5.168   10.033  2.408   1.00 14.47 ? 80   GLN A O   1 
ATOM   616  C  CB  . GLN A 1 80  ? 6.086   11.901  -0.165  1.00 12.36 ? 80   GLN A CB  1 
ATOM   617  C  CG  . GLN A 1 80  ? 7.042   13.015  -0.463  1.00 12.79 ? 80   GLN A CG  1 
ATOM   618  C  CD  . GLN A 1 80  ? 6.513   14.035  -1.459  1.00 15.77 ? 80   GLN A CD  1 
ATOM   619  O  OE1 . GLN A 1 80  ? 7.151   15.087  -1.653  1.00 17.66 ? 80   GLN A OE1 1 
ATOM   620  N  NE2 . GLN A 1 80  ? 5.385   13.732  -2.127  1.00 14.87 ? 80   GLN A NE2 1 
ATOM   621  N  N   . ASP A 1 81  ? 5.310   8.934   0.442   1.00 12.68 ? 81   ASP A N   1 
ATOM   622  C  CA  . ASP A 1 81  ? 4.247   8.009   0.814   1.00 13.62 ? 81   ASP A CA  1 
ATOM   623  C  C   . ASP A 1 81  ? 4.630   7.039   1.905   1.00 14.48 ? 81   ASP A C   1 
ATOM   624  O  O   . ASP A 1 81  ? 3.769   6.652   2.699   1.00 14.80 ? 81   ASP A O   1 
ATOM   625  C  CB  . ASP A 1 81  ? 3.750   7.233   -0.415  1.00 13.92 ? 81   ASP A CB  1 
ATOM   626  C  CG  . ASP A 1 81  ? 3.050   8.127   -1.434  1.00 15.99 ? 81   ASP A CG  1 
ATOM   627  O  OD1 . ASP A 1 81  ? 2.666   9.280   -1.106  1.00 15.36 ? 81   ASP A OD1 1 
ATOM   628  O  OD2 . ASP A 1 81  ? 2.856   7.655   -2.580  1.00 17.49 ? 81   ASP A OD2 1 
ATOM   629  N  N   . VAL A 1 82  ? 5.901   6.626   1.932   1.00 13.87 ? 82   VAL A N   1 
ATOM   630  C  CA  . VAL A 1 82  ? 6.362   5.716   2.995   1.00 14.71 ? 82   VAL A CA  1 
ATOM   631  C  C   . VAL A 1 82  ? 6.351   6.520   4.294   1.00 15.88 ? 82   VAL A C   1 
ATOM   632  O  O   . VAL A 1 82  ? 5.866   6.043   5.322   1.00 14.98 ? 82   VAL A O   1 
ATOM   633  C  CB  . VAL A 1 82  ? 7.793   5.171   2.713   1.00 13.97 ? 82   VAL A CB  1 
ATOM   634  C  CG1 . VAL A 1 82  ? 8.323   4.343   3.908   1.00 15.53 ? 82   VAL A CG1 1 
ATOM   635  C  CG2 . VAL A 1 82  ? 7.736   4.271   1.470   1.00 16.63 ? 82   VAL A CG2 1 
ATOM   636  N  N   . ASP A 1 83  ? 6.845   7.756   4.225   1.00 14.86 ? 83   ASP A N   1 
ATOM   637  C  CA  . ASP A 1 83  ? 6.896   8.642   5.397   1.00 16.68 ? 83   ASP A CA  1 
ATOM   638  C  C   . ASP A 1 83  ? 5.456   8.790   5.924   1.00 16.56 ? 83   ASP A C   1 
ATOM   639  O  O   . ASP A 1 83  ? 5.181   8.659   7.126   1.00 16.66 ? 83   ASP A O   1 
ATOM   640  C  CB  . ASP A 1 83  ? 7.488   9.995   4.927   1.00 18.90 ? 83   ASP A CB  1 
ATOM   641  C  CG  . ASP A 1 83  ? 7.948   10.907  6.051   1.00 24.49 ? 83   ASP A CG  1 
ATOM   642  O  OD1 . ASP A 1 83  ? 7.923   10.507  7.229   1.00 27.31 ? 83   ASP A OD1 1 
ATOM   643  O  OD2 . ASP A 1 83  ? 8.362   12.052  5.722   1.00 25.97 ? 83   ASP A OD2 1 
ATOM   644  N  N   . ALA A 1 84  ? 4.518   9.049   5.018   1.00 17.20 ? 84   ALA A N   1 
ATOM   645  C  CA  . ALA A 1 84  ? 3.129   9.212   5.419   1.00 17.81 ? 84   ALA A CA  1 
ATOM   646  C  C   . ALA A 1 84  ? 2.531   7.957   6.073   1.00 17.91 ? 84   ALA A C   1 
ATOM   647  O  O   . ALA A 1 84  ? 1.730   8.053   7.016   1.00 18.23 ? 84   ALA A O   1 
ATOM   648  C  CB  . ALA A 1 84  ? 2.273   9.606   4.209   1.00 17.60 ? 84   ALA A CB  1 
ATOM   649  N  N   . ALA A 1 85  ? 2.910   6.786   5.575   1.00 16.72 ? 85   ALA A N   1 
ATOM   650  C  CA  . ALA A 1 85  ? 2.386   5.549   6.152   1.00 16.86 ? 85   ALA A CA  1 
ATOM   651  C  C   . ALA A 1 85  ? 2.885   5.382   7.586   1.00 16.86 ? 85   ALA A C   1 
ATOM   652  O  O   . ALA A 1 85  ? 2.120   4.989   8.477   1.00 16.91 ? 85   ALA A O   1 
ATOM   653  C  CB  . ALA A 1 85  ? 2.814   4.348   5.312   1.00 16.96 ? 85   ALA A CB  1 
ATOM   654  N  N   . VAL A 1 86  ? 4.166   5.655   7.796   1.00 16.06 ? 86   VAL A N   1 
ATOM   655  C  CA  . VAL A 1 86  ? 4.739   5.533   9.137   1.00 17.98 ? 86   VAL A CA  1 
ATOM   656  C  C   . VAL A 1 86  ? 4.080   6.566   10.050  1.00 18.61 ? 86   VAL A C   1 
ATOM   657  O  O   . VAL A 1 86  ? 3.671   6.263   11.172  1.00 18.87 ? 86   VAL A O   1 
ATOM   658  C  CB  . VAL A 1 86  ? 6.236   5.786   9.096   1.00 17.63 ? 86   VAL A CB  1 
ATOM   659  C  CG1 . VAL A 1 86  ? 6.831   5.749   10.536  1.00 19.41 ? 86   VAL A CG1 1 
ATOM   660  C  CG2 . VAL A 1 86  ? 6.891   4.738   8.219   1.00 17.93 ? 86   VAL A CG2 1 
ATOM   661  N  N   . ARG A 1 87  ? 3.972   7.798   9.568   1.00 18.62 ? 87   ARG A N   1 
ATOM   662  C  CA  . ARG A 1 87  ? 3.355   8.839   10.372  1.00 23.33 ? 87   ARG A CA  1 
ATOM   663  C  C   . ARG A 1 87  ? 1.922   8.479   10.738  1.00 22.14 ? 87   ARG A C   1 
ATOM   664  O  O   . ARG A 1 87  ? 1.476   8.725   11.872  1.00 21.44 ? 87   ARG A O   1 
ATOM   665  C  CB  . ARG A 1 87  ? 3.419   10.175  9.623   1.00 28.70 ? 87   ARG A CB  1 
ATOM   666  C  CG  . ARG A 1 87  ? 4.844   10.721  9.515   1.00 37.55 ? 87   ARG A CG  1 
ATOM   667  C  CD  . ARG A 1 87  ? 4.869   12.086  8.824   1.00 45.05 ? 87   ARG A CD  1 
ATOM   668  N  NE  . ARG A 1 87  ? 4.069   12.100  7.597   1.00 52.03 ? 87   ARG A NE  1 
ATOM   669  C  CZ  . ARG A 1 87  ? 4.005   13.120  6.743   1.00 54.81 ? 87   ARG A CZ  1 
ATOM   670  N  NH1 . ARG A 1 87  ? 4.704   14.231  6.964   1.00 56.67 ? 87   ARG A NH1 1 
ATOM   671  N  NH2 . ARG A 1 87  ? 3.211   13.043  5.681   1.00 56.85 ? 87   ARG A NH2 1 
ATOM   672  N  N   . GLY A 1 88  ? 1.215   7.857   9.800   1.00 20.25 ? 88   GLY A N   1 
ATOM   673  C  CA  . GLY A 1 88  ? -0.168  7.452   10.039  1.00 18.38 ? 88   GLY A CA  1 
ATOM   674  C  C   . GLY A 1 88  ? -0.304  6.417   11.151  1.00 18.59 ? 88   GLY A C   1 
ATOM   675  O  O   . GLY A 1 88  ? -1.234  6.441   11.968  1.00 19.23 ? 88   GLY A O   1 
ATOM   676  N  N   . ILE A 1 89  ? 0.630   5.484   11.159  1.00 12.70 ? 89   ILE A N   1 
ATOM   677  C  CA  . ILE A 1 89  ? 0.664   4.441   12.158  1.00 12.22 ? 89   ILE A CA  1 
ATOM   678  C  C   . ILE A 1 89  ? 0.919   5.094   13.516  1.00 13.05 ? 89   ILE A C   1 
ATOM   679  O  O   . ILE A 1 89  ? 0.212   4.806   14.483  1.00 12.85 ? 89   ILE A O   1 
ATOM   680  C  CB  . ILE A 1 89  ? 1.815   3.428   11.861  1.00 11.40 ? 89   ILE A CB  1 
ATOM   681  C  CG1 . ILE A 1 89  ? 1.377   2.482   10.710  1.00 12.10 ? 89   ILE A CG1 1 
ATOM   682  C  CG2 . ILE A 1 89  ? 2.152   2.610   13.101  1.00 13.49 ? 89   ILE A CG2 1 
ATOM   683  C  CD1 . ILE A 1 89  ? 2.516   1.614   10.166  1.00 13.54 ? 89   ILE A CD1 1 
ATOM   684  N  N   . LEU A 1 90  ? 1.912   5.963   13.589  1.00 16.44 ? 90   LEU A N   1 
ATOM   685  C  CA  . LEU A 1 90  ? 2.277   6.556   14.870  1.00 19.21 ? 90   LEU A CA  1 
ATOM   686  C  C   . LEU A 1 90  ? 1.227   7.495   15.465  1.00 21.07 ? 90   LEU A C   1 
ATOM   687  O  O   . LEU A 1 90  ? 1.183   7.671   16.686  1.00 23.04 ? 90   LEU A O   1 
ATOM   688  C  CB  . LEU A 1 90  ? 3.647   7.244   14.731  1.00 19.45 ? 90   LEU A CB  1 
ATOM   689  C  CG  . LEU A 1 90  ? 4.820   6.291   14.437  1.00 19.99 ? 90   LEU A CG  1 
ATOM   690  C  CD1 . LEU A 1 90  ? 6.116   7.075   14.205  1.00 22.98 ? 90   LEU A CD1 1 
ATOM   691  C  CD2 . LEU A 1 90  ? 4.997   5.308   15.579  1.00 19.87 ? 90   LEU A CD2 1 
ATOM   692  N  N   . ARG A 1 91  ? 0.355   8.060   14.632  1.00 21.72 ? 91   ARG A N   1 
ATOM   693  C  CA  . ARG A 1 91  ? -0.677  8.959   15.153  1.00 23.37 ? 91   ARG A CA  1 
ATOM   694  C  C   . ARG A 1 91  ? -1.977  8.239   15.454  1.00 23.53 ? 91   ARG A C   1 
ATOM   695  O  O   . ARG A 1 91  ? -2.918  8.845   15.969  1.00 24.31 ? 91   ARG A O   1 
ATOM   696  C  CB  . ARG A 1 91  ? -0.984  10.056  14.138  1.00 26.39 ? 91   ARG A CB  1 
ATOM   697  C  CG  . ARG A 1 91  ? -1.840  9.571   12.980  1.00 32.77 ? 91   ARG A CG  1 
ATOM   698  C  CD  . ARG A 1 91  ? -1.966  10.643  11.914  1.00 38.68 ? 91   ARG A CD  1 
ATOM   699  N  NE  . ARG A 1 91  ? -3.164  10.475  11.103  1.00 42.95 ? 91   ARG A NE  1 
ATOM   700  C  CZ  . ARG A 1 91  ? -3.320  11.027  9.909   1.00 46.61 ? 91   ARG A CZ  1 
ATOM   701  N  NH1 . ARG A 1 91  ? -2.344  11.773  9.405   1.00 48.82 ? 91   ARG A NH1 1 
ATOM   702  N  NH2 . ARG A 1 91  ? -4.447  10.846  9.220   1.00 48.54 ? 91   ARG A NH2 1 
ATOM   703  N  N   . ASN A 1 92  ? -2.035  6.952   15.134  1.00 21.43 ? 92   ASN A N   1 
ATOM   704  C  CA  . ASN A 1 92  ? -3.262  6.179   15.299  1.00 20.72 ? 92   ASN A CA  1 
ATOM   705  C  C   . ASN A 1 92  ? -3.248  5.373   16.591  1.00 20.67 ? 92   ASN A C   1 
ATOM   706  O  O   . ASN A 1 92  ? -2.335  4.586   16.840  1.00 20.40 ? 92   ASN A O   1 
ATOM   707  C  CB  . ASN A 1 92  ? -3.449  5.277   14.070  1.00 20.19 ? 92   ASN A CB  1 
ATOM   708  C  CG  . ASN A 1 92  ? -4.739  4.512   14.115  1.00 19.35 ? 92   ASN A CG  1 
ATOM   709  O  OD1 . ASN A 1 92  ? -4.858  3.527   14.840  1.00 21.14 ? 92   ASN A OD1 1 
ATOM   710  N  ND2 . ASN A 1 92  ? -5.725  4.965   13.352  1.00 19.20 ? 92   ASN A ND2 1 
ATOM   711  N  N   . ALA A 1 93  ? -4.270  5.587   17.423  1.00 20.43 ? 93   ALA A N   1 
ATOM   712  C  CA  . ALA A 1 93  ? -4.337  4.924   18.724  1.00 21.48 ? 93   ALA A CA  1 
ATOM   713  C  C   . ALA A 1 93  ? -4.391  3.407   18.705  1.00 21.01 ? 93   ALA A C   1 
ATOM   714  O  O   . ALA A 1 93  ? -4.044  2.747   19.688  1.00 21.87 ? 93   ALA A O   1 
ATOM   715  C  CB  . ALA A 1 93  ? -5.537  5.480   19.512  1.00 22.30 ? 93   ALA A CB  1 
ATOM   716  N  N   . LYS A 1 94  ? -4.857  2.837   17.602  1.00 21.59 ? 94   LYS A N   1 
ATOM   717  C  CA  . LYS A 1 94  ? -4.916  1.394   17.514  1.00 20.62 ? 94   LYS A CA  1 
ATOM   718  C  C   . LYS A 1 94  ? -3.657  0.798   16.900  1.00 20.37 ? 94   LYS A C   1 
ATOM   719  O  O   . LYS A 1 94  ? -3.192  -0.279  17.312  1.00 21.18 ? 94   LYS A O   1 
ATOM   720  C  CB  . LYS A 1 94  ? -6.124  0.961   16.679  1.00 23.27 ? 94   LYS A CB  1 
ATOM   721  C  CG  . LYS A 1 94  ? -7.478  1.269   17.313  1.00 28.28 ? 94   LYS A CG  1 
ATOM   722  C  CD  . LYS A 1 94  ? -8.579  0.853   16.357  1.00 31.01 ? 94   LYS A CD  1 
ATOM   723  C  CE  . LYS A 1 94  ? -9.966  0.926   17.004  1.00 34.66 ? 94   LYS A CE  1 
ATOM   724  N  NZ  . LYS A 1 94  ? -11.008 0.390   16.060  1.00 37.73 ? 94   LYS A NZ  1 
ATOM   725  N  N   . LEU A 1 95  ? -3.092  1.480   15.910  1.00 18.74 ? 95   LEU A N   1 
ATOM   726  C  CA  . LEU A 1 95  ? -1.916  0.941   15.242  1.00 16.94 ? 95   LEU A CA  1 
ATOM   727  C  C   . LEU A 1 95  ? -0.612  1.162   15.991  1.00 17.27 ? 95   LEU A C   1 
ATOM   728  O  O   . LEU A 1 95  ? 0.264   0.288   15.953  1.00 18.28 ? 95   LEU A O   1 
ATOM   729  C  CB  . LEU A 1 95  ? -1.761  1.526   13.832  1.00 16.71 ? 95   LEU A CB  1 
ATOM   730  C  CG  . LEU A 1 95  ? -2.934  1.219   12.889  1.00 15.74 ? 95   LEU A CG  1 
ATOM   731  C  CD1 . LEU A 1 95  ? -2.788  2.069   11.620  1.00 16.60 ? 95   LEU A CD1 1 
ATOM   732  C  CD2 . LEU A 1 95  ? -2.926  -0.273  12.501  1.00 18.18 ? 95   LEU A CD2 1 
ATOM   733  N  N   . LYS A 1 96  ? -0.474  2.312   16.665  1.00 15.91 ? 96   LYS A N   1 
ATOM   734  C  CA  . LYS A 1 96  ? 0.792   2.597   17.328  1.00 17.81 ? 96   LYS A CA  1 
ATOM   735  C  C   . LYS A 1 96  ? 1.199   1.531   18.339  1.00 17.01 ? 96   LYS A C   1 
ATOM   736  O  O   . LYS A 1 96  ? 2.315   1.019   18.294  1.00 15.86 ? 96   LYS A O   1 
ATOM   737  C  CB  . LYS A 1 96  ? 0.783   3.984   18.004  1.00 18.11 ? 96   LYS A CB  1 
ATOM   738  C  CG  . LYS A 1 96  ? 2.166   4.294   18.608  1.00 20.64 ? 96   LYS A CG  1 
ATOM   739  C  CD  . LYS A 1 96  ? 2.233   5.627   19.307  1.00 25.67 ? 96   LYS A CD  1 
ATOM   740  C  CE  . LYS A 1 96  ? 3.584   5.774   20.036  1.00 28.94 ? 96   LYS A CE  1 
ATOM   741  N  NZ  . LYS A 1 96  ? 3.670   7.084   20.778  1.00 34.15 ? 96   LYS A NZ  1 
ATOM   742  N  N   . PRO A 1 97  ? 0.295   1.157   19.253  1.00 18.24 ? 97   PRO A N   1 
ATOM   743  C  CA  . PRO A 1 97  ? 0.733   0.123   20.206  1.00 18.18 ? 97   PRO A CA  1 
ATOM   744  C  C   . PRO A 1 97  ? 1.150   -1.194  19.574  1.00 17.67 ? 97   PRO A C   1 
ATOM   745  O  O   . PRO A 1 97  ? 2.019   -1.892  20.082  1.00 16.29 ? 97   PRO A O   1 
ATOM   746  C  CB  . PRO A 1 97  ? -0.455  -0.046  21.157  1.00 19.60 ? 97   PRO A CB  1 
ATOM   747  C  CG  . PRO A 1 97  ? -1.637  0.566   20.415  1.00 21.25 ? 97   PRO A CG  1 
ATOM   748  C  CD  . PRO A 1 97  ? -1.090  1.604   19.473  1.00 18.23 ? 97   PRO A CD  1 
ATOM   749  N  N   . VAL A 1 98  ? 0.507   -1.562  18.469  1.00 17.71 ? 98   VAL A N   1 
ATOM   750  C  CA  . VAL A 1 98  ? 0.898   -2.796  17.798  1.00 16.60 ? 98   VAL A CA  1 
ATOM   751  C  C   . VAL A 1 98  ? 2.294   -2.608  17.173  1.00 16.42 ? 98   VAL A C   1 
ATOM   752  O  O   . VAL A 1 98  ? 3.187   -3.440  17.351  1.00 15.98 ? 98   VAL A O   1 
ATOM   753  C  CB  . VAL A 1 98  ? -0.118  -3.161  16.702  1.00 18.58 ? 98   VAL A CB  1 
ATOM   754  C  CG1 . VAL A 1 98  ? 0.337   -4.444  15.945  1.00 18.07 ? 98   VAL A CG1 1 
ATOM   755  C  CG2 . VAL A 1 98  ? -1.474  -3.424  17.354  1.00 19.07 ? 98   VAL A CG2 1 
ATOM   756  N  N   . TYR A 1 99  ? 2.471   -1.513  16.447  1.00 15.49 ? 99   TYR A N   1 
ATOM   757  C  CA  . TYR A 1 99  ? 3.752   -1.209  15.812  1.00 15.73 ? 99   TYR A CA  1 
ATOM   758  C  C   . TYR A 1 99  ? 4.871   -1.217  16.858  1.00 16.28 ? 99   TYR A C   1 
ATOM   759  O  O   . TYR A 1 99  ? 5.912   -1.832  16.663  1.00 16.07 ? 99   TYR A O   1 
ATOM   760  C  CB  . TYR A 1 99  ? 3.653   0.174   15.153  1.00 17.04 ? 99   TYR A CB  1 
ATOM   761  C  CG  . TYR A 1 99  ? 4.864   0.569   14.346  1.00 19.31 ? 99   TYR A CG  1 
ATOM   762  C  CD1 . TYR A 1 99  ? 5.042   0.100   13.044  1.00 19.36 ? 99   TYR A CD1 1 
ATOM   763  C  CD2 . TYR A 1 99  ? 5.816   1.436   14.865  1.00 20.15 ? 99   TYR A CD2 1 
ATOM   764  C  CE1 . TYR A 1 99  ? 6.143   0.504   12.280  1.00 20.25 ? 99   TYR A CE1 1 
ATOM   765  C  CE2 . TYR A 1 99  ? 6.918   1.842   14.110  1.00 22.47 ? 99   TYR A CE2 1 
ATOM   766  C  CZ  . TYR A 1 99  ? 7.068   1.373   12.813  1.00 21.30 ? 99   TYR A CZ  1 
ATOM   767  O  OH  . TYR A 1 99  ? 8.135   1.786   12.041  1.00 24.64 ? 99   TYR A OH  1 
ATOM   768  N  N   . ASP A 1 100 ? 4.630   -0.566  17.991  1.00 17.23 ? 100  ASP A N   1 
ATOM   769  C  CA  . ASP A 1 100 ? 5.665   -0.513  19.022  1.00 17.50 ? 100  ASP A CA  1 
ATOM   770  C  C   . ASP A 1 100 ? 5.994   -1.883  19.600  1.00 18.41 ? 100  ASP A C   1 
ATOM   771  O  O   . ASP A 1 100 ? 7.112   -2.097  20.077  1.00 18.25 ? 100  ASP A O   1 
ATOM   772  C  CB  . ASP A 1 100 ? 5.264   0.435   20.163  1.00 20.20 ? 100  ASP A CB  1 
ATOM   773  C  CG  . ASP A 1 100 ? 5.240   1.883   19.751  1.00 23.74 ? 100  ASP A CG  1 
ATOM   774  O  OD1 . ASP A 1 100 ? 5.905   2.254   18.750  1.00 26.58 ? 100  ASP A OD1 1 
ATOM   775  O  OD2 . ASP A 1 100 ? 4.540   2.656   20.455  1.00 29.03 ? 100  ASP A OD2 1 
ATOM   776  N  N   . SER A 1 101 ? 5.043   -2.818  19.569  1.00 16.72 ? 101  SER A N   1 
ATOM   777  C  CA  . SER A 1 101 ? 5.281   -4.150  20.106  1.00 17.63 ? 101  SER A CA  1 
ATOM   778  C  C   . SER A 1 101 ? 6.046   -5.061  19.146  1.00 18.80 ? 101  SER A C   1 
ATOM   779  O  O   . SER A 1 101 ? 6.547   -6.111  19.544  1.00 19.51 ? 101  SER A O   1 
ATOM   780  C  CB  . SER A 1 101 ? 3.942   -4.825  20.447  1.00 19.43 ? 101  SER A CB  1 
ATOM   781  O  OG  . SER A 1 101 ? 3.364   -5.337  19.257  1.00 18.91 ? 101  SER A OG  1 
ATOM   782  N  N   . LEU A 1 102 ? 6.130   -4.667  17.873  1.00 17.27 ? 102  LEU A N   1 
ATOM   783  C  CA  . LEU A 1 102 ? 6.775   -5.525  16.870  1.00 16.96 ? 102  LEU A CA  1 
ATOM   784  C  C   . LEU A 1 102 ? 8.268   -5.272  16.677  1.00 16.80 ? 102  LEU A C   1 
ATOM   785  O  O   . LEU A 1 102 ? 8.771   -4.196  16.985  1.00 18.40 ? 102  LEU A O   1 
ATOM   786  C  CB  . LEU A 1 102 ? 6.114   -5.325  15.499  1.00 17.13 ? 102  LEU A CB  1 
ATOM   787  C  CG  . LEU A 1 102 ? 4.614   -5.627  15.471  1.00 15.56 ? 102  LEU A CG  1 
ATOM   788  C  CD1 . LEU A 1 102 ? 3.998   -5.113  14.156  1.00 13.96 ? 102  LEU A CD1 1 
ATOM   789  C  CD2 . LEU A 1 102 ? 4.416   -7.161  15.634  1.00 16.69 ? 102  LEU A CD2 1 
ATOM   790  N  N   . ASP A 1 103 ? 8.923   -6.292  16.140  1.00 17.27 ? 103  ASP A N   1 
ATOM   791  C  CA  . ASP A 1 103 ? 10.338  -6.241  15.770  1.00 17.76 ? 103  ASP A CA  1 
ATOM   792  C  C   . ASP A 1 103 ? 10.379  -5.529  14.403  1.00 19.74 ? 103  ASP A C   1 
ATOM   793  O  O   . ASP A 1 103 ? 9.330   -5.343  13.739  1.00 19.03 ? 103  ASP A O   1 
ATOM   794  C  CB  . ASP A 1 103 ? 10.868  -7.667  15.657  1.00 16.58 ? 103  ASP A CB  1 
ATOM   795  C  CG  . ASP A 1 103 ? 10.026  -8.502  14.722  1.00 19.63 ? 103  ASP A CG  1 
ATOM   796  O  OD1 . ASP A 1 103 ? 8.994   -9.062  15.169  1.00 19.99 ? 103  ASP A OD1 1 
ATOM   797  O  OD2 . ASP A 1 103 ? 10.389  -8.561  13.538  1.00 22.10 ? 103  ASP A OD2 1 
ATOM   798  N  N   . ALA A 1 104 ? 11.578  -5.151  13.979  1.00 19.00 ? 104  ALA A N   1 
ATOM   799  C  CA  . ALA A 1 104 ? 11.763  -4.387  12.757  1.00 18.93 ? 104  ALA A CA  1 
ATOM   800  C  C   . ALA A 1 104 ? 11.171  -4.979  11.497  1.00 18.02 ? 104  ALA A C   1 
ATOM   801  O  O   . ALA A 1 104 ? 10.600  -4.231  10.686  1.00 18.39 ? 104  ALA A O   1 
ATOM   802  C  CB  . ALA A 1 104 ? 13.279  -4.083  12.542  1.00 20.58 ? 104  ALA A CB  1 
ATOM   803  N  N   . VAL A 1 105 ? 11.299  -6.289  11.321  1.00 16.46 ? 105  VAL A N   1 
ATOM   804  C  CA  . VAL A 1 105 ? 10.789  -6.933  10.115  1.00 16.92 ? 105  VAL A CA  1 
ATOM   805  C  C   . VAL A 1 105 ? 9.287   -6.899  10.117  1.00 15.53 ? 105  VAL A C   1 
ATOM   806  O  O   . VAL A 1 105 ? 8.675   -6.586  9.107   1.00 14.78 ? 105  VAL A O   1 
ATOM   807  C  CB  . VAL A 1 105 ? 11.251  -8.379  10.019  1.00 17.75 ? 105  VAL A CB  1 
ATOM   808  C  CG1 . VAL A 1 105 ? 10.646  -9.062  8.772   1.00 19.00 ? 105  VAL A CG1 1 
ATOM   809  C  CG2 . VAL A 1 105 ? 12.784  -8.399  9.995   1.00 20.10 ? 105  VAL A CG2 1 
ATOM   810  N  N   . ARG A 1 106 ? 8.679   -7.206  11.263  1.00 14.29 ? 106  ARG A N   1 
ATOM   811  C  CA  . ARG A 1 106 ? 7.231   -7.193  11.315  1.00 12.71 ? 106  ARG A CA  1 
ATOM   812  C  C   . ARG A 1 106 ? 6.706   -5.749  11.243  1.00 13.07 ? 106  ARG A C   1 
ATOM   813  O  O   . ARG A 1 106 ? 5.608   -5.517  10.763  1.00 14.34 ? 106  ARG A O   1 
ATOM   814  C  CB  . ARG A 1 106 ? 6.768   -7.912  12.590  1.00 12.82 ? 106  ARG A CB  1 
ATOM   815  C  CG  . ARG A 1 106 ? 7.033   -9.394  12.477  1.00 14.59 ? 106  ARG A CG  1 
ATOM   816  C  CD  . ARG A 1 106 ? 6.368   -10.132 13.641  1.00 15.12 ? 106  ARG A CD  1 
ATOM   817  N  NE  . ARG A 1 106 ? 6.415   -11.578 13.500  1.00 15.34 ? 106  ARG A NE  1 
ATOM   818  C  CZ  . ARG A 1 106 ? 7.379   -12.357 14.011  1.00 17.95 ? 106  ARG A CZ  1 
ATOM   819  N  NH1 . ARG A 1 106 ? 8.385   -11.817 14.697  1.00 18.37 ? 106  ARG A NH1 1 
ATOM   820  N  NH2 . ARG A 1 106 ? 7.319   -13.681 13.849  1.00 18.52 ? 106  ARG A NH2 1 
ATOM   821  N  N   . ARG A 1 107 ? 7.490   -4.779  11.709  1.00 12.96 ? 107  ARG A N   1 
ATOM   822  C  CA  . ARG A 1 107 ? 7.068   -3.392  11.604  1.00 13.34 ? 107  ARG A CA  1 
ATOM   823  C  C   . ARG A 1 107 ? 6.930   -3.073  10.120  1.00 13.75 ? 107  ARG A C   1 
ATOM   824  O  O   . ARG A 1 107 ? 5.997   -2.353  9.726   1.00 13.30 ? 107  ARG A O   1 
ATOM   825  C  CB  . ARG A 1 107 ? 8.099   -2.439  12.241  1.00 14.61 ? 107  ARG A CB  1 
ATOM   826  C  CG  . ARG A 1 107 ? 7.919   -2.358  13.751  1.00 15.04 ? 107  ARG A CG  1 
ATOM   827  C  CD  . ARG A 1 107 ? 8.928   -1.403  14.432  1.00 17.88 ? 107  ARG A CD  1 
ATOM   828  N  NE  . ARG A 1 107 ? 8.662   -1.412  15.885  1.00 20.35 ? 107  ARG A NE  1 
ATOM   829  C  CZ  . ARG A 1 107 ? 9.490   -0.949  16.821  1.00 20.44 ? 107  ARG A CZ  1 
ATOM   830  N  NH1 . ARG A 1 107 ? 10.661  -0.409  16.473  1.00 21.23 ? 107  ARG A NH1 1 
ATOM   831  N  NH2 . ARG A 1 107 ? 9.174   -1.066  18.117  1.00 22.60 ? 107  ARG A NH2 1 
ATOM   832  N  N   . ALA A 1 108 ? 7.867   -3.588  9.312   1.00 14.19 ? 108  ALA A N   1 
ATOM   833  C  CA  . ALA A 1 108 ? 7.810   -3.328  7.875   1.00 13.45 ? 108  ALA A CA  1 
ATOM   834  C  C   . ALA A 1 108 ? 6.559   -3.921  7.277   1.00 13.91 ? 108  ALA A C   1 
ATOM   835  O  O   . ALA A 1 108 ? 5.947   -3.329  6.382   1.00 14.14 ? 108  ALA A O   1 
ATOM   836  C  CB  . ALA A 1 108 ? 9.009   -3.898  7.173   1.00 13.66 ? 108  ALA A CB  1 
ATOM   837  N  N   . ALA A 1 109 ? 6.181   -5.113  7.737   1.00 13.43 ? 109  ALA A N   1 
ATOM   838  C  CA  . ALA A 1 109 ? 4.960   -5.705  7.190   1.00 13.22 ? 109  ALA A CA  1 
ATOM   839  C  C   . ALA A 1 109 ? 3.744   -4.838  7.509   1.00 13.81 ? 109  ALA A C   1 
ATOM   840  O  O   . ALA A 1 109 ? 2.818   -4.728  6.686   1.00 13.74 ? 109  ALA A O   1 
ATOM   841  C  CB  . ALA A 1 109 ? 4.744   -7.119  7.751   1.00 14.10 ? 109  ALA A CB  1 
ATOM   842  N  N   . LEU A 1 110 ? 3.715   -4.234  8.695   1.00 13.12 ? 110  LEU A N   1 
ATOM   843  C  CA  . LEU A 1 110 ? 2.552   -3.392  9.036   1.00 11.91 ? 110  LEU A CA  1 
ATOM   844  C  C   . LEU A 1 110 ? 2.580   -2.120  8.191   1.00 12.71 ? 110  LEU A C   1 
ATOM   845  O  O   . LEU A 1 110 ? 1.528   -1.651  7.717   1.00 14.47 ? 110  LEU A O   1 
ATOM   846  C  CB  . LEU A 1 110 ? 2.541   -3.031  10.523  1.00 12.93 ? 110  LEU A CB  1 
ATOM   847  C  CG  . LEU A 1 110 ? 1.308   -2.312  11.069  1.00 13.47 ? 110  LEU A CG  1 
ATOM   848  C  CD1 . LEU A 1 110 ? 0.116   -3.231  11.037  1.00 15.02 ? 110  LEU A CD1 1 
ATOM   849  C  CD2 . LEU A 1 110 ? 1.583   -1.888  12.532  1.00 16.13 ? 110  LEU A CD2 1 
ATOM   850  N  N   . ILE A 1 111 ? 3.770   -1.561  7.970   1.00 13.72 ? 111  ILE A N   1 
ATOM   851  C  CA  . ILE A 1 111 ? 3.845   -0.348  7.141   1.00 12.72 ? 111  ILE A CA  1 
ATOM   852  C  C   . ILE A 1 111 ? 3.356   -0.733  5.736   1.00 12.85 ? 111  ILE A C   1 
ATOM   853  O  O   . ILE A 1 111 ? 2.612   0.027   5.093   1.00 14.15 ? 111  ILE A O   1 
ATOM   854  C  CB  . ILE A 1 111 ? 5.292   0.167   7.047   1.00 13.20 ? 111  ILE A CB  1 
ATOM   855  C  CG1 . ILE A 1 111 ? 5.731   0.634   8.436   1.00 13.58 ? 111  ILE A CG1 1 
ATOM   856  C  CG2 . ILE A 1 111 ? 5.421   1.313   6.041   1.00 14.05 ? 111  ILE A CG2 1 
ATOM   857  C  CD1 . ILE A 1 111 ? 7.265   0.801   8.519   1.00 17.04 ? 111  ILE A CD1 1 
ATOM   858  N  N   . ASN A 1 112 ? 3.725   -1.922  5.273   1.00 12.90 ? 112  ASN A N   1 
ATOM   859  C  CA  . ASN A 1 112 ? 3.309   -2.352  3.925   1.00 11.43 ? 112  ASN A CA  1 
ATOM   860  C  C   . ASN A 1 112 ? 1.787   -2.341  3.814   1.00 13.61 ? 112  ASN A C   1 
ATOM   861  O  O   . ASN A 1 112 ? 1.218   -1.829  2.837   1.00 12.33 ? 112  ASN A O   1 
ATOM   862  C  CB  . ASN A 1 112 ? 3.870   -3.758  3.642   1.00 13.20 ? 112  ASN A CB  1 
ATOM   863  C  CG  . ASN A 1 112 ? 3.719   -4.201  2.193   1.00 12.75 ? 112  ASN A CG  1 
ATOM   864  O  OD1 . ASN A 1 112 ? 2.628   -4.177  1.628   1.00 13.90 ? 112  ASN A OD1 1 
ATOM   865  N  ND2 . ASN A 1 112 ? 4.818   -4.670  1.612   1.00 12.34 ? 112  ASN A ND2 1 
ATOM   866  N  N   . MET A 1 113 ? 1.107   -2.889  4.815   1.00 12.35 ? 113  MET A N   1 
ATOM   867  C  CA  . MET A 1 113 ? -0.350  -2.923  4.777   1.00 12.41 ? 113  MET A CA  1 
ATOM   868  C  C   . MET A 1 113 ? -0.936  -1.506  4.775   1.00 12.36 ? 113  MET A C   1 
ATOM   869  O  O   . MET A 1 113 ? -1.925  -1.239  4.083   1.00 14.05 ? 113  MET A O   1 
ATOM   870  C  CB  . MET A 1 113 ? -0.899  -3.672  6.001   1.00 12.77 ? 113  MET A CB  1 
ATOM   871  C  CG  . MET A 1 113 ? -0.651  -5.174  5.951   1.00 12.22 ? 113  MET A CG  1 
ATOM   872  S  SD  . MET A 1 113 ? -1.434  -6.007  7.362   1.00 15.98 ? 113  MET A SD  1 
ATOM   873  C  CE  . MET A 1 113 ? -3.165  -5.970  6.863   1.00 14.27 ? 113  MET A CE  1 
ATOM   874  N  N   . VAL A 1 114 ? -0.377  -0.629  5.608   1.00 12.23 ? 114  VAL A N   1 
ATOM   875  C  CA  . VAL A 1 114 ? -0.892  0.725   5.705   1.00 14.01 ? 114  VAL A CA  1 
ATOM   876  C  C   . VAL A 1 114 ? -0.669  1.475   4.408   1.00 14.43 ? 114  VAL A C   1 
ATOM   877  O  O   . VAL A 1 114 ? -1.502  2.279   3.989   1.00 17.27 ? 114  VAL A O   1 
ATOM   878  C  CB  . VAL A 1 114 ? -0.235  1.470   6.871   1.00 13.35 ? 114  VAL A CB  1 
ATOM   879  C  CG1 . VAL A 1 114 ? -0.608  2.936   6.824   1.00 14.05 ? 114  VAL A CG1 1 
ATOM   880  C  CG2 . VAL A 1 114 ? -0.760  0.879   8.185   1.00 13.67 ? 114  VAL A CG2 1 
ATOM   881  N  N   . PHE A 1 115 ? 0.446   1.181   3.757   1.00 13.15 ? 115  PHE A N   1 
ATOM   882  C  CA  . PHE A 1 115 ? 0.760   1.840   2.480   1.00 13.51 ? 115  PHE A CA  1 
ATOM   883  C  C   . PHE A 1 115 ? -0.277  1.413   1.439   1.00 15.21 ? 115  PHE A C   1 
ATOM   884  O  O   . PHE A 1 115 ? -0.755  2.232   0.629   1.00 15.45 ? 115  PHE A O   1 
ATOM   885  C  CB  . PHE A 1 115 ? 2.173   1.414   2.062   1.00 13.92 ? 115  PHE A CB  1 
ATOM   886  C  CG  . PHE A 1 115 ? 2.714   2.140   0.847   1.00 14.77 ? 115  PHE A CG  1 
ATOM   887  C  CD1 . PHE A 1 115 ? 2.401   1.705   -0.432  1.00 16.09 ? 115  PHE A CD1 1 
ATOM   888  C  CD2 . PHE A 1 115 ? 3.578   3.218   1.000   1.00 16.94 ? 115  PHE A CD2 1 
ATOM   889  C  CE1 . PHE A 1 115 ? 2.951   2.342   -1.559  1.00 16.43 ? 115  PHE A CE1 1 
ATOM   890  C  CE2 . PHE A 1 115 ? 4.132   3.863   -0.104  1.00 15.94 ? 115  PHE A CE2 1 
ATOM   891  C  CZ  . PHE A 1 115 ? 3.815   3.420   -1.401  1.00 15.28 ? 115  PHE A CZ  1 
ATOM   892  N  N   . GLN A 1 116 ? -0.630  0.136   1.445   1.00 14.11 ? 116  GLN A N   1 
ATOM   893  C  CA  . GLN A 1 116 ? -1.595  -0.352  0.480   1.00 15.16 ? 116  GLN A CA  1 
ATOM   894  C  C   . GLN A 1 116 ? -3.054  0.027   0.755   1.00 15.19 ? 116  GLN A C   1 
ATOM   895  O  O   . GLN A 1 116 ? -3.779  0.460   -0.166  1.00 17.36 ? 116  GLN A O   1 
ATOM   896  C  CB  . GLN A 1 116 ? -1.520  -1.883  0.386   1.00 14.46 ? 116  GLN A CB  1 
ATOM   897  C  CG  . GLN A 1 116 ? -2.512  -2.467  -0.630  1.00 16.15 ? 116  GLN A CG  1 
ATOM   898  C  CD  . GLN A 1 116 ? -2.414  -3.978  -0.748  1.00 14.77 ? 116  GLN A CD  1 
ATOM   899  O  OE1 . GLN A 1 116 ? -1.692  -4.638  0.015   1.00 16.56 ? 116  GLN A OE1 1 
ATOM   900  N  NE2 . GLN A 1 116 ? -3.139  -4.547  -1.720  1.00 17.51 ? 116  GLN A NE2 1 
ATOM   901  N  N   . MET A 1 117 ? -3.461  -0.067  2.021   1.00 11.09 ? 117  MET A N   1 
ATOM   902  C  CA  . MET A 1 117 ? -4.867  0.141   2.384   1.00 11.53 ? 117  MET A CA  1 
ATOM   903  C  C   . MET A 1 117 ? -5.220  1.373   3.177   1.00 11.66 ? 117  MET A C   1 
ATOM   904  O  O   . MET A 1 117 ? -6.434  1.636   3.374   1.00 12.48 ? 117  MET A O   1 
ATOM   905  C  CB  . MET A 1 117 ? -5.356  -1.107  3.156   1.00 10.97 ? 117  MET A CB  1 
ATOM   906  C  CG  . MET A 1 117 ? -5.463  -2.337  2.285   1.00 12.94 ? 117  MET A CG  1 
ATOM   907  S  SD  . MET A 1 117 ? -5.894  -3.791  3.180   1.00 16.67 ? 117  MET A SD  1 
ATOM   908  C  CE  . MET A 1 117 ? -4.362  -4.249  3.852   1.00 12.85 ? 117  MET A CE  1 
ATOM   909  N  N   . GLY A 1 118 ? -4.215  2.122   3.610   1.00 16.53 ? 118  GLY A N   1 
ATOM   910  C  CA  . GLY A 1 118 ? -4.425  3.322   4.418   1.00 17.17 ? 118  GLY A CA  1 
ATOM   911  C  C   . GLY A 1 118 ? -4.583  3.023   5.909   1.00 18.93 ? 118  GLY A C   1 
ATOM   912  O  O   . GLY A 1 118 ? -4.983  1.926   6.302   1.00 18.80 ? 118  GLY A O   1 
ATOM   913  N  N   . GLU A 1 119 ? -4.270  4.035   6.718   1.00 20.06 ? 119  GLU A N   1 
ATOM   914  C  CA  . GLU A 1 119 ? -4.338  3.983   8.179   1.00 22.56 ? 119  GLU A CA  1 
ATOM   915  C  C   . GLU A 1 119 ? -5.672  3.458   8.684   1.00 22.55 ? 119  GLU A C   1 
ATOM   916  O  O   . GLU A 1 119 ? -5.744  2.494   9.449   1.00 21.18 ? 119  GLU A O   1 
ATOM   917  C  CB  . GLU A 1 119 ? -4.143  5.407   8.708   1.00 24.29 ? 119  GLU A CB  1 
ATOM   918  C  CG  . GLU A 1 119 ? -4.174  5.572   10.213  1.00 29.73 ? 119  GLU A CG  1 
ATOM   919  C  CD  . GLU A 1 119 ? -4.328  7.030   10.611  1.00 30.97 ? 119  GLU A CD  1 
ATOM   920  O  OE1 . GLU A 1 119 ? -3.842  7.905   9.856   1.00 32.40 ? 119  GLU A OE1 1 
ATOM   921  O  OE2 . GLU A 1 119 ? -4.908  7.308   11.686  1.00 32.66 ? 119  GLU A OE2 1 
ATOM   922  N  N   . THR A 1 120 ? -6.751  4.126   8.283   1.00 21.32 ? 120  THR A N   1 
ATOM   923  C  CA  . THR A 1 120 ? -8.061  3.716   8.757   1.00 23.00 ? 120  THR A CA  1 
ATOM   924  C  C   . THR A 1 120 ? -8.437  2.278   8.391   1.00 21.58 ? 120  THR A C   1 
ATOM   925  O  O   . THR A 1 120 ? -9.026  1.550   9.197   1.00 21.50 ? 120  THR A O   1 
ATOM   926  C  CB  . THR A 1 120 ? -9.128  4.701   8.249   1.00 24.65 ? 120  THR A CB  1 
ATOM   927  O  OG1 . THR A 1 120 ? -8.893  5.966   8.872   1.00 26.81 ? 120  THR A OG1 1 
ATOM   928  C  CG2 . THR A 1 120 ? -10.516 4.220   8.593   1.00 27.31 ? 120  THR A CG2 1 
ATOM   929  N  N   . GLY A 1 121 ? -8.079  1.855   7.185   1.00 22.14 ? 121  GLY A N   1 
ATOM   930  C  CA  . GLY A 1 121 ? -8.394  0.502   6.784   1.00 20.22 ? 121  GLY A CA  1 
ATOM   931  C  C   . GLY A 1 121 ? -7.696  -0.553  7.643   1.00 20.28 ? 121  GLY A C   1 
ATOM   932  O  O   . GLY A 1 121 ? -8.336  -1.516  8.116   1.00 20.98 ? 121  GLY A O   1 
ATOM   933  N  N   . VAL A 1 122 ? -6.400  -0.373  7.872   1.00 18.47 ? 122  VAL A N   1 
ATOM   934  C  CA  . VAL A 1 122 ? -5.657  -1.366  8.656   1.00 16.85 ? 122  VAL A CA  1 
ATOM   935  C  C   . VAL A 1 122 ? -6.062  -1.322  10.132  1.00 18.26 ? 122  VAL A C   1 
ATOM   936  O  O   . VAL A 1 122 ? -6.110  -2.368  10.811  1.00 17.48 ? 122  VAL A O   1 
ATOM   937  C  CB  . VAL A 1 122 ? -4.140  -1.161  8.533   1.00 18.01 ? 122  VAL A CB  1 
ATOM   938  C  CG1 . VAL A 1 122 ? -3.389  -2.267  9.327   1.00 15.34 ? 122  VAL A CG1 1 
ATOM   939  C  CG2 . VAL A 1 122 ? -3.745  -1.216  7.066   1.00 16.69 ? 122  VAL A CG2 1 
ATOM   940  N  N   . ALA A 1 123 ? -6.360  -0.125  10.620  1.00 18.50 ? 123  ALA A N   1 
ATOM   941  C  CA  . ALA A 1 123 ? -6.762  0.014   12.025  1.00 20.51 ? 123  ALA A CA  1 
ATOM   942  C  C   . ALA A 1 123 ? -8.053  -0.742  12.294  1.00 21.90 ? 123  ALA A C   1 
ATOM   943  O  O   . ALA A 1 123 ? -8.380  -1.039  13.460  1.00 23.84 ? 123  ALA A O   1 
ATOM   944  C  CB  . ALA A 1 123 ? -6.923  1.508   12.391  1.00 20.76 ? 123  ALA A CB  1 
ATOM   945  N  N   . GLY A 1 124 ? -8.786  -1.056  11.221  1.00 22.12 ? 124  GLY A N   1 
ATOM   946  C  CA  . GLY A 1 124 ? -10.035 -1.792  11.359  1.00 22.23 ? 124  GLY A CA  1 
ATOM   947  C  C   . GLY A 1 124 ? -9.861  -3.302  11.530  1.00 22.86 ? 124  GLY A C   1 
ATOM   948  O  O   . GLY A 1 124 ? -10.834 -3.988  11.871  1.00 23.20 ? 124  GLY A O   1 
ATOM   949  N  N   . PHE A 1 125 ? -8.647  -3.826  11.288  1.00 21.10 ? 125  PHE A N   1 
ATOM   950  C  CA  . PHE A 1 125 ? -8.374  -5.273  11.420  1.00 20.88 ? 125  PHE A CA  1 
ATOM   951  C  C   . PHE A 1 125 ? -8.197  -5.560  12.908  1.00 19.83 ? 125  PHE A C   1 
ATOM   952  O  O   . PHE A 1 125 ? -7.187  -6.107  13.325  1.00 17.47 ? 125  PHE A O   1 
ATOM   953  C  CB  . PHE A 1 125 ? -7.073  -5.669  10.701  1.00 19.78 ? 125  PHE A CB  1 
ATOM   954  C  CG  . PHE A 1 125 ? -7.212  -5.891  9.220   1.00 21.68 ? 125  PHE A CG  1 
ATOM   955  C  CD1 . PHE A 1 125 ? -7.615  -4.867  8.387   1.00 23.63 ? 125  PHE A CD1 1 
ATOM   956  C  CD2 . PHE A 1 125 ? -6.924  -7.140  8.669   1.00 22.81 ? 125  PHE A CD2 1 
ATOM   957  C  CE1 . PHE A 1 125 ? -7.738  -5.074  6.989   1.00 24.84 ? 125  PHE A CE1 1 
ATOM   958  C  CE2 . PHE A 1 125 ? -7.041  -7.369  7.282   1.00 24.28 ? 125  PHE A CE2 1 
ATOM   959  C  CZ  . PHE A 1 125 ? -7.450  -6.325  6.447   1.00 22.70 ? 125  PHE A CZ  1 
ATOM   960  N  N   . THR A 1 126 ? -9.210  -5.237  13.694  1.00 19.73 ? 126  THR A N   1 
ATOM   961  C  CA  . THR A 1 126 ? -9.112  -5.372  15.137  1.00 20.94 ? 126  THR A CA  1 
ATOM   962  C  C   . THR A 1 126 ? -8.627  -6.704  15.698  1.00 20.19 ? 126  THR A C   1 
ATOM   963  O  O   . THR A 1 126 ? -7.738  -6.737  16.559  1.00 20.16 ? 126  THR A O   1 
ATOM   964  C  CB  . THR A 1 126 ? -10.435 -4.996  15.781  1.00 23.34 ? 126  THR A CB  1 
ATOM   965  O  OG1 . THR A 1 126 ? -10.832 -3.700  15.301  1.00 26.43 ? 126  THR A OG1 1 
ATOM   966  C  CG2 . THR A 1 126 ? -10.260 -4.894  17.311  1.00 24.65 ? 126  THR A CG2 1 
ATOM   967  N  N   . ASN A 1 127 ? -9.180  -7.807  15.202  1.00 19.47 ? 127  ASN A N   1 
ATOM   968  C  CA  . ASN A 1 127 ? -8.786  -9.103  15.694  1.00 18.61 ? 127  ASN A CA  1 
ATOM   969  C  C   . ASN A 1 127 ? -7.364  -9.512  15.316  1.00 18.86 ? 127  ASN A C   1 
ATOM   970  O  O   . ASN A 1 127 ? -6.636  -10.091 16.137  1.00 18.17 ? 127  ASN A O   1 
ATOM   971  C  CB  . ASN A 1 127 ? -9.815  -10.129 15.242  1.00 22.28 ? 127  ASN A CB  1 
ATOM   972  C  CG  . ASN A 1 127 ? -11.206 -9.775  15.744  1.00 24.39 ? 127  ASN A CG  1 
ATOM   973  O  OD1 . ASN A 1 127 ? -11.360 -9.373  16.901  1.00 28.19 ? 127  ASN A OD1 1 
ATOM   974  N  ND2 . ASN A 1 127 ? -12.220 -9.899  14.881  1.00 24.28 ? 127  ASN A ND2 1 
ATOM   975  N  N   . SER A 1 128 ? -6.950  -9.177  14.092  1.00 17.01 ? 128  SER A N   1 
ATOM   976  C  CA  . SER A 1 128 ? -5.586  -9.508  13.655  1.00 17.45 ? 128  SER A CA  1 
ATOM   977  C  C   . SER A 1 128 ? -4.582  -8.679  14.457  1.00 15.96 ? 128  SER A C   1 
ATOM   978  O  O   . SER A 1 128 ? -3.523  -9.179  14.858  1.00 15.44 ? 128  SER A O   1 
ATOM   979  C  CB  . SER A 1 128 ? -5.397  -9.180  12.173  1.00 20.01 ? 128  SER A CB  1 
ATOM   980  O  OG  . SER A 1 128 ? -6.029  -10.150 11.360  1.00 26.52 ? 128  SER A OG  1 
ATOM   981  N  N   . LEU A 1 129 ? -4.900  -7.417  14.670  1.00 15.80 ? 129  LEU A N   1 
ATOM   982  C  CA  . LEU A 1 129 ? -3.984  -6.543  15.424  1.00 15.15 ? 129  LEU A CA  1 
ATOM   983  C  C   . LEU A 1 129 ? -3.792  -7.072  16.828  1.00 16.61 ? 129  LEU A C   1 
ATOM   984  O  O   . LEU A 1 129 ? -2.684  -7.045  17.363  1.00 17.77 ? 129  LEU A O   1 
ATOM   985  C  CB  . LEU A 1 129 ? -4.534  -5.114  15.521  1.00 16.59 ? 129  LEU A CB  1 
ATOM   986  C  CG  . LEU A 1 129 ? -4.541  -4.398  14.179  1.00 17.31 ? 129  LEU A CG  1 
ATOM   987  C  CD1 . LEU A 1 129 ? -5.312  -3.090  14.295  1.00 18.53 ? 129  LEU A CD1 1 
ATOM   988  C  CD2 . LEU A 1 129 ? -3.089  -4.156  13.764  1.00 19.08 ? 129  LEU A CD2 1 
ATOM   989  N  N   . ARG A 1 130 ? -4.867  -7.547  17.434  1.00 16.82 ? 130  ARG A N   1 
ATOM   990  C  CA  . ARG A 1 130 ? -4.727  -8.063  18.800  1.00 17.92 ? 130  ARG A CA  1 
ATOM   991  C  C   . ARG A 1 130 ? -3.834  -9.308  18.797  1.00 17.91 ? 130  ARG A C   1 
ATOM   992  O  O   . ARG A 1 130 ? -2.995  -9.479  19.686  1.00 17.36 ? 130  ARG A O   1 
ATOM   993  C  CB  . ARG A 1 130 ? -6.096  -8.408  19.381  1.00 20.44 ? 130  ARG A CB  1 
ATOM   994  C  CG  . ARG A 1 130 ? -6.030  -9.013  20.771  1.00 25.71 ? 130  ARG A CG  1 
ATOM   995  C  CD  . ARG A 1 130 ? -7.431  -9.422  21.223  1.00 29.85 ? 130  ARG A CD  1 
ATOM   996  N  NE  . ARG A 1 130 ? -7.907  -10.594 20.489  1.00 32.94 ? 130  ARG A NE  1 
ATOM   997  C  CZ  . ARG A 1 130 ? -8.945  -10.600 19.647  1.00 34.13 ? 130  ARG A CZ  1 
ATOM   998  N  NH1 . ARG A 1 130 ? -9.644  -9.485  19.416  1.00 34.90 ? 130  ARG A NH1 1 
ATOM   999  N  NH2 . ARG A 1 130 ? -9.268  -11.726 19.021  1.00 35.73 ? 130  ARG A NH2 1 
ATOM   1000 N  N   . MET A 1 131 ? -4.009  -10.192 17.810  1.00 17.21 ? 131  MET A N   1 
ATOM   1001 C  CA  . MET A 1 131 ? -3.178  -11.391 17.751  1.00 16.05 ? 131  MET A CA  1 
ATOM   1002 C  C   . MET A 1 131 ? -1.721  -11.029 17.530  1.00 16.13 ? 131  MET A C   1 
ATOM   1003 O  O   . MET A 1 131 ? -0.849  -11.674 18.088  1.00 16.35 ? 131  MET A O   1 
ATOM   1004 C  CB  . MET A 1 131 ? -3.650  -12.326 16.643  1.00 17.17 ? 131  MET A CB  1 
ATOM   1005 C  CG  . MET A 1 131 ? -5.025  -12.873 16.933  1.00 18.93 ? 131  MET A CG  1 
ATOM   1006 S  SD  . MET A 1 131 ? -5.672  -13.715 15.493  1.00 19.56 ? 131  MET A SD  1 
ATOM   1007 C  CE  . MET A 1 131 ? -7.444  -13.802 15.991  1.00 21.35 ? 131  MET A CE  1 
ATOM   1008 N  N   . LEU A 1 132 ? -1.463  -10.031 16.678  1.00 15.97 ? 132  LEU A N   1 
ATOM   1009 C  CA  . LEU A 1 132 ? -0.086  -9.579  16.459  1.00 15.41 ? 132  LEU A CA  1 
ATOM   1010 C  C   . LEU A 1 132 ? 0.531   -9.070  17.762  1.00 15.35 ? 132  LEU A C   1 
ATOM   1011 O  O   . LEU A 1 132 ? 1.703   -9.408  18.081  1.00 16.97 ? 132  LEU A O   1 
ATOM   1012 C  CB  . LEU A 1 132 ? -0.028  -8.447  15.419  1.00 15.93 ? 132  LEU A CB  1 
ATOM   1013 C  CG  . LEU A 1 132 ? -0.345  -8.965  14.017  1.00 14.74 ? 132  LEU A CG  1 
ATOM   1014 C  CD1 . LEU A 1 132 ? -0.393  -7.746  13.054  1.00 14.92 ? 132  LEU A CD1 1 
ATOM   1015 C  CD2 . LEU A 1 132 ? 0.669   -9.966  13.528  1.00 14.47 ? 132  LEU A CD2 1 
ATOM   1016 N  N   . GLN A 1 133 ? -0.224  -8.244  18.485  1.00 15.95 ? 133  GLN A N   1 
ATOM   1017 C  CA  . GLN A 1 133 ? 0.252   -7.675  19.763  1.00 19.28 ? 133  GLN A CA  1 
ATOM   1018 C  C   . GLN A 1 133 ? 0.544   -8.803  20.762  1.00 18.95 ? 133  GLN A C   1 
ATOM   1019 O  O   . GLN A 1 133 ? 1.459   -8.700  21.592  1.00 18.65 ? 133  GLN A O   1 
ATOM   1020 C  CB  . GLN A 1 133 ? -0.801  -6.708  20.329  1.00 22.33 ? 133  GLN A CB  1 
ATOM   1021 C  CG  . GLN A 1 133 ? -0.453  -6.168  21.703  1.00 30.90 ? 133  GLN A CG  1 
ATOM   1022 C  CD  . GLN A 1 133 ? -0.521  -4.660  21.769  1.00 35.56 ? 133  GLN A CD  1 
ATOM   1023 O  OE1 . GLN A 1 133 ? -1.283  -4.030  21.033  1.00 40.41 ? 133  GLN A OE1 1 
ATOM   1024 N  NE2 . GLN A 1 133 ? 0.274   -4.064  22.673  1.00 40.20 ? 133  GLN A NE2 1 
ATOM   1025 N  N   . GLN A 1 134 ? -0.209  -9.895  20.656  1.00 18.08 ? 134  GLN A N   1 
ATOM   1026 C  CA  . GLN A 1 134 ? -0.029  -11.050 21.540  1.00 18.94 ? 134  GLN A CA  1 
ATOM   1027 C  C   . GLN A 1 134 ? 1.050   -12.040 21.019  1.00 19.68 ? 134  GLN A C   1 
ATOM   1028 O  O   . GLN A 1 134 ? 1.323   -13.088 21.639  1.00 20.55 ? 134  GLN A O   1 
ATOM   1029 C  CB  . GLN A 1 134 ? -1.373  -11.767 21.711  1.00 19.91 ? 134  GLN A CB  1 
ATOM   1030 C  CG  . GLN A 1 134 ? -2.353  -11.031 22.590  1.00 22.95 ? 134  GLN A CG  1 
ATOM   1031 C  CD  . GLN A 1 134 ? -3.743  -11.662 22.620  1.00 25.59 ? 134  GLN A CD  1 
ATOM   1032 O  OE1 . GLN A 1 134 ? -4.534  -11.382 23.510  1.00 29.36 ? 134  GLN A OE1 1 
ATOM   1033 N  NE2 . GLN A 1 134 ? -4.043  -12.484 21.637  1.00 26.71 ? 134  GLN A NE2 1 
ATOM   1034 N  N   . LYS A 1 135 ? 1.662   -11.703 19.880  1.00 17.85 ? 135  LYS A N   1 
ATOM   1035 C  CA  . LYS A 1 135 ? 2.669   -12.537 19.242  1.00 17.84 ? 135  LYS A CA  1 
ATOM   1036 C  C   . LYS A 1 135 ? 2.181   -13.961 18.903  1.00 18.58 ? 135  LYS A C   1 
ATOM   1037 O  O   . LYS A 1 135 ? 2.941   -14.945 18.883  1.00 20.55 ? 135  LYS A O   1 
ATOM   1038 C  CB  . LYS A 1 135 ? 3.957   -12.549 20.079  1.00 18.47 ? 135  LYS A CB  1 
ATOM   1039 C  CG  . LYS A 1 135 ? 4.387   -11.134 20.460  1.00 17.60 ? 135  LYS A CG  1 
ATOM   1040 C  CD  . LYS A 1 135 ? 5.838   -11.133 20.983  1.00 19.45 ? 135  LYS A CD  1 
ATOM   1041 C  CE  . LYS A 1 135 ? 6.326   -9.722  21.286  1.00 18.96 ? 135  LYS A CE  1 
ATOM   1042 N  NZ  . LYS A 1 135 ? 6.446   -8.839  20.099  1.00 20.97 ? 135  LYS A NZ  1 
ATOM   1043 N  N   . ARG A 1 136 ? 0.897   -14.041 18.586  1.00 17.98 ? 136  ARG A N   1 
ATOM   1044 C  CA  . ARG A 1 136 ? 0.280   -15.293 18.181  1.00 18.10 ? 136  ARG A CA  1 
ATOM   1045 C  C   . ARG A 1 136 ? 0.377   -15.242 16.642  1.00 18.01 ? 136  ARG A C   1 
ATOM   1046 O  O   . ARG A 1 136 ? -0.612  -15.070 15.948  1.00 17.24 ? 136  ARG A O   1 
ATOM   1047 C  CB  . ARG A 1 136 ? -1.165  -15.310 18.676  1.00 19.37 ? 136  ARG A CB  1 
ATOM   1048 C  CG  . ARG A 1 136 ? -1.300  -15.429 20.203  1.00 22.18 ? 136  ARG A CG  1 
ATOM   1049 C  CD  . ARG A 1 136 ? -2.765  -15.313 20.630  1.00 24.70 ? 136  ARG A CD  1 
ATOM   1050 N  NE  . ARG A 1 136 ? -2.933  -15.429 22.077  1.00 28.39 ? 136  ARG A NE  1 
ATOM   1051 C  CZ  . ARG A 1 136 ? -3.518  -16.464 22.683  1.00 31.02 ? 136  ARG A CZ  1 
ATOM   1052 N  NH1 . ARG A 1 136 ? -3.991  -17.485 21.974  1.00 30.94 ? 136  ARG A NH1 1 
ATOM   1053 N  NH2 . ARG A 1 136 ? -3.634  -16.474 24.001  1.00 29.27 ? 136  ARG A NH2 1 
ATOM   1054 N  N   . TRP A 1 137 ? 1.583   -15.430 16.123  1.00 17.83 ? 137  TRP A N   1 
ATOM   1055 C  CA  . TRP A 1 137 ? 1.851   -15.287 14.683  1.00 17.13 ? 137  TRP A CA  1 
ATOM   1056 C  C   . TRP A 1 137 ? 1.032   -16.175 13.773  1.00 18.90 ? 137  TRP A C   1 
ATOM   1057 O  O   . TRP A 1 137 ? 0.429   -15.679 12.820  1.00 17.60 ? 137  TRP A O   1 
ATOM   1058 C  CB  . TRP A 1 137 ? 3.360   -15.481 14.418  1.00 17.39 ? 137  TRP A CB  1 
ATOM   1059 C  CG  . TRP A 1 137 ? 4.264   -14.686 15.379  1.00 16.55 ? 137  TRP A CG  1 
ATOM   1060 C  CD1 . TRP A 1 137 ? 5.319   -15.175 16.117  1.00 17.79 ? 137  TRP A CD1 1 
ATOM   1061 C  CD2 . TRP A 1 137 ? 4.211   -13.269 15.665  1.00 16.58 ? 137  TRP A CD2 1 
ATOM   1062 N  NE1 . TRP A 1 137 ? 5.921   -14.170 16.835  1.00 16.92 ? 137  TRP A NE1 1 
ATOM   1063 C  CE2 . TRP A 1 137 ? 5.263   -12.986 16.579  1.00 18.37 ? 137  TRP A CE2 1 
ATOM   1064 C  CE3 . TRP A 1 137 ? 3.382   -12.217 15.239  1.00 15.52 ? 137  TRP A CE3 1 
ATOM   1065 C  CZ2 . TRP A 1 137 ? 5.504   -11.710 17.065  1.00 16.00 ? 137  TRP A CZ2 1 
ATOM   1066 C  CZ3 . TRP A 1 137 ? 3.629   -10.938 15.723  1.00 15.69 ? 137  TRP A CZ3 1 
ATOM   1067 C  CH2 . TRP A 1 137 ? 4.679   -10.687 16.629  1.00 15.79 ? 137  TRP A CH2 1 
ATOM   1068 N  N   . ASP A 1 138 ? 0.989   -17.484 14.059  1.00 18.51 ? 138  ASP A N   1 
ATOM   1069 C  CA  . ASP A 1 138 ? 0.216   -18.363 13.199  1.00 21.74 ? 138  ASP A CA  1 
ATOM   1070 C  C   . ASP A 1 138 ? -1.277  -18.030 13.219  1.00 20.38 ? 138  ASP A C   1 
ATOM   1071 O  O   . ASP A 1 138 ? -1.928  -18.079 12.178  1.00 22.47 ? 138  ASP A O   1 
ATOM   1072 C  CB  . ASP A 1 138 ? 0.485   -19.824 13.575  1.00 23.59 ? 138  ASP A CB  1 
ATOM   1073 C  CG  . ASP A 1 138 ? 1.895   -20.266 13.183  1.00 27.61 ? 138  ASP A CG  1 
ATOM   1074 O  OD1 . ASP A 1 138 ? 2.439   -19.721 12.195  1.00 30.61 ? 138  ASP A OD1 1 
ATOM   1075 O  OD2 . ASP A 1 138 ? 2.456   -21.156 13.846  1.00 32.46 ? 138  ASP A OD2 1 
ATOM   1076 N  N   . GLU A 1 139 ? -1.822  -17.697 14.390  1.00 19.62 ? 139  GLU A N   1 
ATOM   1077 C  CA  . GLU A 1 139 ? -3.225  -17.319 14.486  1.00 19.01 ? 139  GLU A CA  1 
ATOM   1078 C  C   . GLU A 1 139 ? -3.483  -16.020 13.710  1.00 18.31 ? 139  GLU A C   1 
ATOM   1079 O  O   . GLU A 1 139 ? -4.499  -15.897 13.027  1.00 17.77 ? 139  GLU A O   1 
ATOM   1080 C  CB  . GLU A 1 139 ? -3.632  -17.097 15.935  1.00 22.16 ? 139  GLU A CB  1 
ATOM   1081 C  CG  . GLU A 1 139 ? -3.683  -18.352 16.759  1.00 26.21 ? 139  GLU A CG  1 
ATOM   1082 C  CD  . GLU A 1 139 ? -4.195  -18.059 18.163  1.00 29.23 ? 139  GLU A CD  1 
ATOM   1083 O  OE1 . GLU A 1 139 ? -5.327  -17.532 18.298  1.00 32.45 ? 139  GLU A OE1 1 
ATOM   1084 O  OE2 . GLU A 1 139 ? -3.463  -18.352 19.131  1.00 33.46 ? 139  GLU A OE2 1 
ATOM   1085 N  N   . ALA A 1 140 ? -2.562  -15.060 13.837  1.00 17.88 ? 140  ALA A N   1 
ATOM   1086 C  CA  . ALA A 1 140 ? -2.707  -13.790 13.125  1.00 16.64 ? 140  ALA A CA  1 
ATOM   1087 C  C   . ALA A 1 140 ? -2.687  -14.075 11.619  1.00 17.26 ? 140  ALA A C   1 
ATOM   1088 O  O   . ALA A 1 140 ? -3.482  -13.517 10.867  1.00 18.29 ? 140  ALA A O   1 
ATOM   1089 C  CB  . ALA A 1 140 ? -1.573  -12.831 13.512  1.00 16.90 ? 140  ALA A CB  1 
ATOM   1090 N  N   . ALA A 1 141 ? -1.775  -14.938 11.179  1.00 16.95 ? 141  ALA A N   1 
ATOM   1091 C  CA  . ALA A 1 141 ? -1.686  -15.272 9.765   1.00 17.84 ? 141  ALA A CA  1 
ATOM   1092 C  C   . ALA A 1 141 ? -2.969  -15.869 9.218   1.00 17.91 ? 141  ALA A C   1 
ATOM   1093 O  O   . ALA A 1 141 ? -3.384  -15.547 8.109   1.00 18.35 ? 141  ALA A O   1 
ATOM   1094 C  CB  . ALA A 1 141 ? -0.529  -16.229 9.525   1.00 18.62 ? 141  ALA A CB  1 
ATOM   1095 N  N   . VAL A 1 142 ? -3.602  -16.756 9.988   1.00 17.88 ? 142  VAL A N   1 
ATOM   1096 C  CA  . VAL A 1 142 ? -4.848  -17.367 9.541   1.00 19.14 ? 142  VAL A CA  1 
ATOM   1097 C  C   . VAL A 1 142 ? -5.928  -16.299 9.475   1.00 18.57 ? 142  VAL A C   1 
ATOM   1098 O  O   . VAL A 1 142 ? -6.705  -16.238 8.516   1.00 20.30 ? 142  VAL A O   1 
ATOM   1099 C  CB  . VAL A 1 142 ? -5.310  -18.482 10.534  1.00 19.68 ? 142  VAL A CB  1 
ATOM   1100 C  CG1 . VAL A 1 142 ? -6.722  -18.951 10.176  1.00 20.02 ? 142  VAL A CG1 1 
ATOM   1101 C  CG2 . VAL A 1 142 ? -4.349  -19.648 10.454  1.00 20.56 ? 142  VAL A CG2 1 
ATOM   1102 N  N   . ASN A 1 143 ? -5.960  -15.430 10.486  1.00 19.35 ? 143  ASN A N   1 
ATOM   1103 C  CA  . ASN A 1 143 ? -6.995  -14.396 10.527  1.00 17.06 ? 143  ASN A CA  1 
ATOM   1104 C  C   . ASN A 1 143 ? -6.835  -13.347 9.405   1.00 17.01 ? 143  ASN A C   1 
ATOM   1105 O  O   . ASN A 1 143 ? -7.815  -12.890 8.835   1.00 17.46 ? 143  ASN A O   1 
ATOM   1106 C  CB  . ASN A 1 143 ? -6.988  -13.697 11.893  1.00 18.59 ? 143  ASN A CB  1 
ATOM   1107 C  CG  . ASN A 1 143 ? -8.149  -12.746 12.056  1.00 17.45 ? 143  ASN A CG  1 
ATOM   1108 O  OD1 . ASN A 1 143 ? -8.016  -11.545 11.839  1.00 21.19 ? 143  ASN A OD1 1 
ATOM   1109 N  ND2 . ASN A 1 143 ? -9.302  -13.277 12.422  1.00 22.10 ? 143  ASN A ND2 1 
ATOM   1110 N  N   . LEU A 1 144 ? -5.596  -12.966 9.117   1.00 16.31 ? 144  LEU A N   1 
ATOM   1111 C  CA  . LEU A 1 144 ? -5.349  -11.962 8.066   1.00 16.40 ? 144  LEU A CA  1 
ATOM   1112 C  C   . LEU A 1 144 ? -5.814  -12.420 6.676   1.00 16.61 ? 144  LEU A C   1 
ATOM   1113 O  O   . LEU A 1 144 ? -6.241  -11.603 5.855   1.00 16.82 ? 144  LEU A O   1 
ATOM   1114 C  CB  . LEU A 1 144 ? -3.854  -11.626 8.000   1.00 15.31 ? 144  LEU A CB  1 
ATOM   1115 C  CG  . LEU A 1 144 ? -3.323  -10.790 9.163   1.00 17.24 ? 144  LEU A CG  1 
ATOM   1116 C  CD1 . LEU A 1 144 ? -1.790  -10.911 9.223   1.00 17.19 ? 144  LEU A CD1 1 
ATOM   1117 C  CD2 . LEU A 1 144 ? -3.762  -9.349  8.973   1.00 18.34 ? 144  LEU A CD2 1 
ATOM   1118 N  N   . ALA A 1 145 ? -5.745  -13.718 6.420   1.00 16.21 ? 145  ALA A N   1 
ATOM   1119 C  CA  . ALA A 1 145 ? -6.160  -14.246 5.114   1.00 17.60 ? 145  ALA A CA  1 
ATOM   1120 C  C   . ALA A 1 145 ? -7.663  -14.252 4.904   1.00 17.67 ? 145  ALA A C   1 
ATOM   1121 O  O   . ALA A 1 145 ? -8.137  -14.411 3.769   1.00 17.94 ? 145  ALA A O   1 
ATOM   1122 C  CB  . ALA A 1 145 ? -5.601  -15.686 4.915   1.00 16.90 ? 145  ALA A CB  1 
ATOM   1123 N  N   . LYS A 1 146 ? -8.430  -14.099 5.986   1.00 17.36 ? 146  LYS A N   1 
ATOM   1124 C  CA  . LYS A 1 146 ? -9.886  -14.090 5.897   1.00 18.08 ? 146  LYS A CA  1 
ATOM   1125 C  C   . LYS A 1 146 ? -10.264 -12.642 5.626   1.00 17.09 ? 146  LYS A C   1 
ATOM   1126 O  O   . LYS A 1 146 ? -10.875 -11.973 6.465   1.00 16.47 ? 146  LYS A O   1 
ATOM   1127 C  CB  . LYS A 1 146 ? -10.511 -14.547 7.219   1.00 19.96 ? 146  LYS A CB  1 
ATOM   1128 C  CG  . LYS A 1 146 ? -10.281 -16.016 7.576   1.00 24.71 ? 146  LYS A CG  1 
ATOM   1129 C  CD  . LYS A 1 146 ? -10.941 -16.281 8.941   1.00 28.57 ? 146  LYS A CD  1 
ATOM   1130 C  CE  . LYS A 1 146 ? -11.465 -17.697 9.101   1.00 33.96 ? 146  LYS A CE  1 
ATOM   1131 N  NZ  . LYS A 1 146 ? -10.358 -18.699 9.252   1.00 35.34 ? 146  LYS A NZ  1 
ATOM   1132 N  N   . SER A 1 147 ? -9.910  -12.159 4.443   1.00 15.16 ? 147  SER A N   1 
ATOM   1133 C  CA  . SER A 1 147 ? -10.157 -10.760 4.142   1.00 15.64 ? 147  SER A CA  1 
ATOM   1134 C  C   . SER A 1 147 ? -10.281 -10.450 2.661   1.00 14.58 ? 147  SER A C   1 
ATOM   1135 O  O   . SER A 1 147 ? -9.743  -11.162 1.831   1.00 15.55 ? 147  SER A O   1 
ATOM   1136 C  CB  . SER A 1 147 ? -8.979  -9.930  4.676   1.00 14.04 ? 147  SER A CB  1 
ATOM   1137 O  OG  . SER A 1 147 ? -7.763  -10.331 4.033   1.00 15.35 ? 147  SER A OG  1 
ATOM   1138 N  N   . ARG A 1 148 ? -10.980 -9.377  2.345   1.00 14.16 ? 148  ARG A N   1 
ATOM   1139 C  CA  . ARG A 1 148 ? -11.063 -8.954  0.946   1.00 15.01 ? 148  ARG A CA  1 
ATOM   1140 C  C   . ARG A 1 148 ? -9.651  -8.658  0.475   1.00 14.27 ? 148  ARG A C   1 
ATOM   1141 O  O   . ARG A 1 148 ? -9.281  -8.940  -0.663  1.00 15.16 ? 148  ARG A O   1 
ATOM   1142 C  CB  . ARG A 1 148 ? -11.920 -7.694  0.824   1.00 15.85 ? 148  ARG A CB  1 
ATOM   1143 C  CG  . ARG A 1 148 ? -12.000 -7.208  -0.620  1.00 18.35 ? 148  ARG A CG  1 
ATOM   1144 C  CD  . ARG A 1 148 ? -13.086 -6.162  -0.801  1.00 22.52 ? 148  ARG A CD  1 
ATOM   1145 N  NE  . ARG A 1 148 ? -13.387 -6.030  -2.223  1.00 28.51 ? 148  ARG A NE  1 
ATOM   1146 C  CZ  . ARG A 1 148 ? -12.696 -5.273  -3.051  1.00 28.78 ? 148  ARG A CZ  1 
ATOM   1147 N  NH1 . ARG A 1 148 ? -11.673 -4.565  -2.591  1.00 30.85 ? 148  ARG A NH1 1 
ATOM   1148 N  NH2 . ARG A 1 148 ? -13.008 -5.252  -4.351  1.00 29.05 ? 148  ARG A NH2 1 
ATOM   1149 N  N   . TRP A 1 149 ? -8.840  -8.077  1.367   1.00 14.32 ? 149  TRP A N   1 
ATOM   1150 C  CA  . TRP A 1 149 ? -7.450  -7.781  1.010   1.00 15.75 ? 149  TRP A CA  1 
ATOM   1151 C  C   . TRP A 1 149 ? -6.750  -9.027  0.432   1.00 15.59 ? 149  TRP A C   1 
ATOM   1152 O  O   . TRP A 1 149 ? -6.196  -9.004  -0.670  1.00 16.18 ? 149  TRP A O   1 
ATOM   1153 C  CB  . TRP A 1 149 ? -6.729  -7.279  2.268   1.00 15.42 ? 149  TRP A CB  1 
ATOM   1154 C  CG  . TRP A 1 149 ? -5.217  -7.213  2.139   1.00 15.36 ? 149  TRP A CG  1 
ATOM   1155 C  CD1 . TRP A 1 149 ? -4.500  -6.470  1.252   1.00 15.72 ? 149  TRP A CD1 1 
ATOM   1156 C  CD2 . TRP A 1 149 ? -4.260  -7.846  2.994   1.00 14.01 ? 149  TRP A CD2 1 
ATOM   1157 N  NE1 . TRP A 1 149 ? -3.158  -6.598  1.493   1.00 15.49 ? 149  TRP A NE1 1 
ATOM   1158 C  CE2 . TRP A 1 149 ? -2.981  -7.431  2.566   1.00 13.74 ? 149  TRP A CE2 1 
ATOM   1159 C  CE3 . TRP A 1 149 ? -4.363  -8.715  4.081   1.00 15.71 ? 149  TRP A CE3 1 
ATOM   1160 C  CZ2 . TRP A 1 149 ? -1.805  -7.850  3.196   1.00 14.06 ? 149  TRP A CZ2 1 
ATOM   1161 C  CZ3 . TRP A 1 149 ? -3.208  -9.139  4.714   1.00 14.35 ? 149  TRP A CZ3 1 
ATOM   1162 C  CH2 . TRP A 1 149 ? -1.927  -8.702  4.266   1.00 13.45 ? 149  TRP A CH2 1 
ATOM   1163 N  N   . TYR A 1 150 ? -6.805  -10.128 1.165   1.00 15.01 ? 150  TYR A N   1 
ATOM   1164 C  CA  . TYR A 1 150 ? -6.151  -11.359 0.738   1.00 16.57 ? 150  TYR A CA  1 
ATOM   1165 C  C   . TYR A 1 150 ? -6.763  -11.895 -0.560  1.00 17.01 ? 150  TYR A C   1 
ATOM   1166 O  O   . TYR A 1 150 ? -6.048  -12.299 -1.483  1.00 17.98 ? 150  TYR A O   1 
ATOM   1167 C  CB  . TYR A 1 150 ? -6.293  -12.408 1.835   1.00 16.85 ? 150  TYR A CB  1 
ATOM   1168 C  CG  . TYR A 1 150 ? -5.619  -13.711 1.511   1.00 19.51 ? 150  TYR A CG  1 
ATOM   1169 C  CD1 . TYR A 1 150 ? -4.304  -13.947 1.903   1.00 19.94 ? 150  TYR A CD1 1 
ATOM   1170 C  CD2 . TYR A 1 150 ? -6.303  -14.704 0.809   1.00 22.16 ? 150  TYR A CD2 1 
ATOM   1171 C  CE1 . TYR A 1 150 ? -3.671  -15.157 1.602   1.00 23.65 ? 150  TYR A CE1 1 
ATOM   1172 C  CE2 . TYR A 1 150 ? -5.691  -15.908 0.503   1.00 24.70 ? 150  TYR A CE2 1 
ATOM   1173 C  CZ  . TYR A 1 150 ? -4.378  -16.126 0.902   1.00 25.50 ? 150  TYR A CZ  1 
ATOM   1174 O  OH  . TYR A 1 150 ? -3.776  -17.332 0.581   1.00 29.55 ? 150  TYR A OH  1 
ATOM   1175 N  N   . ASN A 1 151 ? -8.093  -11.868 -0.633  1.00 17.08 ? 151  ASN A N   1 
ATOM   1176 C  CA  . ASN A 1 151 ? -8.759  -12.381 -1.822  1.00 15.41 ? 151  ASN A CA  1 
ATOM   1177 C  C   . ASN A 1 151 ? -8.454  -11.571 -3.069  1.00 17.30 ? 151  ASN A C   1 
ATOM   1178 O  O   . ASN A 1 151 ? -8.334  -12.145 -4.158  1.00 15.59 ? 151  ASN A O   1 
ATOM   1179 C  CB  . ASN A 1 151 ? -10.282 -12.457 -1.591  1.00 16.58 ? 151  ASN A CB  1 
ATOM   1180 C  CG  . ASN A 1 151 ? -10.680 -13.647 -0.733  1.00 17.89 ? 151  ASN A CG  1 
ATOM   1181 O  OD1 . ASN A 1 151 ? -10.939 -13.534 0.486   1.00 19.54 ? 151  ASN A OD1 1 
ATOM   1182 N  ND2 . ASN A 1 151 ? -10.726 -14.813 -1.360  1.00 16.23 ? 151  ASN A ND2 1 
ATOM   1183 N  N   . GLN A 1 152 ? -8.334  -10.253 -2.948  1.00 16.20 ? 152  GLN A N   1 
ATOM   1184 C  CA  . GLN A 1 152 ? -8.044  -9.400  -4.115  1.00 17.39 ? 152  GLN A CA  1 
ATOM   1185 C  C   . GLN A 1 152 ? -6.585  -9.391  -4.565  1.00 18.55 ? 152  GLN A C   1 
ATOM   1186 O  O   . GLN A 1 152 ? -6.308  -9.281  -5.776  1.00 18.91 ? 152  GLN A O   1 
ATOM   1187 C  CB  . GLN A 1 152 ? -8.436  -7.949  -3.831  1.00 19.62 ? 152  GLN A CB  1 
ATOM   1188 C  CG  . GLN A 1 152 ? -9.903  -7.639  -3.884  1.00 22.26 ? 152  GLN A CG  1 
ATOM   1189 C  CD  . GLN A 1 152 ? -10.492 -7.820  -5.265  1.00 25.61 ? 152  GLN A CD  1 
ATOM   1190 O  OE1 . GLN A 1 152 ? -11.182 -8.801  -5.514  1.00 24.43 ? 152  GLN A OE1 1 
ATOM   1191 N  NE2 . GLN A 1 152 ? -10.212 -6.880  -6.179  1.00 28.89 ? 152  GLN A NE2 1 
ATOM   1192 N  N   . THR A 1 153 ? -5.644  -9.449  -3.616  1.00 17.34 ? 153  THR A N   1 
ATOM   1193 C  CA  . THR A 1 153 ? -4.211  -9.460  -3.974  1.00 16.44 ? 153  THR A CA  1 
ATOM   1194 C  C   . THR A 1 153 ? -3.581  -10.560 -3.152  1.00 16.60 ? 153  THR A C   1 
ATOM   1195 O  O   . THR A 1 153 ? -2.764  -10.291 -2.262  1.00 16.86 ? 153  THR A O   1 
ATOM   1196 C  CB  . THR A 1 153 ? -3.515  -8.112  -3.656  1.00 16.59 ? 153  THR A CB  1 
ATOM   1197 O  OG1 . THR A 1 153 ? -3.775  -7.721  -2.296  1.00 17.58 ? 153  THR A OG1 1 
ATOM   1198 C  CG2 . THR A 1 153 ? -4.048  -7.017  -4.598  1.00 15.71 ? 153  THR A CG2 1 
ATOM   1199 N  N   . PRO A 1 154 ? -3.902  -11.823 -3.475  1.00 16.29 ? 154  PRO A N   1 
ATOM   1200 C  CA  . PRO A 1 154 ? -3.358  -12.958 -2.712  1.00 15.75 ? 154  PRO A CA  1 
ATOM   1201 C  C   . PRO A 1 154 ? -1.857  -13.174 -2.681  1.00 16.30 ? 154  PRO A C   1 
ATOM   1202 O  O   . PRO A 1 154 ? -1.301  -13.520 -1.618  1.00 15.56 ? 154  PRO A O   1 
ATOM   1203 C  CB  . PRO A 1 154 ? -4.150  -14.160 -3.258  1.00 16.46 ? 154  PRO A CB  1 
ATOM   1204 C  CG  . PRO A 1 154 ? -4.485  -13.731 -4.679  1.00 16.02 ? 154  PRO A CG  1 
ATOM   1205 C  CD  . PRO A 1 154 ? -4.852  -12.274 -4.507  1.00 16.19 ? 154  PRO A CD  1 
ATOM   1206 N  N   . ASN A 1 155 ? -1.184  -12.974 -3.813  1.00 14.94 ? 155  ASN A N   1 
ATOM   1207 C  CA  . ASN A 1 155 ? 0.256   -13.207 -3.809  1.00 17.50 ? 155  ASN A CA  1 
ATOM   1208 C  C   . ASN A 1 155 ? 0.958   -12.182 -2.911  1.00 15.90 ? 155  ASN A C   1 
ATOM   1209 O  O   . ASN A 1 155 ? 1.855   -12.531 -2.131  1.00 15.93 ? 155  ASN A O   1 
ATOM   1210 C  CB  . ASN A 1 155 ? 0.810   -13.173 -5.241  1.00 19.80 ? 155  ASN A CB  1 
ATOM   1211 C  CG  . ASN A 1 155 ? 0.385   -14.411 -6.049  1.00 23.96 ? 155  ASN A CG  1 
ATOM   1212 O  OD1 . ASN A 1 155 ? 0.073   -15.463 -5.480  1.00 28.92 ? 155  ASN A OD1 1 
ATOM   1213 N  ND2 . ASN A 1 155 ? 0.397   -14.290 -7.359  1.00 28.38 ? 155  ASN A ND2 1 
ATOM   1214 N  N   . ARG A 1 156 ? 0.532   -10.930 -2.999  1.00 15.74 ? 156  ARG A N   1 
ATOM   1215 C  CA  . ARG A 1 156 ? 1.149   -9.915  -2.158  1.00 14.60 ? 156  ARG A CA  1 
ATOM   1216 C  C   . ARG A 1 156 ? 0.759   -10.129 -0.696  1.00 15.39 ? 156  ARG A C   1 
ATOM   1217 O  O   . ARG A 1 156 ? 1.607   -10.031 0.204   1.00 14.74 ? 156  ARG A O   1 
ATOM   1218 C  CB  . ARG A 1 156 ? 0.700   -8.514  -2.573  1.00 16.87 ? 156  ARG A CB  1 
ATOM   1219 C  CG  . ARG A 1 156 ? 1.284   -7.436  -1.650  1.00 18.71 ? 156  ARG A CG  1 
ATOM   1220 C  CD  . ARG A 1 156 ? 0.658   -6.094  -1.947  1.00 20.33 ? 156  ARG A CD  1 
ATOM   1221 N  NE  . ARG A 1 156 ? 1.245   -5.032  -1.146  1.00 16.88 ? 156  ARG A NE  1 
ATOM   1222 C  CZ  . ARG A 1 156 ? 1.217   -3.770  -1.528  1.00 18.08 ? 156  ARG A CZ  1 
ATOM   1223 N  NH1 . ARG A 1 156 ? 0.629   -3.445  -2.679  1.00 18.01 ? 156  ARG A NH1 1 
ATOM   1224 N  NH2 . ARG A 1 156 ? 1.786   -2.848  -0.789  1.00 14.01 ? 156  ARG A NH2 1 
ATOM   1225 N  N   . ALA A 1 157 ? -0.514  -10.429 -0.448  1.00 13.71 ? 157  ALA A N   1 
ATOM   1226 C  CA  . ALA A 1 157 ? -0.936  -10.623 0.939   1.00 14.03 ? 157  ALA A CA  1 
ATOM   1227 C  C   . ALA A 1 157 ? -0.201  -11.821 1.534   1.00 15.11 ? 157  ALA A C   1 
ATOM   1228 O  O   . ALA A 1 157 ? 0.176   -11.805 2.703   1.00 15.03 ? 157  ALA A O   1 
ATOM   1229 C  CB  . ALA A 1 157 ? -2.451  -10.817 1.031   1.00 15.23 ? 157  ALA A CB  1 
ATOM   1230 N  N   . LYS A 1 158 ? 0.003   -12.867 0.742   1.00 14.73 ? 158  LYS A N   1 
ATOM   1231 C  CA  . LYS A 1 158 ? 0.722   -14.023 1.251   1.00 16.00 ? 158  LYS A CA  1 
ATOM   1232 C  C   . LYS A 1 158 ? 2.153   -13.663 1.678   1.00 16.35 ? 158  LYS A C   1 
ATOM   1233 O  O   . LYS A 1 158 ? 2.645   -14.175 2.687   1.00 15.36 ? 158  LYS A O   1 
ATOM   1234 C  CB  . LYS A 1 158 ? 0.757   -15.115 0.196   1.00 17.11 ? 158  LYS A CB  1 
ATOM   1235 C  CG  . LYS A 1 158 ? -0.586  -15.815 0.041   1.00 22.54 ? 158  LYS A CG  1 
ATOM   1236 C  CD  . LYS A 1 158 ? -0.524  -16.832 -1.084  1.00 26.18 ? 158  LYS A CD  1 
ATOM   1237 C  CE  . LYS A 1 158 ? 0.782   -17.614 -0.999  1.00 30.59 ? 158  LYS A CE  1 
ATOM   1238 N  NZ  . LYS A 1 158 ? 0.986   -18.273 0.327   1.00 34.72 ? 158  LYS A NZ  1 
ATOM   1239 N  N   . ARG A 1 159 ? 2.822   -12.790 0.915   1.00 15.12 ? 159  ARG A N   1 
ATOM   1240 C  CA  . ARG A 1 159 ? 4.181   -12.412 1.293   1.00 14.40 ? 159  ARG A CA  1 
ATOM   1241 C  C   . ARG A 1 159 ? 4.153   -11.599 2.590   1.00 14.09 ? 159  ARG A C   1 
ATOM   1242 O  O   . ARG A 1 159 ? 4.997   -11.782 3.460   1.00 14.46 ? 159  ARG A O   1 
ATOM   1243 C  CB  . ARG A 1 159 ? 4.872   -11.581 0.194   1.00 12.98 ? 159  ARG A CB  1 
ATOM   1244 C  CG  . ARG A 1 159 ? 5.165   -12.360 -1.114  1.00 11.71 ? 159  ARG A CG  1 
ATOM   1245 C  CD  . ARG A 1 159 ? 6.068   -11.530 -2.041  1.00 12.47 ? 159  ARG A CD  1 
ATOM   1246 N  NE  . ARG A 1 159 ? 5.364   -10.404 -2.633  1.00 13.69 ? 159  ARG A NE  1 
ATOM   1247 C  CZ  . ARG A 1 159 ? 4.633   -10.496 -3.752  1.00 16.33 ? 159  ARG A CZ  1 
ATOM   1248 N  NH1 . ARG A 1 159 ? 4.526   -11.669 -4.388  1.00 17.32 ? 159  ARG A NH1 1 
ATOM   1249 N  NH2 . ARG A 1 159 ? 4.012   -9.417  -4.229  1.00 16.83 ? 159  ARG A NH2 1 
ATOM   1250 N  N   . VAL A 1 160 ? 3.208   -10.666 2.702   1.00 12.93 ? 160  VAL A N   1 
ATOM   1251 C  CA  . VAL A 1 160 ? 3.124   -9.863  3.918   1.00 13.21 ? 160  VAL A CA  1 
ATOM   1252 C  C   . VAL A 1 160 ? 2.771   -10.766 5.117   1.00 13.43 ? 160  VAL A C   1 
ATOM   1253 O  O   . VAL A 1 160 ? 3.386   -10.662 6.195   1.00 14.42 ? 160  VAL A O   1 
ATOM   1254 C  CB  . VAL A 1 160 ? 2.060   -8.764  3.762   1.00 12.82 ? 160  VAL A CB  1 
ATOM   1255 C  CG1 . VAL A 1 160 ? 1.812   -8.040  5.113   1.00 14.66 ? 160  VAL A CG1 1 
ATOM   1256 C  CG2 . VAL A 1 160 ? 2.554   -7.764  2.731   1.00 13.72 ? 160  VAL A CG2 1 
ATOM   1257 N  N   . ILE A 1 161 ? 1.796   -11.649 4.936   1.00 12.63 ? 161  ILE A N   1 
ATOM   1258 C  CA  . ILE A 1 161 ? 1.395   -12.554 6.013   1.00 15.50 ? 161  ILE A CA  1 
ATOM   1259 C  C   . ILE A 1 161 ? 2.557   -13.442 6.446   1.00 15.74 ? 161  ILE A C   1 
ATOM   1260 O  O   . ILE A 1 161 ? 2.768   -13.648 7.647   1.00 16.16 ? 161  ILE A O   1 
ATOM   1261 C  CB  . ILE A 1 161 ? 0.177   -13.408 5.582   1.00 15.40 ? 161  ILE A CB  1 
ATOM   1262 C  CG1 . ILE A 1 161 ? -1.035  -12.482 5.460   1.00 16.67 ? 161  ILE A CG1 1 
ATOM   1263 C  CG2 . ILE A 1 161 ? -0.080  -14.551 6.582   1.00 16.52 ? 161  ILE A CG2 1 
ATOM   1264 C  CD1 . ILE A 1 161 ? -2.281  -13.163 4.936   1.00 16.61 ? 161  ILE A CD1 1 
ATOM   1265 N  N   . THR A 1 162 ? 3.311   -13.973 5.481   1.00 16.26 ? 162  THR A N   1 
ATOM   1266 C  CA  . THR A 1 162 ? 4.469   -14.824 5.795   1.00 19.25 ? 162  THR A CA  1 
ATOM   1267 C  C   . THR A 1 162 ? 5.495   -14.029 6.585   1.00 18.65 ? 162  THR A C   1 
ATOM   1268 O  O   . THR A 1 162 ? 6.158   -14.558 7.480   1.00 18.31 ? 162  THR A O   1 
ATOM   1269 C  CB  . THR A 1 162 ? 5.117   -15.369 4.519   1.00 19.59 ? 162  THR A CB  1 
ATOM   1270 O  OG1 . THR A 1 162 ? 4.224   -16.317 3.923   1.00 22.89 ? 162  THR A OG1 1 
ATOM   1271 C  CG2 . THR A 1 162 ? 6.463   -16.052 4.830   1.00 24.00 ? 162  THR A CG2 1 
ATOM   1272 N  N   . THR A 1 163 ? 5.645   -12.751 6.250   1.00 17.37 ? 163  THR A N   1 
ATOM   1273 C  CA  . THR A 1 163 ? 6.555   -11.879 6.980   1.00 15.83 ? 163  THR A CA  1 
ATOM   1274 C  C   . THR A 1 163 ? 6.088   -11.751 8.440   1.00 18.06 ? 163  THR A C   1 
ATOM   1275 O  O   . THR A 1 163 ? 6.915   -11.811 9.356   1.00 17.62 ? 163  THR A O   1 
ATOM   1276 C  CB  . THR A 1 163 ? 6.662   -10.528 6.254   1.00 15.77 ? 163  THR A CB  1 
ATOM   1277 O  OG1 . THR A 1 163 ? 7.097   -10.794 4.905   1.00 14.95 ? 163  THR A OG1 1 
ATOM   1278 C  CG2 . THR A 1 163 ? 7.673   -9.597  6.943   1.00 16.83 ? 163  THR A CG2 1 
ATOM   1279 N  N   . PHE A 1 164 ? 4.779   -11.592 8.682   1.00 16.29 ? 164  PHE A N   1 
ATOM   1280 C  CA  . PHE A 1 164 ? 4.297   -11.539 10.086  1.00 17.87 ? 164  PHE A CA  1 
ATOM   1281 C  C   . PHE A 1 164 ? 4.464   -12.918 10.756  1.00 19.48 ? 164  PHE A C   1 
ATOM   1282 O  O   . PHE A 1 164 ? 4.722   -13.011 11.963  1.00 20.34 ? 164  PHE A O   1 
ATOM   1283 C  CB  . PHE A 1 164 ? 2.796   -11.179 10.166  1.00 18.10 ? 164  PHE A CB  1 
ATOM   1284 C  CG  . PHE A 1 164 ? 2.491   -9.724  9.980   1.00 16.79 ? 164  PHE A CG  1 
ATOM   1285 C  CD1 . PHE A 1 164 ? 3.041   -8.761  10.822  1.00 17.43 ? 164  PHE A CD1 1 
ATOM   1286 C  CD2 . PHE A 1 164 ? 1.574   -9.312  9.010   1.00 16.94 ? 164  PHE A CD2 1 
ATOM   1287 C  CE1 . PHE A 1 164 ? 2.673   -7.417  10.710  1.00 17.45 ? 164  PHE A CE1 1 
ATOM   1288 C  CE2 . PHE A 1 164 ? 1.204   -7.961  8.890   1.00 16.94 ? 164  PHE A CE2 1 
ATOM   1289 C  CZ  . PHE A 1 164 ? 1.751   -7.007  9.741   1.00 17.29 ? 164  PHE A CZ  1 
ATOM   1290 N  N   . ARG A 1 165 ? 4.296   -13.988 9.992   1.00 19.69 ? 165  ARG A N   1 
ATOM   1291 C  CA  . ARG A 1 165 ? 4.432   -15.339 10.560  1.00 22.68 ? 165  ARG A CA  1 
ATOM   1292 C  C   . ARG A 1 165 ? 5.815   -15.650 11.061  1.00 23.26 ? 165  ARG A C   1 
ATOM   1293 O  O   . ARG A 1 165 ? 5.981   -16.113 12.209  1.00 24.30 ? 165  ARG A O   1 
ATOM   1294 C  CB  . ARG A 1 165 ? 4.089   -16.425 9.538   1.00 26.38 ? 165  ARG A CB  1 
ATOM   1295 C  CG  . ARG A 1 165 ? 2.653   -16.824 9.513   1.00 31.47 ? 165  ARG A CG  1 
ATOM   1296 C  CD  . ARG A 1 165 ? 2.439   -18.095 8.675   1.00 35.17 ? 165  ARG A CD  1 
ATOM   1297 N  NE  . ARG A 1 165 ? 2.851   -19.311 9.358   1.00 38.77 ? 165  ARG A NE  1 
ATOM   1298 C  CZ  . ARG A 1 165 ? 2.833   -20.522 8.798   1.00 41.48 ? 165  ARG A CZ  1 
ATOM   1299 N  NH1 . ARG A 1 165 ? 2.429   -20.668 7.542   1.00 41.42 ? 165  ARG A NH1 1 
ATOM   1300 N  NH2 . ARG A 1 165 ? 3.199   -21.594 9.497   1.00 42.57 ? 165  ARG A NH2 1 
ATOM   1301 N  N   . THR A 1 166 ? 6.801   -15.395 10.196  1.00 22.54 ? 166  THR A N   1 
ATOM   1302 C  CA  . THR A 1 166 ? 8.202   -15.727 10.476  1.00 21.25 ? 166  THR A CA  1 
ATOM   1303 C  C   . THR A 1 166 ? 9.098   -14.649 11.045  1.00 21.29 ? 166  THR A C   1 
ATOM   1304 O  O   . THR A 1 166 ? 10.131  -14.954 11.676  1.00 21.62 ? 166  THR A O   1 
ATOM   1305 C  CB  . THR A 1 166 ? 8.902   -16.211 9.196   1.00 21.82 ? 166  THR A CB  1 
ATOM   1306 O  OG1 . THR A 1 166 ? 8.986   -15.107 8.264   1.00 19.58 ? 166  THR A OG1 1 
ATOM   1307 C  CG2 . THR A 1 166 ? 8.112   -17.347 8.554   1.00 23.47 ? 166  THR A CG2 1 
ATOM   1308 N  N   . GLY A 1 167 ? 8.759   -13.389 10.791  1.00 20.17 ? 167  GLY A N   1 
ATOM   1309 C  CA  . GLY A 1 167 ? 9.608   -12.312 11.266  1.00 18.58 ? 167  GLY A CA  1 
ATOM   1310 C  C   . GLY A 1 167 ? 10.919  -12.274 10.485  1.00 19.01 ? 167  GLY A C   1 
ATOM   1311 O  O   . GLY A 1 167 ? 11.915  -11.742 10.982  1.00 18.76 ? 167  GLY A O   1 
ATOM   1312 N  N   . THR A 1 168 ? 10.910  -12.844 9.282   1.00 18.94 ? 168  THR A N   1 
ATOM   1313 C  CA  . THR A 1 168 ? 12.073  -12.858 8.378   1.00 18.06 ? 168  THR A CA  1 
ATOM   1314 C  C   . THR A 1 168 ? 11.660  -12.336 7.016   1.00 16.09 ? 168  THR A C   1 
ATOM   1315 O  O   . THR A 1 168 ? 10.481  -12.166 6.746   1.00 16.61 ? 168  THR A O   1 
ATOM   1316 C  CB  . THR A 1 168 ? 12.619  -14.266 8.115   1.00 21.36 ? 168  THR A CB  1 
ATOM   1317 O  OG1 . THR A 1 168 ? 11.684  -15.009 7.312   1.00 21.38 ? 168  THR A OG1 1 
ATOM   1318 C  CG2 . THR A 1 168 ? 12.866  -14.985 9.447   1.00 21.63 ? 168  THR A CG2 1 
ATOM   1319 N  N   . TRP A 1 169 ? 12.641  -12.126 6.149   1.00 17.55 ? 169  TRP A N   1 
ATOM   1320 C  CA  . TRP A 1 169 ? 12.375  -11.633 4.801   1.00 17.06 ? 169  TRP A CA  1 
ATOM   1321 C  C   . TRP A 1 169 ? 12.308  -12.760 3.766   1.00 17.71 ? 169  TRP A C   1 
ATOM   1322 O  O   . TRP A 1 169 ? 12.396  -12.505 2.567   1.00 16.48 ? 169  TRP A O   1 
ATOM   1323 C  CB  . TRP A 1 169 ? 13.486  -10.662 4.365   1.00 17.43 ? 169  TRP A CB  1 
ATOM   1324 C  CG  . TRP A 1 169 ? 13.594  -9.395  5.168   1.00 17.46 ? 169  TRP A CG  1 
ATOM   1325 C  CD1 . TRP A 1 169 ? 14.623  -9.018  6.006   1.00 17.64 ? 169  TRP A CD1 1 
ATOM   1326 C  CD2 . TRP A 1 169 ? 12.687  -8.290  5.133   1.00 18.00 ? 169  TRP A CD2 1 
ATOM   1327 N  NE1 . TRP A 1 169 ? 14.407  -7.745  6.480   1.00 17.99 ? 169  TRP A NE1 1 
ATOM   1328 C  CE2 . TRP A 1 169 ? 13.228  -7.270  5.955   1.00 17.98 ? 169  TRP A CE2 1 
ATOM   1329 C  CE3 . TRP A 1 169 ? 11.469  -8.054  4.473   1.00 19.55 ? 169  TRP A CE3 1 
ATOM   1330 C  CZ2 . TRP A 1 169 ? 12.589  -6.027  6.131   1.00 17.61 ? 169  TRP A CZ2 1 
ATOM   1331 C  CZ3 . TRP A 1 169 ? 10.847  -6.814  4.645   1.00 19.49 ? 169  TRP A CZ3 1 
ATOM   1332 C  CH2 . TRP A 1 169 ? 11.413  -5.820  5.468   1.00 19.88 ? 169  TRP A CH2 1 
ATOM   1333 N  N   . ASP A 1 170 ? 12.132  -13.994 4.214   1.00 19.13 ? 170  ASP A N   1 
ATOM   1334 C  CA  . ASP A 1 170 ? 12.134  -15.123 3.292   1.00 21.89 ? 170  ASP A CA  1 
ATOM   1335 C  C   . ASP A 1 170 ? 11.180  -14.988 2.105   1.00 20.85 ? 170  ASP A C   1 
ATOM   1336 O  O   . ASP A 1 170 ? 11.474  -15.457 1.000   1.00 20.72 ? 170  ASP A O   1 
ATOM   1337 C  CB  . ASP A 1 170 ? 11.817  -16.402 4.066   1.00 26.71 ? 170  ASP A CB  1 
ATOM   1338 C  CG  . ASP A 1 170 ? 11.909  -17.644 3.202   1.00 32.40 ? 170  ASP A CG  1 
ATOM   1339 O  OD1 . ASP A 1 170 ? 11.046  -17.831 2.316   1.00 37.49 ? 170  ASP A OD1 1 
ATOM   1340 O  OD2 . ASP A 1 170 ? 12.856  -18.441 3.401   1.00 38.08 ? 170  ASP A OD2 1 
ATOM   1341 N  N   . ALA A 1 171 ? 10.037  -14.351 2.315   1.00 19.15 ? 171  ALA A N   1 
ATOM   1342 C  CA  . ALA A 1 171 ? 9.074   -14.231 1.236   1.00 19.03 ? 171  ALA A CA  1 
ATOM   1343 C  C   . ALA A 1 171 ? 9.496   -13.274 0.132   1.00 20.53 ? 171  ALA A C   1 
ATOM   1344 O  O   . ALA A 1 171 ? 8.909   -13.289 -0.941  1.00 20.54 ? 171  ALA A O   1 
ATOM   1345 C  CB  . ALA A 1 171 ? 7.710   -13.814 1.787   1.00 17.87 ? 171  ALA A CB  1 
ATOM   1346 N  N   . TYR A 1 172 ? 10.505  -12.449 0.410   1.00 19.06 ? 172  TYR A N   1 
ATOM   1347 C  CA  . TYR A 1 172 ? 10.985  -11.481 -0.563  1.00 23.01 ? 172  TYR A CA  1 
ATOM   1348 C  C   . TYR A 1 172 ? 12.352  -11.812 -1.143  1.00 27.73 ? 172  TYR A C   1 
ATOM   1349 O  O   . TYR A 1 172 ? 12.884  -11.053 -1.965  1.00 26.21 ? 172  TYR A O   1 
ATOM   1350 C  CB  . TYR A 1 172 ? 11.014  -10.107 0.086   1.00 21.11 ? 172  TYR A CB  1 
ATOM   1351 C  CG  . TYR A 1 172 ? 9.622   -9.603  0.360   1.00 16.27 ? 172  TYR A CG  1 
ATOM   1352 C  CD1 . TYR A 1 172 ? 8.950   -8.798  -0.580  1.00 17.18 ? 172  TYR A CD1 1 
ATOM   1353 C  CD2 . TYR A 1 172 ? 8.953   -9.940  1.541   1.00 16.77 ? 172  TYR A CD2 1 
ATOM   1354 C  CE1 . TYR A 1 172 ? 7.680   -8.344  -0.349  1.00 15.09 ? 172  TYR A CE1 1 
ATOM   1355 C  CE2 . TYR A 1 172 ? 7.642   -9.493  1.773   1.00 14.92 ? 172  TYR A CE2 1 
ATOM   1356 C  CZ  . TYR A 1 172 ? 7.016   -8.687  0.820   1.00 14.51 ? 172  TYR A CZ  1 
ATOM   1357 O  OH  . TYR A 1 172 ? 5.740   -8.241  1.028   1.00 16.02 ? 172  TYR A OH  1 
ATOM   1358 N  N   . LYS A 1 173 ? 12.914  -12.943 -0.723  1.00 34.13 ? 173  LYS A N   1 
ATOM   1359 C  CA  . LYS A 1 173 ? 14.231  -13.356 -1.209  1.00 40.97 ? 173  LYS A CA  1 
ATOM   1360 C  C   . LYS A 1 173 ? 14.062  -14.066 -2.535  1.00 44.77 ? 173  LYS A C   1 
ATOM   1361 O  O   . LYS A 1 173 ? 13.204  -14.946 -2.687  1.00 45.79 ? 173  LYS A O   1 
ATOM   1362 C  CB  . LYS A 1 173 ? 14.930  -14.281 -0.206  1.00 42.95 ? 173  LYS A CB  1 
ATOM   1363 C  CG  . LYS A 1 173 ? 15.121  -13.690 1.188   1.00 46.33 ? 173  LYS A CG  1 
ATOM   1364 C  CD  . LYS A 1 173 ? 15.944  -12.390 1.203   1.00 48.30 ? 173  LYS A CD  1 
ATOM   1365 C  CE  . LYS A 1 173 ? 16.390  -12.057 2.647   1.00 50.17 ? 173  LYS A CE  1 
ATOM   1366 N  NZ  . LYS A 1 173 ? 17.120  -10.753 2.833   1.00 50.14 ? 173  LYS A NZ  1 
ATOM   1367 N  N   . ASN A 1 174 ? 14.880  -13.660 -3.496  1.00 49.10 ? 174  ASN A N   1 
ATOM   1368 C  CA  . ASN A 1 174 ? 14.829  -14.214 -4.836  1.00 53.48 ? 174  ASN A CA  1 
ATOM   1369 C  C   . ASN A 1 174 ? 13.637  -13.598 -5.591  1.00 54.78 ? 174  ASN A C   1 
ATOM   1370 O  O   . ASN A 1 174 ? 12.876  -14.302 -6.256  1.00 55.96 ? 174  ASN A O   1 
ATOM   1371 C  CB  . ASN A 1 174 ? 14.717  -15.749 -4.766  1.00 55.30 ? 174  ASN A CB  1 
ATOM   1372 C  CG  . ASN A 1 174 ? 15.674  -16.359 -3.733  1.00 57.40 ? 174  ASN A CG  1 
ATOM   1373 O  OD1 . ASN A 1 174 ? 16.875  -16.061 -3.718  1.00 58.70 ? 174  ASN A OD1 1 
ATOM   1374 N  ND2 . ASN A 1 174 ? 15.140  -17.215 -2.864  1.00 58.24 ? 174  ASN A ND2 1 
ATOM   1375 N  N   . LEU A 1 175 ? 13.471  -12.280 -5.458  1.00 56.01 ? 175  LEU A N   1 
ATOM   1376 C  CA  . LEU A 1 175 ? 12.399  -11.553 -6.148  1.00 56.94 ? 175  LEU A CA  1 
ATOM   1377 C  C   . LEU A 1 175 ? 12.914  -10.276 -6.817  1.00 57.03 ? 175  LEU A C   1 
ATOM   1378 O  O   . LEU A 1 175 ? 12.843  -9.180  -6.253  1.00 56.31 ? 175  LEU A O   1 
ATOM   1379 C  CB  . LEU A 1 175 ? 11.248  -11.197 -5.190  1.00 57.53 ? 175  LEU A CB  1 
ATOM   1380 C  CG  . LEU A 1 175 ? 10.175  -12.272 -4.984  1.00 58.16 ? 175  LEU A CG  1 
ATOM   1381 C  CD1 . LEU A 1 175 ? 9.068   -11.737 -4.094  1.00 57.75 ? 175  LEU A CD1 1 
ATOM   1382 C  CD2 . LEU A 1 175 ? 9.611   -12.685 -6.335  1.00 58.39 ? 175  LEU A CD2 1 
HETATM 1383 CL CL  . CL  B 2 .   ? 1.110   13.714  -2.866  1.00 24.21 ? 600  CL  A CL  1 
HETATM 1384 C  CD  A MGX C 3 .   ? 7.069   18.142  -16.967 0.50 35.57 ? 300  MGX A CD  1 
HETATM 1385 C  CD  B MGX C 3 .   ? 8.445   18.224  -15.192 0.25 35.57 ? 300  MGX A CD  1 
HETATM 1386 N  NE  A MGX C 3 .   ? 6.887   16.729  -16.615 0.50 31.62 ? 300  MGX A NE  1 
HETATM 1387 N  NE  B MGX C 3 .   ? 8.092   16.837  -14.873 0.25 31.57 ? 300  MGX A NE  1 
HETATM 1388 C  CZ  A MGX C 3 .   ? 7.360   16.151  -15.506 0.50 31.57 ? 300  MGX A CZ  1 
HETATM 1389 C  CZ  B MGX C 3 .   ? 7.310   16.043  -15.616 0.25 31.57 ? 300  MGX A CZ  1 
HETATM 1390 N  NH1 A MGX C 3 .   ? 8.057   16.854  -14.615 0.50 31.57 ? 300  MGX A NH1 1 
HETATM 1391 N  NH1 B MGX C 3 .   ? 6.770   16.477  -16.754 0.25 31.62 ? 300  MGX A NH1 1 
HETATM 1392 N  NH2 A MGX C 3 .   ? 7.131   14.859  -15.291 0.50 30.65 ? 300  MGX A NH2 1 
HETATM 1393 N  NH2 B MGX C 3 .   ? 7.070   14.804  -15.216 0.25 30.65 ? 300  MGX A NH2 1 
HETATM 1394 C  C1  . BME D 4 .   ? 12.452  10.271  5.046   1.00 33.88 ? 901  BME A C1  1 
HETATM 1395 C  C2  . BME D 4 .   ? 12.994  8.912   5.507   1.00 30.48 ? 901  BME A C2  1 
HETATM 1396 O  O1  . BME D 4 .   ? 12.981  10.877  4.094   1.00 35.61 ? 901  BME A O1  1 
HETATM 1397 S  S2  . BME D 4 .   ? 11.801  7.536   5.563   1.00 34.32 ? 901  BME A S2  1 
HETATM 1398 O  O   . HOH E 5 .   ? 5.649   6.669   -6.623  1.00 14.72 ? 902  HOH A O   1 
HETATM 1399 O  O   . HOH E 5 .   ? -1.183  -10.110 -5.489  1.00 17.84 ? 903  HOH A O   1 
HETATM 1400 O  O   . HOH E 5 .   ? 9.028   -12.656 4.596   1.00 16.98 ? 904  HOH A O   1 
HETATM 1401 O  O   . HOH E 5 .   ? 5.548   -14.359 -3.802  1.00 17.83 ? 905  HOH A O   1 
HETATM 1402 O  O   . HOH E 5 .   ? -0.037  -5.077  2.130   1.00 14.34 ? 906  HOH A O   1 
HETATM 1403 O  O   . HOH E 5 .   ? 4.631   6.060   -4.055  1.00 13.67 ? 907  HOH A O   1 
HETATM 1404 O  O   . HOH E 5 .   ? 1.712   21.673  -5.526  1.00 14.50 ? 908  HOH A O   1 
HETATM 1405 O  O   . HOH E 5 .   ? 17.775  -0.283  -0.073  1.00 16.18 ? 909  HOH A O   1 
HETATM 1406 O  O   . HOH E 5 .   ? 3.115   -15.023 -2.545  1.00 20.27 ? 910  HOH A O   1 
HETATM 1407 O  O   . HOH E 5 .   ? -11.331 -15.705 2.465   1.00 24.03 ? 911  HOH A O   1 
HETATM 1408 O  O   . HOH E 5 .   ? 3.590   15.665  -3.333  1.00 16.51 ? 912  HOH A O   1 
HETATM 1409 O  O   . HOH E 5 .   ? 13.259  -4.148  -4.344  1.00 17.07 ? 913  HOH A O   1 
HETATM 1410 O  O   . HOH E 5 .   ? 4.013   -8.075  18.973  1.00 20.42 ? 914  HOH A O   1 
HETATM 1411 O  O   . HOH E 5 .   ? 12.881  -1.557  6.964   1.00 19.61 ? 915  HOH A O   1 
HETATM 1412 O  O   . HOH E 5 .   ? -1.921  -11.820 -6.789  1.00 20.22 ? 916  HOH A O   1 
HETATM 1413 O  O   . HOH E 5 .   ? 11.056  -3.962  18.464  1.00 18.51 ? 917  HOH A O   1 
HETATM 1414 O  O   . HOH E 5 .   ? 3.294   11.769  -2.394  1.00 17.91 ? 918  HOH A O   1 
HETATM 1415 O  O   . HOH E 5 .   ? 16.036  -7.218  9.004   1.00 20.38 ? 919  HOH A O   1 
HETATM 1416 O  O   . HOH E 5 .   ? -10.855 -15.511 -3.883  1.00 21.43 ? 920  HOH A O   1 
HETATM 1417 O  O   . HOH E 5 .   ? 2.855   -1.573  22.627  1.00 25.10 ? 921  HOH A O   1 
HETATM 1418 O  O   . HOH E 5 .   ? -7.212  -18.330 6.864   1.00 24.93 ? 922  HOH A O   1 
HETATM 1419 O  O   . HOH E 5 .   ? 13.819  11.207  -6.015  1.00 20.50 ? 923  HOH A O   1 
HETATM 1420 O  O   . HOH E 5 .   ? 12.120  6.526   -2.565  1.00 20.93 ? 924  HOH A O   1 
HETATM 1421 O  O   . HOH E 5 .   ? 15.661  9.159   -6.242  1.00 25.34 ? 925  HOH A O   1 
HETATM 1422 O  O   . HOH E 5 .   ? -9.342  -17.006 -0.177  1.00 27.11 ? 926  HOH A O   1 
HETATM 1423 O  O   . HOH E 5 .   ? 9.248   16.241  -0.434  1.00 20.09 ? 927  HOH A O   1 
HETATM 1424 O  O   . HOH E 5 .   ? -12.820 -12.058 8.218   1.00 24.66 ? 928  HOH A O   1 
HETATM 1425 O  O   . HOH E 5 .   ? 4.840   12.443  3.734   1.00 26.09 ? 929  HOH A O   1 
HETATM 1426 O  O   . HOH E 5 .   ? -0.742  -4.770  -4.802  1.00 26.19 ? 930  HOH A O   1 
HETATM 1427 O  O   . HOH E 5 .   ? -0.240  9.960   7.302   1.00 29.47 ? 931  HOH A O   1 
HETATM 1428 O  O   . HOH E 5 .   ? 14.618  9.856   -13.409 1.00 25.43 ? 932  HOH A O   1 
HETATM 1429 O  O   . HOH E 5 .   ? 2.266   -7.200  -5.540  1.00 19.38 ? 933  HOH A O   1 
HETATM 1430 O  O   . HOH E 5 .   ? -7.159  -5.079  18.677  1.00 26.95 ? 934  HOH A O   1 
HETATM 1431 O  O   . HOH E 5 .   ? -8.710  -16.510 2.381   1.00 23.71 ? 935  HOH A O   1 
HETATM 1432 O  O   . HOH E 5 .   ? -4.478  0.443   -16.585 1.00 35.04 ? 936  HOH A O   1 
HETATM 1433 O  O   . HOH E 5 .   ? 6.665   16.515  -5.293  1.00 32.17 ? 937  HOH A O   1 
HETATM 1434 O  O   . HOH E 5 .   ? 7.399   -15.211 -2.056  1.00 24.73 ? 938  HOH A O   1 
HETATM 1435 O  O   . HOH E 5 .   ? 12.975  13.966  -13.043 1.00 27.92 ? 939  HOH A O   1 
HETATM 1436 O  O   . HOH E 5 .   ? 8.991   9.023   -18.050 1.00 29.86 ? 940  HOH A O   1 
HETATM 1437 O  O   . HOH E 5 .   ? 0.981   6.294   2.374   1.00 25.37 ? 941  HOH A O   1 
HETATM 1438 O  O   . HOH E 5 .   ? 2.728   -18.888 16.209  1.00 28.43 ? 942  HOH A O   1 
HETATM 1439 O  O   . HOH E 5 .   ? -7.875  3.563   4.920   1.00 23.76 ? 943  HOH A O   1 
HETATM 1440 O  O   . HOH E 5 .   ? 18.641  -4.159  1.956   1.00 29.50 ? 944  HOH A O   1 
HETATM 1441 O  O   . HOH E 5 .   ? -2.514  -17.308 6.373   1.00 24.55 ? 945  HOH A O   1 
HETATM 1442 O  O   . HOH E 5 .   ? 18.854  -2.238  3.915   1.00 26.95 ? 946  HOH A O   1 
HETATM 1443 O  O   . HOH E 5 .   ? 6.917   17.264  -2.997  1.00 26.67 ? 947  HOH A O   1 
HETATM 1444 O  O   . HOH E 5 .   ? -6.432  7.318   16.506  1.00 25.78 ? 948  HOH A O   1 
HETATM 1445 O  O   . HOH E 5 .   ? -4.524  11.939  -4.780  1.00 28.79 ? 949  HOH A O   1 
HETATM 1446 O  O   . HOH E 5 .   ? -13.118 -3.134  13.461  1.00 29.54 ? 950  HOH A O   1 
HETATM 1447 O  O   . HOH E 5 .   ? 8.397   17.375  -7.228  1.00 31.05 ? 951  HOH A O   1 
HETATM 1448 O  O   . HOH E 5 .   ? 6.434   -20.763 -1.109  1.00 55.58 ? 952  HOH A O   1 
HETATM 1449 O  O   . HOH E 5 .   ? -6.817  -17.283 13.799  1.00 25.23 ? 953  HOH A O   1 
HETATM 1450 O  O   . HOH E 5 .   ? 15.455  -12.465 7.154   1.00 24.66 ? 954  HOH A O   1 
HETATM 1451 O  O   . HOH E 5 .   ? 8.808   9.886   9.427   1.00 35.12 ? 955  HOH A O   1 
HETATM 1452 O  O   . HOH E 5 .   ? 12.942  2.510   -7.159  1.00 31.43 ? 956  HOH A O   1 
HETATM 1453 O  O   . HOH E 5 .   ? 9.953   17.246  -10.884 1.00 29.01 ? 957  HOH A O   1 
HETATM 1454 O  O   . HOH E 5 .   ? 7.926   -5.385  -8.705  1.00 27.77 ? 958  HOH A O   1 
HETATM 1455 O  O   . HOH E 5 .   ? 6.643   5.101   18.914  1.00 31.82 ? 959  HOH A O   1 
HETATM 1456 O  O   . HOH E 5 .   ? -3.547  2.629   -5.972  1.00 29.62 ? 960  HOH A O   1 
HETATM 1457 O  O   . HOH E 5 .   ? 0.721   -3.319  -6.729  1.00 34.32 ? 961  HOH A O   1 
HETATM 1458 O  O   . HOH E 5 .   ? 2.267   -15.869 21.870  1.00 32.89 ? 962  HOH A O   1 
HETATM 1459 O  O   . HOH E 5 .   ? 8.176   -9.660  17.900  1.00 26.91 ? 963  HOH A O   1 
HETATM 1460 O  O   . HOH E 5 .   ? 0.042   5.012   0.221   1.00 30.12 ? 964  HOH A O   1 
HETATM 1461 O  O   . HOH E 5 .   ? 3.163   -11.428 -7.294  1.00 44.09 ? 965  HOH A O   1 
HETATM 1462 O  O   . HOH E 5 .   ? -4.862  -3.118  -3.672  1.00 26.76 ? 966  HOH A O   1 
HETATM 1463 O  O   . HOH E 5 .   ? 3.141   1.011   -8.963  1.00 19.47 ? 967  HOH A O   1 
HETATM 1464 O  O   . HOH E 5 .   ? 3.311   -7.412  22.928  1.00 30.29 ? 968  HOH A O   1 
HETATM 1465 O  O   . HOH E 5 .   ? -10.886 -6.161  -8.652  1.00 36.89 ? 969  HOH A O   1 
HETATM 1466 O  O   . HOH E 5 .   ? 14.257  -7.041  -6.568  1.00 47.79 ? 970  HOH A O   1 
HETATM 1467 O  O   . HOH E 5 .   ? 5.756   14.441  -18.607 1.00 30.86 ? 971  HOH A O   1 
HETATM 1468 O  O   . HOH E 5 .   ? 2.142   11.256  0.765   1.00 34.22 ? 972  HOH A O   1 
HETATM 1469 O  O   . HOH E 5 .   ? 13.586  -1.532  14.920  1.00 29.58 ? 973  HOH A O   1 
HETATM 1470 O  O   . HOH E 5 .   ? -4.547  -1.703  19.110  1.00 31.95 ? 974  HOH A O   1 
HETATM 1471 O  O   . HOH E 5 .   ? -6.369  -13.051 20.342  1.00 38.71 ? 975  HOH A O   1 
HETATM 1472 O  O   . HOH E 5 .   ? -2.604  6.282   5.592   1.00 35.55 ? 976  HOH A O   1 
HETATM 1473 O  O   . HOH E 5 .   ? -0.438  -19.826 9.890   1.00 30.73 ? 977  HOH A O   1 
HETATM 1474 O  O   . HOH E 5 .   ? 12.892  7.886   -15.841 1.00 29.01 ? 978  HOH A O   1 
HETATM 1475 O  O   . HOH E 5 .   ? -6.965  6.076   5.851   1.00 35.92 ? 979  HOH A O   1 
HETATM 1476 O  O   . HOH E 5 .   ? -3.725  -3.703  -8.424  1.00 32.68 ? 980  HOH A O   1 
HETATM 1477 O  O   . HOH E 5 .   ? -0.600  6.486   -2.224  1.00 26.75 ? 981  HOH A O   1 
HETATM 1478 O  O   . HOH E 5 .   ? 12.052  -14.372 13.589  1.00 33.34 ? 982  HOH A O   1 
HETATM 1479 O  O   . HOH E 5 .   ? 2.538   -2.632  -10.740 1.00 34.11 ? 983  HOH A O   1 
HETATM 1480 O  O   . HOH E 5 .   ? -2.783  8.279   7.521   1.00 37.18 ? 984  HOH A O   1 
HETATM 1481 O  O   . HOH E 5 .   ? -6.035  17.506  -16.110 1.00 31.46 ? 985  HOH A O   1 
HETATM 1482 O  O   . HOH E 5 .   ? 11.498  15.849  -14.508 1.00 35.02 ? 986  HOH A O   1 
HETATM 1483 O  O   . HOH E 5 .   ? 14.734  -11.655 10.911  1.00 33.49 ? 987  HOH A O   1 
HETATM 1484 O  O   . HOH E 5 .   ? -8.681  4.282   13.381  1.00 27.86 ? 988  HOH A O   1 
HETATM 1485 O  O   . HOH E 5 .   ? -10.859 -4.457  -10.774 1.00 33.42 ? 989  HOH A O   1 
HETATM 1486 O  O   . HOH E 5 .   ? -11.346 9.799   -6.329  1.00 36.80 ? 990  HOH A O   1 
HETATM 1487 O  O   . HOH E 5 .   ? -3.111  20.187  -10.575 1.00 29.98 ? 991  HOH A O   1 
HETATM 1488 O  O   . HOH E 5 .   ? 1.946   -4.686  -8.529  1.00 36.11 ? 992  HOH A O   1 
HETATM 1489 O  O   . HOH E 5 .   ? -8.725  -20.335 7.555   1.00 45.36 ? 993  HOH A O   1 
HETATM 1490 O  O   . HOH E 5 .   ? 0.527   -13.755 24.256  1.00 30.11 ? 994  HOH A O   1 
HETATM 1491 O  O   . HOH E 5 .   ? -3.001  3.911   22.032  1.00 36.46 ? 995  HOH A O   1 
HETATM 1492 O  O   . HOH E 5 .   ? -0.859  17.508  -17.173 1.00 33.00 ? 996  HOH A O   1 
HETATM 1493 O  O   . HOH E 5 .   ? 17.088  3.936   -7.654  1.00 36.48 ? 997  HOH A O   1 
HETATM 1494 O  O   . HOH E 5 .   ? 5.030   16.344  5.054   1.00 34.49 ? 998  HOH A O   1 
HETATM 1495 O  O   . HOH E 5 .   ? -0.340  3.637   -1.847  1.00 32.60 ? 999  HOH A O   1 
HETATM 1496 O  O   . HOH E 5 .   ? 5.160   20.212  -18.913 1.00 40.30 ? 1000 HOH A O   1 
HETATM 1497 O  O   . HOH E 5 .   ? 6.296   -2.472  -15.017 1.00 37.52 ? 1001 HOH A O   1 
HETATM 1498 O  O   . HOH E 5 .   ? 8.338   19.720  -10.089 1.00 36.35 ? 1002 HOH A O   1 
HETATM 1499 O  O   . HOH E 5 .   ? -2.667  -0.677  -6.302  1.00 32.04 ? 1003 HOH A O   1 
HETATM 1500 O  O   . HOH E 5 .   ? 6.885   -2.760  -12.479 1.00 34.79 ? 1004 HOH A O   1 
HETATM 1501 O  O   . HOH E 5 .   ? 13.986  -17.681 0.450   1.00 50.88 ? 1005 HOH A O   1 
HETATM 1502 O  O   . HOH E 5 .   ? -2.185  -18.450 2.394   1.00 37.32 ? 1006 HOH A O   1 
HETATM 1503 O  O   . HOH E 5 .   ? 10.698  12.510  -1.474  1.00 39.30 ? 1007 HOH A O   1 
HETATM 1504 O  O   . HOH E 5 .   ? 13.595  -0.230  -11.439 1.00 43.34 ? 1008 HOH A O   1 
HETATM 1505 O  O   . HOH E 5 .   ? -2.746  4.212   1.572   1.00 45.84 ? 1009 HOH A O   1 
HETATM 1506 O  O   . HOH E 5 .   ? -12.285 4.011   -0.747  1.00 46.12 ? 1010 HOH A O   1 
HETATM 1507 O  O   . HOH E 5 .   ? -3.850  18.863  -15.109 1.00 37.04 ? 1011 HOH A O   1 
HETATM 1508 O  O   . HOH E 5 .   ? 0.648   10.980  -21.976 1.00 42.69 ? 1012 HOH A O   1 
HETATM 1509 O  O   . HOH E 5 .   ? 13.020  18.484  -1.577  1.00 33.42 ? 1013 HOH A O   1 
HETATM 1510 O  O   . HOH E 5 .   ? -5.202  0.251   21.263  1.00 48.60 ? 1014 HOH A O   1 
HETATM 1511 O  O   . HOH E 5 .   ? -0.643  5.132   4.001   1.00 29.61 ? 1015 HOH A O   1 
HETATM 1512 O  O   . HOH E 5 .   ? 2.141   6.132   23.566  1.00 47.56 ? 1016 HOH A O   1 
HETATM 1513 O  O   . HOH E 5 .   ? 11.352  -17.085 -1.164  1.00 37.13 ? 1017 HOH A O   1 
HETATM 1514 O  O   . HOH E 5 .   ? -23.738 6.882   -18.712 1.00 57.75 ? 1018 HOH A O   1 
HETATM 1515 O  O   . HOH E 5 .   ? 0.355   -21.062 5.896   1.00 54.27 ? 1019 HOH A O   1 
HETATM 1516 O  O   . HOH E 5 .   ? 21.333  -1.421  2.749   1.00 31.25 ? 1020 HOH A O   1 
HETATM 1517 O  O   . HOH E 5 .   ? 12.737  -4.630  -7.025  1.00 26.84 ? 1021 HOH A O   1 
HETATM 1518 O  O   . HOH E 5 .   ? 13.910  0.296   -3.099  1.00 23.67 ? 1022 HOH A O   1 
HETATM 1519 O  O   . HOH E 5 .   ? 14.666  -1.793  -4.743  1.00 24.05 ? 1023 HOH A O   1 
HETATM 1520 O  O   . HOH E 5 .   ? 17.508  -2.255  -4.272  1.00 30.61 ? 1024 HOH A O   1 
HETATM 1521 O  O   . HOH E 5 .   ? -0.566  -7.182  -6.120  1.00 23.15 ? 1025 HOH A O   1 
HETATM 1522 O  O   . HOH E 5 .   ? -0.301  -6.225  -8.666  1.00 28.15 ? 1026 HOH A O   1 
HETATM 1523 O  O   . HOH E 5 .   ? -3.205  -3.317  -5.560  1.00 30.72 ? 1027 HOH A O   1 
HETATM 1524 O  O   . HOH E 5 .   ? 5.904   -5.554  -10.703 1.00 35.54 ? 1028 HOH A O   1 
HETATM 1525 O  O   . HOH E 5 .   ? 7.569   7.333   -19.781 1.00 28.99 ? 1029 HOH A O   1 
HETATM 1526 O  O   . HOH E 5 .   ? 9.091   11.245  -19.317 1.00 30.59 ? 1030 HOH A O   1 
HETATM 1527 O  O   . HOH E 5 .   ? -1.398  -3.568  -9.644  1.00 31.03 ? 1031 HOH A O   1 
HETATM 1528 O  O   . HOH E 5 .   ? -5.795  -0.212  -4.208  1.00 37.09 ? 1032 HOH A O   1 
HETATM 1529 O  O   . HOH E 5 .   ? -10.505 10.535  -11.326 1.00 32.07 ? 1033 HOH A O   1 
HETATM 1530 O  O   . HOH E 5 .   ? -1.661  12.507  -5.439  1.00 32.63 ? 1034 HOH A O   1 
HETATM 1531 O  O   . HOH E 5 .   ? -0.855  11.516  -1.571  1.00 31.70 ? 1035 HOH A O   1 
HETATM 1532 O  O   . HOH E 5 .   ? 13.564  0.530   -8.938  1.00 36.69 ? 1036 HOH A O   1 
HETATM 1533 O  O   . HOH E 5 .   ? 19.266  -11.598 10.287  1.00 33.54 ? 1037 HOH A O   1 
HETATM 1534 O  O   . HOH E 5 .   ? -0.493  8.462   1.884   1.00 38.84 ? 1038 HOH A O   1 
HETATM 1535 O  O   . HOH E 5 .   ? 8.969   18.519  -2.023  1.00 33.06 ? 1039 HOH A O   1 
HETATM 1536 O  O   . HOH E 5 .   ? -0.762  11.408  1.152   1.00 41.10 ? 1040 HOH A O   1 
HETATM 1537 O  O   . HOH E 5 .   ? 9.810   2.064   15.841  1.00 50.19 ? 1041 HOH A O   1 
HETATM 1538 O  O   . HOH E 5 .   ? 2.669   10.759  13.484  1.00 26.51 ? 1042 HOH A O   1 
HETATM 1539 O  O   . HOH E 5 .   ? 5.102   11.145  16.151  1.00 36.92 ? 1043 HOH A O   1 
HETATM 1540 O  O   . HOH E 5 .   ? -12.568 -0.855  17.544  1.00 48.16 ? 1044 HOH A O   1 
HETATM 1541 O  O   . HOH E 5 .   ? -8.764  -6.265  20.641  1.00 46.22 ? 1045 HOH A O   1 
HETATM 1542 O  O   . HOH E 5 .   ? -10.704 -7.972  12.488  1.00 23.12 ? 1046 HOH A O   1 
HETATM 1543 O  O   . HOH E 5 .   ? -3.651  -7.539  23.766  1.00 44.58 ? 1047 HOH A O   1 
HETATM 1544 O  O   . HOH E 5 .   ? -1.210  -7.658  24.518  1.00 45.54 ? 1048 HOH A O   1 
HETATM 1545 O  O   . HOH E 5 .   ? 0.989   -18.253 20.065  1.00 33.82 ? 1049 HOH A O   1 
HETATM 1546 O  O   . HOH E 5 .   ? -7.323  -17.577 16.441  1.00 34.75 ? 1050 HOH A O   1 
HETATM 1547 O  O   . HOH E 5 .   ? 2.173   -17.587 6.092   1.00 37.91 ? 1051 HOH A O   1 
HETATM 1548 O  O   . HOH E 5 .   ? -1.213  -16.821 3.924   1.00 28.86 ? 1052 HOH A O   1 
HETATM 1549 O  O   . HOH E 5 .   ? -4.680  -19.191 5.726   1.00 30.30 ? 1053 HOH A O   1 
HETATM 1550 O  O   . HOH E 5 .   ? -8.941  -18.189 4.561   1.00 30.56 ? 1054 HOH A O   1 
HETATM 1551 O  O   . HOH E 5 .   ? -0.453  -18.948 7.270   1.00 32.80 ? 1055 HOH A O   1 
HETATM 1552 O  O   . HOH E 5 .   ? -9.173  -16.548 12.582  1.00 23.80 ? 1056 HOH A O   1 
HETATM 1553 O  O   . HOH E 5 .   ? -5.963  -20.070 13.960  1.00 31.11 ? 1057 HOH A O   1 
HETATM 1554 O  O   . HOH E 5 .   ? -8.619  -8.745  12.004  1.00 34.20 ? 1058 HOH A O   1 
HETATM 1555 O  O   . HOH E 5 .   ? 4.670   -16.056 -0.621  1.00 31.35 ? 1059 HOH A O   1 
HETATM 1556 O  O   . HOH E 5 .   ? 5.027   -17.512 1.539   1.00 46.02 ? 1060 HOH A O   1 
HETATM 1557 O  O   . HOH E 5 .   ? -0.252  -18.556 17.044  1.00 24.92 ? 1061 HOH A O   1 
HETATM 1558 O  O   . HOH E 5 .   ? -7.948  10.336  -4.106  1.00 48.25 ? 1062 HOH A O   1 
HETATM 1559 O  O   . HOH E 5 .   ? 16.491  -10.575 9.073   1.00 36.83 ? 1063 HOH A O   1 
HETATM 1560 O  O   . HOH E 5 .   ? 10.741  -6.216  -8.495  1.00 31.56 ? 1064 HOH A O   1 
HETATM 1561 O  O   . HOH E 5 .   ? 9.445   -4.418  -11.490 1.00 42.32 ? 1065 HOH A O   1 
HETATM 1562 O  O   . HOH E 5 .   ? 4.466   -5.600  -8.576  1.00 36.07 ? 1066 HOH A O   1 
HETATM 1563 O  O   . HOH E 5 .   ? 0.845   -2.575  -12.917 1.00 24.78 ? 1067 HOH A O   1 
HETATM 1564 O  O   . HOH E 5 .   ? 13.401  5.143   -15.918 1.00 33.82 ? 1068 HOH A O   1 
HETATM 1565 O  O   . HOH E 5 .   ? 4.548   -3.589  -12.143 1.00 36.56 ? 1069 HOH A O   1 
HETATM 1566 O  O   . HOH E 5 .   ? 4.214   -0.671  -17.755 1.00 43.89 ? 1070 HOH A O   1 
HETATM 1567 O  O   . HOH E 5 .   ? 6.839   2.425   -16.896 1.00 38.07 ? 1071 HOH A O   1 
HETATM 1568 O  O   . HOH E 5 .   ? 12.291  3.140   -14.882 1.00 39.67 ? 1072 HOH A O   1 
HETATM 1569 O  O   . HOH E 5 .   ? 7.528   20.994  -18.798 1.00 40.99 ? 1073 HOH A O   1 
HETATM 1570 O  O   . HOH E 5 .   ? -5.460  4.338   -16.930 1.00 38.75 ? 1074 HOH A O   1 
HETATM 1571 O  O   . HOH E 5 .   ? -3.717  6.572   -18.634 1.00 57.69 ? 1075 HOH A O   1 
HETATM 1572 O  O   . HOH E 5 .   ? -6.677  0.853   -20.730 1.00 53.00 ? 1076 HOH A O   1 
HETATM 1573 O  O   . HOH E 5 .   ? -2.050  -1.156  -17.720 1.00 44.90 ? 1077 HOH A O   1 
HETATM 1574 O  O   . HOH E 5 .   ? -6.727  1.763   -18.255 1.00 61.65 ? 1078 HOH A O   1 
HETATM 1575 O  O   . HOH E 5 .   ? -6.118  -2.898  -13.605 1.00 34.30 ? 1079 HOH A O   1 
HETATM 1576 O  O   . HOH E 5 .   ? -1.996  9.091   -2.662  1.00 34.96 ? 1080 HOH A O   1 
HETATM 1577 O  O   . HOH E 5 .   ? -6.238  3.721   0.308   1.00 48.71 ? 1081 HOH A O   1 
HETATM 1578 O  O   . HOH E 5 .   ? -5.911  6.556   -17.901 1.00 52.25 ? 1082 HOH A O   1 
HETATM 1579 O  O   . HOH E 5 .   ? 8.043   13.125  -17.559 1.00 35.86 ? 1083 HOH A O   1 
HETATM 1580 O  O   . HOH E 5 .   ? 10.244  15.254  -17.639 1.00 35.14 ? 1084 HOH A O   1 
# 
loop_
_pdbx_poly_seq_scheme.asym_id 
_pdbx_poly_seq_scheme.entity_id 
_pdbx_poly_seq_scheme.seq_id 
_pdbx_poly_seq_scheme.mon_id 
_pdbx_poly_seq_scheme.ndb_seq_num 
_pdbx_poly_seq_scheme.pdb_seq_num 
_pdbx_poly_seq_scheme.auth_seq_num 
_pdbx_poly_seq_scheme.pdb_mon_id 
_pdbx_poly_seq_scheme.auth_mon_id 
_pdbx_poly_seq_scheme.pdb_strand_id 
_pdbx_poly_seq_scheme.pdb_ins_code 
_pdbx_poly_seq_scheme.hetero 
A 1 1   MET 1   1   1   MET MET A . n 
A 1 2   ASN 2   2   2   ASN ASN A . n 
A 1 3   ILE 3   3   3   ILE ILE A . n 
A 1 4   PHE 4   4   4   PHE PHE A . n 
A 1 5   GLU 5   5   5   GLU GLU A . n 
A 1 6   MET 6   6   6   MET MET A . n 
A 1 7   LEU 7   7   7   LEU LEU A . n 
A 1 8   ARG 8   8   8   ARG ARG A . n 
A 1 9   ILE 9   9   9   ILE ILE A . n 
A 1 10  ASP 10  10  10  ASP ASP A . n 
A 1 11  GLU 11  11  11  GLU GLU A . n 
A 1 12  GLY 12  12  12  GLY GLY A . n 
A 1 13  LEU 13  13  13  LEU LEU A . n 
A 1 14  ARG 14  14  14  ARG ARG A . n 
A 1 15  LEU 15  15  15  LEU LEU A . n 
A 1 16  LYS 16  16  16  LYS LYS A . n 
A 1 17  ILE 17  17  17  ILE ILE A . n 
A 1 18  TYR 18  18  18  TYR TYR A . n 
A 1 19  LYS 19  19  19  LYS LYS A . n 
A 1 20  ASP 20  20  20  ASP ASP A . n 
A 1 21  THR 21  21  21  THR THR A . n 
A 1 22  GLU 22  22  22  GLU GLU A . n 
A 1 23  GLY 23  23  23  GLY GLY A . n 
A 1 24  TYR 24  24  24  TYR TYR A . n 
A 1 25  TYR 25  25  25  TYR TYR A . n 
A 1 26  THR 26  26  26  THR THR A . n 
A 1 27  ILE 27  27  27  ILE ILE A . n 
A 1 28  GLY 28  28  28  GLY GLY A . n 
A 1 29  ILE 29  29  29  ILE ILE A . n 
A 1 30  GLY 30  30  30  GLY GLY A . n 
A 1 31  HIS 31  31  31  HIS HIS A . n 
A 1 32  LEU 32  32  32  LEU LEU A . n 
A 1 33  LEU 33  33  33  LEU LEU A . n 
A 1 34  THR 34  34  34  THR THR A . n 
A 1 35  LYS 35  35  35  LYS LYS A . n 
A 1 36  SER 36  36  36  SER SER A . n 
A 1 37  PRO 37  37  37  PRO PRO A . n 
A 1 38  SER 38  38  38  SER SER A . n 
A 1 39  ILE 39  39  39  ILE ILE A . n 
A 1 40  ASN 40  40  40  ASN ASN A . n 
A 1 41  ALA 41  41  41  ALA ALA A . n 
A 1 42  ALA 42  42  42  ALA ALA A . n 
A 1 43  LYS 43  43  43  LYS LYS A . n 
A 1 44  SER 44  44  44  SER SER A . n 
A 1 45  GLU 45  45  45  GLU GLU A . n 
A 1 46  LEU 46  46  46  LEU LEU A . n 
A 1 47  ASP 47  47  47  ASP ASP A . n 
A 1 48  LYS 48  48  48  LYS LYS A . n 
A 1 49  ALA 49  49  49  ALA ALA A . n 
A 1 50  ILE 50  50  50  ILE ILE A . n 
A 1 51  ASN 51  51  51  ASN ASN A . n 
A 1 52  ALA 52  52  52  ALA ALA A . n 
A 1 53  ALA 53  53  53  ALA ALA A . n 
A 1 54  LYS 54  54  54  LYS LYS A . n 
A 1 55  SER 55  55  55  SER SER A . n 
A 1 56  GLU 56  56  56  GLU GLU A . n 
A 1 57  LEU 57  57  57  LEU LEU A . n 
A 1 58  ASP 58  58  58  ASP ASP A . n 
A 1 59  LYS 59  59  59  LYS LYS A . n 
A 1 60  ALA 60  60  60  ALA ALA A . n 
A 1 61  ILE 61  61  61  ILE ILE A . n 
A 1 62  GLY 62  62  62  GLY GLY A . n 
A 1 63  ALA 63  63  63  ALA ALA A . n 
A 1 64  ASN 64  64  64  ASN ASN A . n 
A 1 65  THR 65  65  65  THR THR A . n 
A 1 66  ASN 66  66  66  ASN ASN A . n 
A 1 67  GLY 67  67  67  GLY GLY A . n 
A 1 68  VAL 68  68  68  VAL VAL A . n 
A 1 69  ILE 69  69  69  ILE ILE A . n 
A 1 70  THR 70  70  70  THR THR A . n 
A 1 71  LYS 71  71  71  LYS LYS A . n 
A 1 72  ASP 72  72  72  ASP ASP A . n 
A 1 73  GLU 73  73  73  GLU GLU A . n 
A 1 74  ALA 74  74  74  ALA ALA A . n 
A 1 75  GLU 75  75  75  GLU GLU A . n 
A 1 76  LYS 76  76  76  LYS LYS A . n 
A 1 77  LEU 77  77  77  LEU LEU A . n 
A 1 78  PHE 78  78  78  PHE PHE A . n 
A 1 79  ASN 79  79  79  ASN ASN A . n 
A 1 80  GLN 80  80  80  GLN GLN A . n 
A 1 81  ASP 81  81  81  ASP ASP A . n 
A 1 82  VAL 82  82  82  VAL VAL A . n 
A 1 83  ASP 83  83  83  ASP ASP A . n 
A 1 84  ALA 84  84  84  ALA ALA A . n 
A 1 85  ALA 85  85  85  ALA ALA A . n 
A 1 86  VAL 86  86  86  VAL VAL A . n 
A 1 87  ARG 87  87  87  ARG ARG A . n 
A 1 88  GLY 88  88  88  GLY GLY A . n 
A 1 89  ILE 89  89  89  ILE ILE A . n 
A 1 90  LEU 90  90  90  LEU LEU A . n 
A 1 91  ARG 91  91  91  ARG ARG A . n 
A 1 92  ASN 92  92  92  ASN ASN A . n 
A 1 93  ALA 93  93  93  ALA ALA A . n 
A 1 94  LYS 94  94  94  LYS LYS A . n 
A 1 95  LEU 95  95  95  LEU LEU A . n 
A 1 96  LYS 96  96  96  LYS LYS A . n 
A 1 97  PRO 97  97  97  PRO PRO A . n 
A 1 98  VAL 98  98  98  VAL VAL A . n 
A 1 99  TYR 99  99  99  TYR TYR A . n 
A 1 100 ASP 100 100 100 ASP ASP A . n 
A 1 101 SER 101 101 101 SER SER A . n 
A 1 102 LEU 102 102 102 LEU LEU A . n 
A 1 103 ASP 103 103 103 ASP ASP A . n 
A 1 104 ALA 104 104 104 ALA ALA A . n 
A 1 105 VAL 105 105 105 VAL VAL A . n 
A 1 106 ARG 106 106 106 ARG ARG A . n 
A 1 107 ARG 107 107 107 ARG ARG A . n 
A 1 108 ALA 108 108 108 ALA ALA A . n 
A 1 109 ALA 109 109 109 ALA ALA A . n 
A 1 110 LEU 110 110 110 LEU LEU A . n 
A 1 111 ILE 111 111 111 ILE ILE A . n 
A 1 112 ASN 112 112 112 ASN ASN A . n 
A 1 113 MET 113 113 113 MET MET A . n 
A 1 114 VAL 114 114 114 VAL VAL A . n 
A 1 115 PHE 115 115 115 PHE PHE A . n 
A 1 116 GLN 116 116 116 GLN GLN A . n 
A 1 117 MET 117 117 117 MET MET A . n 
A 1 118 GLY 118 118 118 GLY GLY A . n 
A 1 119 GLU 119 119 119 GLU GLU A . n 
A 1 120 THR 120 120 120 THR THR A . n 
A 1 121 GLY 121 121 121 GLY GLY A . n 
A 1 122 VAL 122 122 122 VAL VAL A . n 
A 1 123 ALA 123 123 123 ALA ALA A . n 
A 1 124 GLY 124 124 124 GLY GLY A . n 
A 1 125 PHE 125 125 125 PHE PHE A . n 
A 1 126 THR 126 126 126 THR THR A . n 
A 1 127 ASN 127 127 127 ASN ASN A . n 
A 1 128 SER 128 128 128 SER SER A . n 
A 1 129 LEU 129 129 129 LEU LEU A . n 
A 1 130 ARG 130 130 130 ARG ARG A . n 
A 1 131 MET 131 131 131 MET MET A . n 
A 1 132 LEU 132 132 132 LEU LEU A . n 
A 1 133 GLN 133 133 133 GLN GLN A . n 
A 1 134 GLN 134 134 134 GLN GLN A . n 
A 1 135 LYS 135 135 135 LYS LYS A . n 
A 1 136 ARG 136 136 136 ARG ARG A . n 
A 1 137 TRP 137 137 137 TRP TRP A . n 
A 1 138 ASP 138 138 138 ASP ASP A . n 
A 1 139 GLU 139 139 139 GLU GLU A . n 
A 1 140 ALA 140 140 140 ALA ALA A . n 
A 1 141 ALA 141 141 141 ALA ALA A . n 
A 1 142 VAL 142 142 142 VAL VAL A . n 
A 1 143 ASN 143 143 143 ASN ASN A . n 
A 1 144 LEU 144 144 144 LEU LEU A . n 
A 1 145 ALA 145 145 145 ALA ALA A . n 
A 1 146 LYS 146 146 146 LYS LYS A . n 
A 1 147 SER 147 147 147 SER SER A . n 
A 1 148 ARG 148 148 148 ARG ARG A . n 
A 1 149 TRP 149 149 149 TRP TRP A . n 
A 1 150 TYR 150 150 150 TYR TYR A . n 
A 1 151 ASN 151 151 151 ASN ASN A . n 
A 1 152 GLN 152 152 152 GLN GLN A . n 
A 1 153 THR 153 153 153 THR THR A . n 
A 1 154 PRO 154 154 154 PRO PRO A . n 
A 1 155 ASN 155 155 155 ASN ASN A . n 
A 1 156 ARG 156 156 156 ARG ARG A . n 
A 1 157 ALA 157 157 157 ALA ALA A . n 
A 1 158 LYS 158 158 158 LYS LYS A . n 
A 1 159 ARG 159 159 159 ARG ARG A . n 
A 1 160 VAL 160 160 160 VAL VAL A . n 
A 1 161 ILE 161 161 161 ILE ILE A . n 
A 1 162 THR 162 162 162 THR THR A . n 
A 1 163 THR 163 163 163 THR THR A . n 
A 1 164 PHE 164 164 164 PHE PHE A . n 
A 1 165 ARG 165 165 165 ARG ARG A . n 
A 1 166 THR 166 166 166 THR THR A . n 
A 1 167 GLY 167 167 167 GLY GLY A . n 
A 1 168 THR 168 168 168 THR THR A . n 
A 1 169 TRP 169 169 169 TRP TRP A . n 
A 1 170 ASP 170 170 170 ASP ASP A . n 
A 1 171 ALA 171 171 171 ALA ALA A . n 
A 1 172 TYR 172 172 172 TYR TYR A . n 
A 1 173 LYS 173 173 173 LYS LYS A . n 
A 1 174 ASN 174 174 174 ASN ASN A . n 
A 1 175 LEU 175 175 175 LEU LEU A . n 
# 
loop_
_pdbx_nonpoly_scheme.asym_id 
_pdbx_nonpoly_scheme.entity_id 
_pdbx_nonpoly_scheme.mon_id 
_pdbx_nonpoly_scheme.ndb_seq_num 
_pdbx_nonpoly_scheme.pdb_seq_num 
_pdbx_nonpoly_scheme.auth_seq_num 
_pdbx_nonpoly_scheme.pdb_mon_id 
_pdbx_nonpoly_scheme.auth_mon_id 
_pdbx_nonpoly_scheme.pdb_strand_id 
_pdbx_nonpoly_scheme.pdb_ins_code 
B 2 CL  1   600  600 CL  CL  A . 
C 3 MGX 1   300  300 MGX MGN A . 
D 4 BME 1   901  901 BME BME A . 
E 5 HOH 1   902  1   HOH TIP A . 
E 5 HOH 2   903  2   HOH TIP A . 
E 5 HOH 3   904  3   HOH TIP A . 
E 5 HOH 4   905  4   HOH TIP A . 
E 5 HOH 5   906  5   HOH TIP A . 
E 5 HOH 6   907  6   HOH TIP A . 
E 5 HOH 7   908  7   HOH TIP A . 
E 5 HOH 8   909  8   HOH TIP A . 
E 5 HOH 9   910  9   HOH TIP A . 
E 5 HOH 10  911  10  HOH TIP A . 
E 5 HOH 11  912  11  HOH TIP A . 
E 5 HOH 12  913  12  HOH TIP A . 
E 5 HOH 13  914  13  HOH TIP A . 
E 5 HOH 14  915  14  HOH TIP A . 
E 5 HOH 15  916  15  HOH TIP A . 
E 5 HOH 16  917  16  HOH TIP A . 
E 5 HOH 17  918  17  HOH TIP A . 
E 5 HOH 18  919  19  HOH TIP A . 
E 5 HOH 19  920  20  HOH TIP A . 
E 5 HOH 20  921  21  HOH TIP A . 
E 5 HOH 21  922  22  HOH TIP A . 
E 5 HOH 22  923  23  HOH TIP A . 
E 5 HOH 23  924  24  HOH TIP A . 
E 5 HOH 24  925  25  HOH TIP A . 
E 5 HOH 25  926  26  HOH TIP A . 
E 5 HOH 26  927  27  HOH TIP A . 
E 5 HOH 27  928  28  HOH TIP A . 
E 5 HOH 28  929  29  HOH TIP A . 
E 5 HOH 29  930  30  HOH TIP A . 
E 5 HOH 30  931  31  HOH TIP A . 
E 5 HOH 31  932  32  HOH TIP A . 
E 5 HOH 32  933  33  HOH TIP A . 
E 5 HOH 33  934  34  HOH TIP A . 
E 5 HOH 34  935  35  HOH TIP A . 
E 5 HOH 35  936  36  HOH TIP A . 
E 5 HOH 36  937  37  HOH TIP A . 
E 5 HOH 37  938  38  HOH TIP A . 
E 5 HOH 38  939  39  HOH TIP A . 
E 5 HOH 39  940  40  HOH TIP A . 
E 5 HOH 40  941  41  HOH TIP A . 
E 5 HOH 41  942  42  HOH TIP A . 
E 5 HOH 42  943  43  HOH TIP A . 
E 5 HOH 43  944  44  HOH TIP A . 
E 5 HOH 44  945  45  HOH TIP A . 
E 5 HOH 45  946  46  HOH TIP A . 
E 5 HOH 46  947  47  HOH TIP A . 
E 5 HOH 47  948  48  HOH TIP A . 
E 5 HOH 48  949  49  HOH TIP A . 
E 5 HOH 49  950  50  HOH TIP A . 
E 5 HOH 50  951  52  HOH TIP A . 
E 5 HOH 51  952  53  HOH TIP A . 
E 5 HOH 52  953  54  HOH TIP A . 
E 5 HOH 53  954  55  HOH TIP A . 
E 5 HOH 54  955  56  HOH TIP A . 
E 5 HOH 55  956  57  HOH TIP A . 
E 5 HOH 56  957  58  HOH TIP A . 
E 5 HOH 57  958  59  HOH TIP A . 
E 5 HOH 58  959  60  HOH TIP A . 
E 5 HOH 59  960  61  HOH TIP A . 
E 5 HOH 60  961  62  HOH TIP A . 
E 5 HOH 61  962  63  HOH TIP A . 
E 5 HOH 62  963  65  HOH TIP A . 
E 5 HOH 63  964  66  HOH TIP A . 
E 5 HOH 64  965  67  HOH TIP A . 
E 5 HOH 65  966  68  HOH TIP A . 
E 5 HOH 66  967  69  HOH TIP A . 
E 5 HOH 67  968  70  HOH TIP A . 
E 5 HOH 68  969  71  HOH TIP A . 
E 5 HOH 69  970  72  HOH TIP A . 
E 5 HOH 70  971  73  HOH TIP A . 
E 5 HOH 71  972  74  HOH TIP A . 
E 5 HOH 72  973  75  HOH TIP A . 
E 5 HOH 73  974  76  HOH TIP A . 
E 5 HOH 74  975  77  HOH TIP A . 
E 5 HOH 75  976  78  HOH TIP A . 
E 5 HOH 76  977  79  HOH TIP A . 
E 5 HOH 77  978  80  HOH TIP A . 
E 5 HOH 78  979  82  HOH TIP A . 
E 5 HOH 79  980  83  HOH TIP A . 
E 5 HOH 80  981  84  HOH TIP A . 
E 5 HOH 81  982  85  HOH TIP A . 
E 5 HOH 82  983  86  HOH TIP A . 
E 5 HOH 83  984  87  HOH TIP A . 
E 5 HOH 84  985  88  HOH TIP A . 
E 5 HOH 85  986  89  HOH TIP A . 
E 5 HOH 86  987  90  HOH TIP A . 
E 5 HOH 87  988  91  HOH TIP A . 
E 5 HOH 88  989  92  HOH TIP A . 
E 5 HOH 89  990  93  HOH TIP A . 
E 5 HOH 90  991  94  HOH TIP A . 
E 5 HOH 91  992  95  HOH TIP A . 
E 5 HOH 92  993  96  HOH TIP A . 
E 5 HOH 93  994  97  HOH TIP A . 
E 5 HOH 94  995  98  HOH TIP A . 
E 5 HOH 95  996  99  HOH TIP A . 
E 5 HOH 96  997  100 HOH TIP A . 
E 5 HOH 97  998  101 HOH TIP A . 
E 5 HOH 98  999  102 HOH TIP A . 
E 5 HOH 99  1000 103 HOH TIP A . 
E 5 HOH 100 1001 104 HOH TIP A . 
E 5 HOH 101 1002 105 HOH TIP A . 
E 5 HOH 102 1003 106 HOH TIP A . 
E 5 HOH 103 1004 107 HOH TIP A . 
E 5 HOH 104 1005 108 HOH TIP A . 
E 5 HOH 105 1006 109 HOH TIP A . 
E 5 HOH 106 1007 111 HOH TIP A . 
E 5 HOH 107 1008 112 HOH TIP A . 
E 5 HOH 108 1009 113 HOH TIP A . 
E 5 HOH 109 1010 114 HOH TIP A . 
E 5 HOH 110 1011 115 HOH TIP A . 
E 5 HOH 111 1012 116 HOH TIP A . 
E 5 HOH 112 1013 117 HOH TIP A . 
E 5 HOH 113 1014 118 HOH TIP A . 
E 5 HOH 114 1015 119 HOH TIP A . 
E 5 HOH 115 1016 120 HOH TIP A . 
E 5 HOH 116 1017 121 HOH TIP A . 
E 5 HOH 117 1018 122 HOH TIP A . 
E 5 HOH 118 1019 123 HOH TIP A . 
E 5 HOH 119 1020 124 HOH TIP A . 
E 5 HOH 120 1021 125 HOH TIP A . 
E 5 HOH 121 1022 126 HOH TIP A . 
E 5 HOH 122 1023 127 HOH TIP A . 
E 5 HOH 123 1024 128 HOH TIP A . 
E 5 HOH 124 1025 129 HOH TIP A . 
E 5 HOH 125 1026 130 HOH TIP A . 
E 5 HOH 126 1027 131 HOH TIP A . 
E 5 HOH 127 1028 132 HOH TIP A . 
E 5 HOH 128 1029 133 HOH TIP A . 
E 5 HOH 129 1030 134 HOH TIP A . 
E 5 HOH 130 1031 135 HOH TIP A . 
E 5 HOH 131 1032 137 HOH TIP A . 
E 5 HOH 132 1033 138 HOH TIP A . 
E 5 HOH 133 1034 140 HOH TIP A . 
E 5 HOH 134 1035 141 HOH TIP A . 
E 5 HOH 135 1036 142 HOH TIP A . 
E 5 HOH 136 1037 143 HOH TIP A . 
E 5 HOH 137 1038 144 HOH TIP A . 
E 5 HOH 138 1039 145 HOH TIP A . 
E 5 HOH 139 1040 146 HOH TIP A . 
E 5 HOH 140 1041 147 HOH TIP A . 
E 5 HOH 141 1042 148 HOH TIP A . 
E 5 HOH 142 1043 149 HOH TIP A . 
E 5 HOH 143 1044 150 HOH TIP A . 
E 5 HOH 144 1045 152 HOH TIP A . 
E 5 HOH 145 1046 155 HOH TIP A . 
E 5 HOH 146 1047 156 HOH TIP A . 
E 5 HOH 147 1048 157 HOH TIP A . 
E 5 HOH 148 1049 158 HOH TIP A . 
E 5 HOH 149 1050 160 HOH TIP A . 
E 5 HOH 150 1051 161 HOH TIP A . 
E 5 HOH 151 1052 162 HOH TIP A . 
E 5 HOH 152 1053 163 HOH TIP A . 
E 5 HOH 153 1054 165 HOH TIP A . 
E 5 HOH 154 1055 166 HOH TIP A . 
E 5 HOH 155 1056 167 HOH TIP A . 
E 5 HOH 156 1057 168 HOH TIP A . 
E 5 HOH 157 1058 169 HOH TIP A . 
E 5 HOH 158 1059 170 HOH TIP A . 
E 5 HOH 159 1060 171 HOH TIP A . 
E 5 HOH 160 1061 173 HOH TIP A . 
E 5 HOH 161 1062 174 HOH TIP A . 
E 5 HOH 162 1063 176 HOH TIP A . 
E 5 HOH 163 1064 177 HOH TIP A . 
E 5 HOH 164 1065 178 HOH TIP A . 
E 5 HOH 165 1066 179 HOH TIP A . 
E 5 HOH 166 1067 180 HOH TIP A . 
E 5 HOH 167 1068 181 HOH TIP A . 
E 5 HOH 168 1069 182 HOH TIP A . 
E 5 HOH 169 1070 183 HOH TIP A . 
E 5 HOH 170 1071 184 HOH TIP A . 
E 5 HOH 171 1072 185 HOH TIP A . 
E 5 HOH 172 1073 186 HOH TIP A . 
E 5 HOH 173 1074 187 HOH TIP A . 
E 5 HOH 174 1075 188 HOH TIP A . 
E 5 HOH 175 1076 189 HOH TIP A . 
E 5 HOH 176 1077 190 HOH TIP A . 
E 5 HOH 177 1078 191 HOH TIP A . 
E 5 HOH 178 1079 192 HOH TIP A . 
E 5 HOH 179 1080 193 HOH TIP A . 
E 5 HOH 180 1081 194 HOH TIP A . 
E 5 HOH 181 1082 195 HOH TIP A . 
E 5 HOH 182 1083 196 HOH TIP A . 
E 5 HOH 183 1084 197 HOH TIP A . 
# 
_pdbx_struct_assembly.id                   1 
_pdbx_struct_assembly.details              author_defined_assembly 
_pdbx_struct_assembly.method_details       ? 
_pdbx_struct_assembly.oligomeric_details   monomeric 
_pdbx_struct_assembly.oligomeric_count     1 
# 
_pdbx_struct_assembly_gen.assembly_id       1 
_pdbx_struct_assembly_gen.oper_expression   1 
_pdbx_struct_assembly_gen.asym_id_list      A,B,C,D,E 
# 
_pdbx_struct_oper_list.id                   1 
_pdbx_struct_oper_list.type                 'identity operation' 
_pdbx_struct_oper_list.name                 1_555 
_pdbx_struct_oper_list.symmetry_operation   x,y,z 
_pdbx_struct_oper_list.matrix[1][1]         1.0000000000 
_pdbx_struct_oper_list.matrix[1][2]         0.0000000000 
_pdbx_struct_oper_list.matrix[1][3]         0.0000000000 
_pdbx_struct_oper_list.vector[1]            0.0000000000 
_pdbx_struct_oper_list.matrix[2][1]         0.0000000000 
_pdbx_struct_oper_list.matrix[2][2]         1.0000000000 
_pdbx_struct_oper_list.matrix[2][3]         0.0000000000 
_pdbx_struct_oper_list.vector[2]            0.0000000000 
_pdbx_struct_oper_list.matrix[3][1]         0.0000000000 
_pdbx_struct_oper_list.matrix[3][2]         0.0000000000 
_pdbx_struct_oper_list.matrix[3][3]         1.0000000000 
_pdbx_struct_oper_list.vector[3]            0.0000000000 
# 
loop_
_pdbx_audit_revision_history.ordinal 
_pdbx_audit_revision_history.data_content_type 
_pdbx_audit_revision_history.major_revision 
_pdbx_audit_revision_history.minor_revision 
_pdbx_audit_revision_history.revision_date 
1 'Structure model' 1 0 2006-04-25 
2 'Structure model' 1 1 2008-05-01 
3 'Structure model' 1 2 2011-07-13 
4 'Structure model' 1 3 2017-10-18 
5 'Structure model' 1 4 2021-10-20 
6 'Structure model' 1 5 2023-08-23 
# 
_pdbx_audit_revision_details.ordinal             1 
_pdbx_audit_revision_details.revision_ordinal    1 
_pdbx_audit_revision_details.data_content_type   'Structure model' 
_pdbx_audit_revision_details.provider            repository 
_pdbx_audit_revision_details.type                'Initial release' 
_pdbx_audit_revision_details.description         ? 
_pdbx_audit_revision_details.details             ? 
# 
loop_
_pdbx_audit_revision_group.ordinal 
_pdbx_audit_revision_group.revision_ordinal 
_pdbx_audit_revision_group.data_content_type 
_pdbx_audit_revision_group.group 
1 2 'Structure model' 'Version format compliance' 
2 3 'Structure model' 'Version format compliance' 
3 4 'Structure model' 'Refinement description'    
4 5 'Structure model' 'Database references'       
5 5 'Structure model' 'Derived calculations'      
6 6 'Structure model' 'Data collection'           
7 6 'Structure model' 'Refinement description'    
# 
loop_
_pdbx_audit_revision_category.ordinal 
_pdbx_audit_revision_category.revision_ordinal 
_pdbx_audit_revision_category.data_content_type 
_pdbx_audit_revision_category.category 
1 4 'Structure model' software                      
2 5 'Structure model' database_2                    
3 5 'Structure model' struct_ref_seq_dif            
4 5 'Structure model' struct_site                   
5 6 'Structure model' chem_comp_atom                
6 6 'Structure model' chem_comp_bond                
7 6 'Structure model' pdbx_initial_refinement_model 
# 
loop_
_pdbx_audit_revision_item.ordinal 
_pdbx_audit_revision_item.revision_ordinal 
_pdbx_audit_revision_item.data_content_type 
_pdbx_audit_revision_item.item 
1 5 'Structure model' '_database_2.pdbx_DOI'                
2 5 'Structure model' '_database_2.pdbx_database_accession' 
3 5 'Structure model' '_struct_ref_seq_dif.details'         
4 5 'Structure model' '_struct_site.pdbx_auth_asym_id'      
5 5 'Structure model' '_struct_site.pdbx_auth_comp_id'      
6 5 'Structure model' '_struct_site.pdbx_auth_seq_id'       
# 
loop_
_software.name 
_software.classification 
_software.version 
_software.citation_id 
_software.pdbx_ordinal 
DENZO     'data reduction' DENZO ? 1 
SCALEPACK 'data scaling'   DENZO ? 2 
CNS       refinement       .     ? 3 
CNS       phasing          .     ? 4 
# 
loop_
_pdbx_validate_torsion.id 
_pdbx_validate_torsion.PDB_model_num 
_pdbx_validate_torsion.auth_comp_id 
_pdbx_validate_torsion.auth_asym_id 
_pdbx_validate_torsion.auth_seq_id 
_pdbx_validate_torsion.PDB_ins_code 
_pdbx_validate_torsion.label_alt_id 
_pdbx_validate_torsion.phi 
_pdbx_validate_torsion.psi 
1 1 ILE A 29  ? ? -108.78 77.94  
2 1 LEU A 33  ? ? -107.02 -69.73 
3 1 ALA A 41  ? ? -16.05  107.12 
4 1 ALA A 42  ? ? -9.04   149.03 
5 1 ASN A 174 ? ? 77.48   44.03  
# 
loop_
_chem_comp_atom.comp_id 
_chem_comp_atom.atom_id 
_chem_comp_atom.type_symbol 
_chem_comp_atom.pdbx_aromatic_flag 
_chem_comp_atom.pdbx_stereo_config 
_chem_comp_atom.pdbx_ordinal 
ALA N    N  N N 1   
ALA CA   C  N S 2   
ALA C    C  N N 3   
ALA O    O  N N 4   
ALA CB   C  N N 5   
ALA OXT  O  N N 6   
ALA H    H  N N 7   
ALA H2   H  N N 8   
ALA HA   H  N N 9   
ALA HB1  H  N N 10  
ALA HB2  H  N N 11  
ALA HB3  H  N N 12  
ALA HXT  H  N N 13  
ARG N    N  N N 14  
ARG CA   C  N S 15  
ARG C    C  N N 16  
ARG O    O  N N 17  
ARG CB   C  N N 18  
ARG CG   C  N N 19  
ARG CD   C  N N 20  
ARG NE   N  N N 21  
ARG CZ   C  N N 22  
ARG NH1  N  N N 23  
ARG NH2  N  N N 24  
ARG OXT  O  N N 25  
ARG H    H  N N 26  
ARG H2   H  N N 27  
ARG HA   H  N N 28  
ARG HB2  H  N N 29  
ARG HB3  H  N N 30  
ARG HG2  H  N N 31  
ARG HG3  H  N N 32  
ARG HD2  H  N N 33  
ARG HD3  H  N N 34  
ARG HE   H  N N 35  
ARG HH11 H  N N 36  
ARG HH12 H  N N 37  
ARG HH21 H  N N 38  
ARG HH22 H  N N 39  
ARG HXT  H  N N 40  
ASN N    N  N N 41  
ASN CA   C  N S 42  
ASN C    C  N N 43  
ASN O    O  N N 44  
ASN CB   C  N N 45  
ASN CG   C  N N 46  
ASN OD1  O  N N 47  
ASN ND2  N  N N 48  
ASN OXT  O  N N 49  
ASN H    H  N N 50  
ASN H2   H  N N 51  
ASN HA   H  N N 52  
ASN HB2  H  N N 53  
ASN HB3  H  N N 54  
ASN HD21 H  N N 55  
ASN HD22 H  N N 56  
ASN HXT  H  N N 57  
ASP N    N  N N 58  
ASP CA   C  N S 59  
ASP C    C  N N 60  
ASP O    O  N N 61  
ASP CB   C  N N 62  
ASP CG   C  N N 63  
ASP OD1  O  N N 64  
ASP OD2  O  N N 65  
ASP OXT  O  N N 66  
ASP H    H  N N 67  
ASP H2   H  N N 68  
ASP HA   H  N N 69  
ASP HB2  H  N N 70  
ASP HB3  H  N N 71  
ASP HD2  H  N N 72  
ASP HXT  H  N N 73  
BME C1   C  N N 74  
BME C2   C  N N 75  
BME O1   O  N N 76  
BME S2   S  N N 77  
BME H11  H  N N 78  
BME H12  H  N N 79  
BME H21  H  N N 80  
BME H22  H  N N 81  
BME HO1  H  N N 82  
BME HS2  H  N N 83  
CL  CL   CL N N 84  
CYS N    N  N N 85  
CYS CA   C  N R 86  
CYS C    C  N N 87  
CYS O    O  N N 88  
CYS CB   C  N N 89  
CYS SG   S  N N 90  
CYS OXT  O  N N 91  
CYS H    H  N N 92  
CYS H2   H  N N 93  
CYS HA   H  N N 94  
CYS HB2  H  N N 95  
CYS HB3  H  N N 96  
CYS HG   H  N N 97  
CYS HXT  H  N N 98  
GLN N    N  N N 99  
GLN CA   C  N S 100 
GLN C    C  N N 101 
GLN O    O  N N 102 
GLN CB   C  N N 103 
GLN CG   C  N N 104 
GLN CD   C  N N 105 
GLN OE1  O  N N 106 
GLN NE2  N  N N 107 
GLN OXT  O  N N 108 
GLN H    H  N N 109 
GLN H2   H  N N 110 
GLN HA   H  N N 111 
GLN HB2  H  N N 112 
GLN HB3  H  N N 113 
GLN HG2  H  N N 114 
GLN HG3  H  N N 115 
GLN HE21 H  N N 116 
GLN HE22 H  N N 117 
GLN HXT  H  N N 118 
GLU N    N  N N 119 
GLU CA   C  N S 120 
GLU C    C  N N 121 
GLU O    O  N N 122 
GLU CB   C  N N 123 
GLU CG   C  N N 124 
GLU CD   C  N N 125 
GLU OE1  O  N N 126 
GLU OE2  O  N N 127 
GLU OXT  O  N N 128 
GLU H    H  N N 129 
GLU H2   H  N N 130 
GLU HA   H  N N 131 
GLU HB2  H  N N 132 
GLU HB3  H  N N 133 
GLU HG2  H  N N 134 
GLU HG3  H  N N 135 
GLU HE2  H  N N 136 
GLU HXT  H  N N 137 
GLY N    N  N N 138 
GLY CA   C  N N 139 
GLY C    C  N N 140 
GLY O    O  N N 141 
GLY OXT  O  N N 142 
GLY H    H  N N 143 
GLY H2   H  N N 144 
GLY HA2  H  N N 145 
GLY HA3  H  N N 146 
GLY HXT  H  N N 147 
HIS N    N  N N 148 
HIS CA   C  N S 149 
HIS C    C  N N 150 
HIS O    O  N N 151 
HIS CB   C  N N 152 
HIS CG   C  Y N 153 
HIS ND1  N  Y N 154 
HIS CD2  C  Y N 155 
HIS CE1  C  Y N 156 
HIS NE2  N  Y N 157 
HIS OXT  O  N N 158 
HIS H    H  N N 159 
HIS H2   H  N N 160 
HIS HA   H  N N 161 
HIS HB2  H  N N 162 
HIS HB3  H  N N 163 
HIS HD1  H  N N 164 
HIS HD2  H  N N 165 
HIS HE1  H  N N 166 
HIS HE2  H  N N 167 
HIS HXT  H  N N 168 
HOH O    O  N N 169 
HOH H1   H  N N 170 
HOH H2   H  N N 171 
ILE N    N  N N 172 
ILE CA   C  N S 173 
ILE C    C  N N 174 
ILE O    O  N N 175 
ILE CB   C  N S 176 
ILE CG1  C  N N 177 
ILE CG2  C  N N 178 
ILE CD1  C  N N 179 
ILE OXT  O  N N 180 
ILE H    H  N N 181 
ILE H2   H  N N 182 
ILE HA   H  N N 183 
ILE HB   H  N N 184 
ILE HG12 H  N N 185 
ILE HG13 H  N N 186 
ILE HG21 H  N N 187 
ILE HG22 H  N N 188 
ILE HG23 H  N N 189 
ILE HD11 H  N N 190 
ILE HD12 H  N N 191 
ILE HD13 H  N N 192 
ILE HXT  H  N N 193 
LEU N    N  N N 194 
LEU CA   C  N S 195 
LEU C    C  N N 196 
LEU O    O  N N 197 
LEU CB   C  N N 198 
LEU CG   C  N N 199 
LEU CD1  C  N N 200 
LEU CD2  C  N N 201 
LEU OXT  O  N N 202 
LEU H    H  N N 203 
LEU H2   H  N N 204 
LEU HA   H  N N 205 
LEU HB2  H  N N 206 
LEU HB3  H  N N 207 
LEU HG   H  N N 208 
LEU HD11 H  N N 209 
LEU HD12 H  N N 210 
LEU HD13 H  N N 211 
LEU HD21 H  N N 212 
LEU HD22 H  N N 213 
LEU HD23 H  N N 214 
LEU HXT  H  N N 215 
LYS N    N  N N 216 
LYS CA   C  N S 217 
LYS C    C  N N 218 
LYS O    O  N N 219 
LYS CB   C  N N 220 
LYS CG   C  N N 221 
LYS CD   C  N N 222 
LYS CE   C  N N 223 
LYS NZ   N  N N 224 
LYS OXT  O  N N 225 
LYS H    H  N N 226 
LYS H2   H  N N 227 
LYS HA   H  N N 228 
LYS HB2  H  N N 229 
LYS HB3  H  N N 230 
LYS HG2  H  N N 231 
LYS HG3  H  N N 232 
LYS HD2  H  N N 233 
LYS HD3  H  N N 234 
LYS HE2  H  N N 235 
LYS HE3  H  N N 236 
LYS HZ1  H  N N 237 
LYS HZ2  H  N N 238 
LYS HZ3  H  N N 239 
LYS HXT  H  N N 240 
MET N    N  N N 241 
MET CA   C  N S 242 
MET C    C  N N 243 
MET O    O  N N 244 
MET CB   C  N N 245 
MET CG   C  N N 246 
MET SD   S  N N 247 
MET CE   C  N N 248 
MET OXT  O  N N 249 
MET H    H  N N 250 
MET H2   H  N N 251 
MET HA   H  N N 252 
MET HB2  H  N N 253 
MET HB3  H  N N 254 
MET HG2  H  N N 255 
MET HG3  H  N N 256 
MET HE1  H  N N 257 
MET HE2  H  N N 258 
MET HE3  H  N N 259 
MET HXT  H  N N 260 
MGX CD   C  N N 261 
MGX NE   N  N N 262 
MGX CZ   C  N N 263 
MGX NH1  N  N N 264 
MGX NH2  N  N N 265 
MGX HD1  H  N N 266 
MGX HD2  H  N N 267 
MGX HD3  H  N N 268 
MGX HNE  H  N N 269 
MGX HH11 H  N N 270 
MGX HH12 H  N N 271 
MGX HNH2 H  N N 272 
PHE N    N  N N 273 
PHE CA   C  N S 274 
PHE C    C  N N 275 
PHE O    O  N N 276 
PHE CB   C  N N 277 
PHE CG   C  Y N 278 
PHE CD1  C  Y N 279 
PHE CD2  C  Y N 280 
PHE CE1  C  Y N 281 
PHE CE2  C  Y N 282 
PHE CZ   C  Y N 283 
PHE OXT  O  N N 284 
PHE H    H  N N 285 
PHE H2   H  N N 286 
PHE HA   H  N N 287 
PHE HB2  H  N N 288 
PHE HB3  H  N N 289 
PHE HD1  H  N N 290 
PHE HD2  H  N N 291 
PHE HE1  H  N N 292 
PHE HE2  H  N N 293 
PHE HZ   H  N N 294 
PHE HXT  H  N N 295 
PRO N    N  N N 296 
PRO CA   C  N S 297 
PRO C    C  N N 298 
PRO O    O  N N 299 
PRO CB   C  N N 300 
PRO CG   C  N N 301 
PRO CD   C  N N 302 
PRO OXT  O  N N 303 
PRO H    H  N N 304 
PRO HA   H  N N 305 
PRO HB2  H  N N 306 
PRO HB3  H  N N 307 
PRO HG2  H  N N 308 
PRO HG3  H  N N 309 
PRO HD2  H  N N 310 
PRO HD3  H  N N 311 
PRO HXT  H  N N 312 
SER N    N  N N 313 
SER CA   C  N S 314 
SER C    C  N N 315 
SER O    O  N N 316 
SER CB   C  N N 317 
SER OG   O  N N 318 
SER OXT  O  N N 319 
SER H    H  N N 320 
SER H2   H  N N 321 
SER HA   H  N N 322 
SER HB2  H  N N 323 
SER HB3  H  N N 324 
SER HG   H  N N 325 
SER HXT  H  N N 326 
THR N    N  N N 327 
THR CA   C  N S 328 
THR C    C  N N 329 
THR O    O  N N 330 
THR CB   C  N R 331 
THR OG1  O  N N 332 
THR CG2  C  N N 333 
THR OXT  O  N N 334 
THR H    H  N N 335 
THR H2   H  N N 336 
THR HA   H  N N 337 
THR HB   H  N N 338 
THR HG1  H  N N 339 
THR HG21 H  N N 340 
THR HG22 H  N N 341 
THR HG23 H  N N 342 
THR HXT  H  N N 343 
TRP N    N  N N 344 
TRP CA   C  N S 345 
TRP C    C  N N 346 
TRP O    O  N N 347 
TRP CB   C  N N 348 
TRP CG   C  Y N 349 
TRP CD1  C  Y N 350 
TRP CD2  C  Y N 351 
TRP NE1  N  Y N 352 
TRP CE2  C  Y N 353 
TRP CE3  C  Y N 354 
TRP CZ2  C  Y N 355 
TRP CZ3  C  Y N 356 
TRP CH2  C  Y N 357 
TRP OXT  O  N N 358 
TRP H    H  N N 359 
TRP H2   H  N N 360 
TRP HA   H  N N 361 
TRP HB2  H  N N 362 
TRP HB3  H  N N 363 
TRP HD1  H  N N 364 
TRP HE1  H  N N 365 
TRP HE3  H  N N 366 
TRP HZ2  H  N N 367 
TRP HZ3  H  N N 368 
TRP HH2  H  N N 369 
TRP HXT  H  N N 370 
TYR N    N  N N 371 
TYR CA   C  N S 372 
TYR C    C  N N 373 
TYR O    O  N N 374 
TYR CB   C  N N 375 
TYR CG   C  Y N 376 
TYR CD1  C  Y N 377 
TYR CD2  C  Y N 378 
TYR CE1  C  Y N 379 
TYR CE2  C  Y N 380 
TYR CZ   C  Y N 381 
TYR OH   O  N N 382 
TYR OXT  O  N N 383 
TYR H    H  N N 384 
TYR H2   H  N N 385 
TYR HA   H  N N 386 
TYR HB2  H  N N 387 
TYR HB3  H  N N 388 
TYR HD1  H  N N 389 
TYR HD2  H  N N 390 
TYR HE1  H  N N 391 
TYR HE2  H  N N 392 
TYR HH   H  N N 393 
TYR HXT  H  N N 394 
VAL N    N  N N 395 
VAL CA   C  N S 396 
VAL C    C  N N 397 
VAL O    O  N N 398 
VAL CB   C  N N 399 
VAL CG1  C  N N 400 
VAL CG2  C  N N 401 
VAL OXT  O  N N 402 
VAL H    H  N N 403 
VAL H2   H  N N 404 
VAL HA   H  N N 405 
VAL HB   H  N N 406 
VAL HG11 H  N N 407 
VAL HG12 H  N N 408 
VAL HG13 H  N N 409 
VAL HG21 H  N N 410 
VAL HG22 H  N N 411 
VAL HG23 H  N N 412 
VAL HXT  H  N N 413 
# 
loop_
_chem_comp_bond.comp_id 
_chem_comp_bond.atom_id_1 
_chem_comp_bond.atom_id_2 
_chem_comp_bond.value_order 
_chem_comp_bond.pdbx_aromatic_flag 
_chem_comp_bond.pdbx_stereo_config 
_chem_comp_bond.pdbx_ordinal 
ALA N   CA   sing N N 1   
ALA N   H    sing N N 2   
ALA N   H2   sing N N 3   
ALA CA  C    sing N N 4   
ALA CA  CB   sing N N 5   
ALA CA  HA   sing N N 6   
ALA C   O    doub N N 7   
ALA C   OXT  sing N N 8   
ALA CB  HB1  sing N N 9   
ALA CB  HB2  sing N N 10  
ALA CB  HB3  sing N N 11  
ALA OXT HXT  sing N N 12  
ARG N   CA   sing N N 13  
ARG N   H    sing N N 14  
ARG N   H2   sing N N 15  
ARG CA  C    sing N N 16  
ARG CA  CB   sing N N 17  
ARG CA  HA   sing N N 18  
ARG C   O    doub N N 19  
ARG C   OXT  sing N N 20  
ARG CB  CG   sing N N 21  
ARG CB  HB2  sing N N 22  
ARG CB  HB3  sing N N 23  
ARG CG  CD   sing N N 24  
ARG CG  HG2  sing N N 25  
ARG CG  HG3  sing N N 26  
ARG CD  NE   sing N N 27  
ARG CD  HD2  sing N N 28  
ARG CD  HD3  sing N N 29  
ARG NE  CZ   sing N N 30  
ARG NE  HE   sing N N 31  
ARG CZ  NH1  sing N N 32  
ARG CZ  NH2  doub N N 33  
ARG NH1 HH11 sing N N 34  
ARG NH1 HH12 sing N N 35  
ARG NH2 HH21 sing N N 36  
ARG NH2 HH22 sing N N 37  
ARG OXT HXT  sing N N 38  
ASN N   CA   sing N N 39  
ASN N   H    sing N N 40  
ASN N   H2   sing N N 41  
ASN CA  C    sing N N 42  
ASN CA  CB   sing N N 43  
ASN CA  HA   sing N N 44  
ASN C   O    doub N N 45  
ASN C   OXT  sing N N 46  
ASN CB  CG   sing N N 47  
ASN CB  HB2  sing N N 48  
ASN CB  HB3  sing N N 49  
ASN CG  OD1  doub N N 50  
ASN CG  ND2  sing N N 51  
ASN ND2 HD21 sing N N 52  
ASN ND2 HD22 sing N N 53  
ASN OXT HXT  sing N N 54  
ASP N   CA   sing N N 55  
ASP N   H    sing N N 56  
ASP N   H2   sing N N 57  
ASP CA  C    sing N N 58  
ASP CA  CB   sing N N 59  
ASP CA  HA   sing N N 60  
ASP C   O    doub N N 61  
ASP C   OXT  sing N N 62  
ASP CB  CG   sing N N 63  
ASP CB  HB2  sing N N 64  
ASP CB  HB3  sing N N 65  
ASP CG  OD1  doub N N 66  
ASP CG  OD2  sing N N 67  
ASP OD2 HD2  sing N N 68  
ASP OXT HXT  sing N N 69  
BME C1  C2   sing N N 70  
BME C1  O1   sing N N 71  
BME C1  H11  sing N N 72  
BME C1  H12  sing N N 73  
BME C2  S2   sing N N 74  
BME C2  H21  sing N N 75  
BME C2  H22  sing N N 76  
BME O1  HO1  sing N N 77  
BME S2  HS2  sing N N 78  
CYS N   CA   sing N N 79  
CYS N   H    sing N N 80  
CYS N   H2   sing N N 81  
CYS CA  C    sing N N 82  
CYS CA  CB   sing N N 83  
CYS CA  HA   sing N N 84  
CYS C   O    doub N N 85  
CYS C   OXT  sing N N 86  
CYS CB  SG   sing N N 87  
CYS CB  HB2  sing N N 88  
CYS CB  HB3  sing N N 89  
CYS SG  HG   sing N N 90  
CYS OXT HXT  sing N N 91  
GLN N   CA   sing N N 92  
GLN N   H    sing N N 93  
GLN N   H2   sing N N 94  
GLN CA  C    sing N N 95  
GLN CA  CB   sing N N 96  
GLN CA  HA   sing N N 97  
GLN C   O    doub N N 98  
GLN C   OXT  sing N N 99  
GLN CB  CG   sing N N 100 
GLN CB  HB2  sing N N 101 
GLN CB  HB3  sing N N 102 
GLN CG  CD   sing N N 103 
GLN CG  HG2  sing N N 104 
GLN CG  HG3  sing N N 105 
GLN CD  OE1  doub N N 106 
GLN CD  NE2  sing N N 107 
GLN NE2 HE21 sing N N 108 
GLN NE2 HE22 sing N N 109 
GLN OXT HXT  sing N N 110 
GLU N   CA   sing N N 111 
GLU N   H    sing N N 112 
GLU N   H2   sing N N 113 
GLU CA  C    sing N N 114 
GLU CA  CB   sing N N 115 
GLU CA  HA   sing N N 116 
GLU C   O    doub N N 117 
GLU C   OXT  sing N N 118 
GLU CB  CG   sing N N 119 
GLU CB  HB2  sing N N 120 
GLU CB  HB3  sing N N 121 
GLU CG  CD   sing N N 122 
GLU CG  HG2  sing N N 123 
GLU CG  HG3  sing N N 124 
GLU CD  OE1  doub N N 125 
GLU CD  OE2  sing N N 126 
GLU OE2 HE2  sing N N 127 
GLU OXT HXT  sing N N 128 
GLY N   CA   sing N N 129 
GLY N   H    sing N N 130 
GLY N   H2   sing N N 131 
GLY CA  C    sing N N 132 
GLY CA  HA2  sing N N 133 
GLY CA  HA3  sing N N 134 
GLY C   O    doub N N 135 
GLY C   OXT  sing N N 136 
GLY OXT HXT  sing N N 137 
HIS N   CA   sing N N 138 
HIS N   H    sing N N 139 
HIS N   H2   sing N N 140 
HIS CA  C    sing N N 141 
HIS CA  CB   sing N N 142 
HIS CA  HA   sing N N 143 
HIS C   O    doub N N 144 
HIS C   OXT  sing N N 145 
HIS CB  CG   sing N N 146 
HIS CB  HB2  sing N N 147 
HIS CB  HB3  sing N N 148 
HIS CG  ND1  sing Y N 149 
HIS CG  CD2  doub Y N 150 
HIS ND1 CE1  doub Y N 151 
HIS ND1 HD1  sing N N 152 
HIS CD2 NE2  sing Y N 153 
HIS CD2 HD2  sing N N 154 
HIS CE1 NE2  sing Y N 155 
HIS CE1 HE1  sing N N 156 
HIS NE2 HE2  sing N N 157 
HIS OXT HXT  sing N N 158 
HOH O   H1   sing N N 159 
HOH O   H2   sing N N 160 
ILE N   CA   sing N N 161 
ILE N   H    sing N N 162 
ILE N   H2   sing N N 163 
ILE CA  C    sing N N 164 
ILE CA  CB   sing N N 165 
ILE CA  HA   sing N N 166 
ILE C   O    doub N N 167 
ILE C   OXT  sing N N 168 
ILE CB  CG1  sing N N 169 
ILE CB  CG2  sing N N 170 
ILE CB  HB   sing N N 171 
ILE CG1 CD1  sing N N 172 
ILE CG1 HG12 sing N N 173 
ILE CG1 HG13 sing N N 174 
ILE CG2 HG21 sing N N 175 
ILE CG2 HG22 sing N N 176 
ILE CG2 HG23 sing N N 177 
ILE CD1 HD11 sing N N 178 
ILE CD1 HD12 sing N N 179 
ILE CD1 HD13 sing N N 180 
ILE OXT HXT  sing N N 181 
LEU N   CA   sing N N 182 
LEU N   H    sing N N 183 
LEU N   H2   sing N N 184 
LEU CA  C    sing N N 185 
LEU CA  CB   sing N N 186 
LEU CA  HA   sing N N 187 
LEU C   O    doub N N 188 
LEU C   OXT  sing N N 189 
LEU CB  CG   sing N N 190 
LEU CB  HB2  sing N N 191 
LEU CB  HB3  sing N N 192 
LEU CG  CD1  sing N N 193 
LEU CG  CD2  sing N N 194 
LEU CG  HG   sing N N 195 
LEU CD1 HD11 sing N N 196 
LEU CD1 HD12 sing N N 197 
LEU CD1 HD13 sing N N 198 
LEU CD2 HD21 sing N N 199 
LEU CD2 HD22 sing N N 200 
LEU CD2 HD23 sing N N 201 
LEU OXT HXT  sing N N 202 
LYS N   CA   sing N N 203 
LYS N   H    sing N N 204 
LYS N   H2   sing N N 205 
LYS CA  C    sing N N 206 
LYS CA  CB   sing N N 207 
LYS CA  HA   sing N N 208 
LYS C   O    doub N N 209 
LYS C   OXT  sing N N 210 
LYS CB  CG   sing N N 211 
LYS CB  HB2  sing N N 212 
LYS CB  HB3  sing N N 213 
LYS CG  CD   sing N N 214 
LYS CG  HG2  sing N N 215 
LYS CG  HG3  sing N N 216 
LYS CD  CE   sing N N 217 
LYS CD  HD2  sing N N 218 
LYS CD  HD3  sing N N 219 
LYS CE  NZ   sing N N 220 
LYS CE  HE2  sing N N 221 
LYS CE  HE3  sing N N 222 
LYS NZ  HZ1  sing N N 223 
LYS NZ  HZ2  sing N N 224 
LYS NZ  HZ3  sing N N 225 
LYS OXT HXT  sing N N 226 
MET N   CA   sing N N 227 
MET N   H    sing N N 228 
MET N   H2   sing N N 229 
MET CA  C    sing N N 230 
MET CA  CB   sing N N 231 
MET CA  HA   sing N N 232 
MET C   O    doub N N 233 
MET C   OXT  sing N N 234 
MET CB  CG   sing N N 235 
MET CB  HB2  sing N N 236 
MET CB  HB3  sing N N 237 
MET CG  SD   sing N N 238 
MET CG  HG2  sing N N 239 
MET CG  HG3  sing N N 240 
MET SD  CE   sing N N 241 
MET CE  HE1  sing N N 242 
MET CE  HE2  sing N N 243 
MET CE  HE3  sing N N 244 
MET OXT HXT  sing N N 245 
MGX CD  NE   sing N N 246 
MGX CD  HD1  sing N N 247 
MGX CD  HD2  sing N N 248 
MGX CD  HD3  sing N N 249 
MGX NE  CZ   sing N N 250 
MGX NE  HNE  sing N N 251 
MGX CZ  NH1  sing N N 252 
MGX CZ  NH2  doub N N 253 
MGX NH1 HH11 sing N N 254 
MGX NH1 HH12 sing N N 255 
MGX NH2 HNH2 sing N N 256 
PHE N   CA   sing N N 257 
PHE N   H    sing N N 258 
PHE N   H2   sing N N 259 
PHE CA  C    sing N N 260 
PHE CA  CB   sing N N 261 
PHE CA  HA   sing N N 262 
PHE C   O    doub N N 263 
PHE C   OXT  sing N N 264 
PHE CB  CG   sing N N 265 
PHE CB  HB2  sing N N 266 
PHE CB  HB3  sing N N 267 
PHE CG  CD1  doub Y N 268 
PHE CG  CD2  sing Y N 269 
PHE CD1 CE1  sing Y N 270 
PHE CD1 HD1  sing N N 271 
PHE CD2 CE2  doub Y N 272 
PHE CD2 HD2  sing N N 273 
PHE CE1 CZ   doub Y N 274 
PHE CE1 HE1  sing N N 275 
PHE CE2 CZ   sing Y N 276 
PHE CE2 HE2  sing N N 277 
PHE CZ  HZ   sing N N 278 
PHE OXT HXT  sing N N 279 
PRO N   CA   sing N N 280 
PRO N   CD   sing N N 281 
PRO N   H    sing N N 282 
PRO CA  C    sing N N 283 
PRO CA  CB   sing N N 284 
PRO CA  HA   sing N N 285 
PRO C   O    doub N N 286 
PRO C   OXT  sing N N 287 
PRO CB  CG   sing N N 288 
PRO CB  HB2  sing N N 289 
PRO CB  HB3  sing N N 290 
PRO CG  CD   sing N N 291 
PRO CG  HG2  sing N N 292 
PRO CG  HG3  sing N N 293 
PRO CD  HD2  sing N N 294 
PRO CD  HD3  sing N N 295 
PRO OXT HXT  sing N N 296 
SER N   CA   sing N N 297 
SER N   H    sing N N 298 
SER N   H2   sing N N 299 
SER CA  C    sing N N 300 
SER CA  CB   sing N N 301 
SER CA  HA   sing N N 302 
SER C   O    doub N N 303 
SER C   OXT  sing N N 304 
SER CB  OG   sing N N 305 
SER CB  HB2  sing N N 306 
SER CB  HB3  sing N N 307 
SER OG  HG   sing N N 308 
SER OXT HXT  sing N N 309 
THR N   CA   sing N N 310 
THR N   H    sing N N 311 
THR N   H2   sing N N 312 
THR CA  C    sing N N 313 
THR CA  CB   sing N N 314 
THR CA  HA   sing N N 315 
THR C   O    doub N N 316 
THR C   OXT  sing N N 317 
THR CB  OG1  sing N N 318 
THR CB  CG2  sing N N 319 
THR CB  HB   sing N N 320 
THR OG1 HG1  sing N N 321 
THR CG2 HG21 sing N N 322 
THR CG2 HG22 sing N N 323 
THR CG2 HG23 sing N N 324 
THR OXT HXT  sing N N 325 
TRP N   CA   sing N N 326 
TRP N   H    sing N N 327 
TRP N   H2   sing N N 328 
TRP CA  C    sing N N 329 
TRP CA  CB   sing N N 330 
TRP CA  HA   sing N N 331 
TRP C   O    doub N N 332 
TRP C   OXT  sing N N 333 
TRP CB  CG   sing N N 334 
TRP CB  HB2  sing N N 335 
TRP CB  HB3  sing N N 336 
TRP CG  CD1  doub Y N 337 
TRP CG  CD2  sing Y N 338 
TRP CD1 NE1  sing Y N 339 
TRP CD1 HD1  sing N N 340 
TRP CD2 CE2  doub Y N 341 
TRP CD2 CE3  sing Y N 342 
TRP NE1 CE2  sing Y N 343 
TRP NE1 HE1  sing N N 344 
TRP CE2 CZ2  sing Y N 345 
TRP CE3 CZ3  doub Y N 346 
TRP CE3 HE3  sing N N 347 
TRP CZ2 CH2  doub Y N 348 
TRP CZ2 HZ2  sing N N 349 
TRP CZ3 CH2  sing Y N 350 
TRP CZ3 HZ3  sing N N 351 
TRP CH2 HH2  sing N N 352 
TRP OXT HXT  sing N N 353 
TYR N   CA   sing N N 354 
TYR N   H    sing N N 355 
TYR N   H2   sing N N 356 
TYR CA  C    sing N N 357 
TYR CA  CB   sing N N 358 
TYR CA  HA   sing N N 359 
TYR C   O    doub N N 360 
TYR C   OXT  sing N N 361 
TYR CB  CG   sing N N 362 
TYR CB  HB2  sing N N 363 
TYR CB  HB3  sing N N 364 
TYR CG  CD1  doub Y N 365 
TYR CG  CD2  sing Y N 366 
TYR CD1 CE1  sing Y N 367 
TYR CD1 HD1  sing N N 368 
TYR CD2 CE2  doub Y N 369 
TYR CD2 HD2  sing N N 370 
TYR CE1 CZ   doub Y N 371 
TYR CE1 HE1  sing N N 372 
TYR CE2 CZ   sing Y N 373 
TYR CE2 HE2  sing N N 374 
TYR CZ  OH   sing N N 375 
TYR OH  HH   sing N N 376 
TYR OXT HXT  sing N N 377 
VAL N   CA   sing N N 378 
VAL N   H    sing N N 379 
VAL N   H2   sing N N 380 
VAL CA  C    sing N N 381 
VAL CA  CB   sing N N 382 
VAL CA  HA   sing N N 383 
VAL C   O    doub N N 384 
VAL C   OXT  sing N N 385 
VAL CB  CG1  sing N N 386 
VAL CB  CG2  sing N N 387 
VAL CB  HB   sing N N 388 
VAL CG1 HG11 sing N N 389 
VAL CG1 HG12 sing N N 390 
VAL CG1 HG13 sing N N 391 
VAL CG2 HG21 sing N N 392 
VAL CG2 HG22 sing N N 393 
VAL CG2 HG23 sing N N 394 
VAL OXT HXT  sing N N 395 
# 
loop_
_pdbx_entity_nonpoly.entity_id 
_pdbx_entity_nonpoly.name 
_pdbx_entity_nonpoly.comp_id 
2 'CHLORIDE ION'       CL  
3 1-METHYLGUANIDINE    MGX 
4 BETA-MERCAPTOETHANOL BME 
5 water                HOH 
# 
_pdbx_initial_refinement_model.id               1 
_pdbx_initial_refinement_model.entity_id_list   ? 
_pdbx_initial_refinement_model.type             'experimental model' 
_pdbx_initial_refinement_model.source_name      PDB 
_pdbx_initial_refinement_model.accession_code   1T8A 
_pdbx_initial_refinement_model.details          ? 
# 
